data_9DBX
#
_entry.id   9DBX
#
_cell.length_a   1.00
_cell.length_b   1.00
_cell.length_c   1.00
_cell.angle_alpha   90.00
_cell.angle_beta   90.00
_cell.angle_gamma   90.00
#
_symmetry.space_group_name_H-M   'P 1'
#
loop_
_entity.id
_entity.type
_entity.pdbx_description
1 polymer 'Hemagglutinin HA1 chain'
2 polymer 'Hemagglutinin HA2 chain'
3 polymer 'Heavy chain of influenza virus hemagglutinin antibody AG11-2F01'
4 polymer 'Light chain of influenza virus hemagglutinin antibody AG11-2F01'
5 non-polymer 2-acetamido-2-deoxy-beta-D-glucopyranose
#
loop_
_entity_poly.entity_id
_entity_poly.type
_entity_poly.pdbx_seq_one_letter_code
_entity_poly.pdbx_strand_id
1 'polypeptide(L)'
;DTICIGYHANNSTDTVDTVLEKNVTVTHSVNLLEDSHNGKLCRLGIAPLQLGNCSVAGWILGNPECELLISRESWSYIVE
KPNPENGTCYPGHFADYEELREQLSSVSSFERFEIFPKESSWPNHTTTGVSASCSHNGESSFYKNLLWLTGKNGLYPNLS
KSYANNKEKEVLVLWGVHHPPNIGDQRALYHKENAYVSVVSSHYSRKFTPEIAKRPKVRDQEGRINYYWTLLEPGDTIIF
EANGNLIAPRYAFALSRGFGSGIINSNAPMDECDAKCQTPQGAINSSLPFQNVHPVTIGECPKYVRSAKLRMVTGLRNIP
S
;
A,C,E
2 'polypeptide(L)'
;IAGFIEGGWTGMVDGWYGYHHQNEQGSGYAADQKSTQNAINGITNKVNSVIEKMNTQFTAVGKEFNKLERRMENLNKKVD
DGFIDIWTYNAELLVLLENERTLDFHDSNVKNLYEKVKSQLKNNAKEIGNGCFEFYHKCNDECMESVKNGTYDYPKYSEE
SKLNREKI
;
B,D,F
3 'polypeptide(L)'
;QVQLQESGPGLVKPSETLSLTCAVSGNSISSEYYWAWIRQPPGMPPEWVGTIYHTGNTYYNPSLKSRTTISMDTSKNQFS
LRLRSVTAADSAVYYCARAGVTIFGLTLPNYFHHWGQGTLVTVSS
;
H,W,Y
4 'polypeptide(L)'
;IQMTQSPSTLSASVGDRVTITCRASQSISNWMAWYQQKPGKAPKLLIYKASTLESGVPSRFSGGGSGPEFTLTISSLQPD
DSATYYCQQYNSYMYTFGQGTKVEI
;
L,X,Z
#
# COMPACT_ATOMS: atom_id res chain seq x y z
N ASP A 1 -16.48 6.11 -51.17
CA ASP A 1 -15.81 5.07 -50.43
C ASP A 1 -15.29 5.60 -49.09
N THR A 2 -15.67 4.93 -48.02
CA THR A 2 -15.26 5.32 -46.67
C THR A 2 -14.64 4.12 -45.95
N ILE A 3 -13.76 4.42 -45.01
CA ILE A 3 -13.22 3.42 -44.09
C ILE A 3 -13.31 4.01 -42.69
N CYS A 4 -13.95 3.28 -41.78
CA CYS A 4 -14.22 3.82 -40.45
C CYS A 4 -13.47 3.06 -39.37
N ILE A 5 -12.98 3.81 -38.39
CA ILE A 5 -12.29 3.28 -37.23
C ILE A 5 -13.31 3.10 -36.11
N GLY A 6 -13.29 1.93 -35.48
CA GLY A 6 -14.23 1.65 -34.41
C GLY A 6 -13.62 0.70 -33.42
N TYR A 7 -14.48 0.13 -32.58
CA TYR A 7 -14.01 -0.77 -31.53
C TYR A 7 -15.09 -1.81 -31.23
N HIS A 8 -14.73 -2.75 -30.37
CA HIS A 8 -15.54 -3.94 -30.13
C HIS A 8 -16.66 -3.69 -29.13
N ALA A 9 -17.83 -4.25 -29.42
CA ALA A 9 -18.94 -4.27 -28.50
C ALA A 9 -19.63 -5.62 -28.58
N ASN A 10 -20.16 -6.08 -27.44
CA ASN A 10 -20.79 -7.39 -27.38
C ASN A 10 -22.09 -7.26 -26.58
N ASN A 11 -22.66 -8.40 -26.21
CA ASN A 11 -23.95 -8.45 -25.52
C ASN A 11 -23.82 -8.62 -24.01
N SER A 12 -22.61 -8.52 -23.47
CA SER A 12 -22.43 -8.67 -22.03
C SER A 12 -22.93 -7.43 -21.30
N THR A 13 -23.25 -7.62 -20.02
CA THR A 13 -23.73 -6.54 -19.16
C THR A 13 -22.95 -6.53 -17.86
N ASP A 14 -21.67 -6.85 -17.92
CA ASP A 14 -20.81 -6.81 -16.74
C ASP A 14 -20.47 -5.36 -16.38
N THR A 15 -20.43 -5.08 -15.08
CA THR A 15 -20.20 -3.74 -14.59
C THR A 15 -18.95 -3.70 -13.72
N VAL A 16 -18.24 -2.58 -13.81
CA VAL A 16 -17.00 -2.37 -13.07
C VAL A 16 -16.99 -0.94 -12.55
N ASP A 17 -16.23 -0.71 -11.48
CA ASP A 17 -16.14 0.61 -10.84
C ASP A 17 -14.74 1.17 -11.03
N THR A 18 -14.66 2.33 -11.66
CA THR A 18 -13.41 3.07 -11.77
C THR A 18 -13.36 4.14 -10.68
N VAL A 19 -12.36 5.03 -10.74
CA VAL A 19 -12.22 6.06 -9.73
C VAL A 19 -12.95 7.35 -10.10
N LEU A 20 -13.25 7.56 -11.38
CA LEU A 20 -14.00 8.73 -11.82
C LEU A 20 -15.46 8.42 -12.12
N GLU A 21 -15.86 7.16 -12.03
CA GLU A 21 -17.23 6.77 -12.36
C GLU A 21 -17.55 5.46 -11.68
N LYS A 22 -18.85 5.17 -11.58
CA LYS A 22 -19.34 3.92 -11.02
C LYS A 22 -20.29 3.26 -12.01
N ASN A 23 -20.37 1.93 -11.93
CA ASN A 23 -21.32 1.15 -12.71
C ASN A 23 -21.08 1.34 -14.22
N VAL A 24 -19.88 0.98 -14.66
CA VAL A 24 -19.49 1.08 -16.06
C VAL A 24 -19.65 -0.28 -16.73
N THR A 25 -20.32 -0.31 -17.88
CA THR A 25 -20.53 -1.54 -18.62
C THR A 25 -19.30 -1.85 -19.45
N VAL A 26 -18.80 -3.08 -19.32
CA VAL A 26 -17.53 -3.46 -19.92
C VAL A 26 -17.71 -4.70 -20.80
N THR A 27 -16.78 -4.89 -21.73
CA THR A 27 -16.82 -6.05 -22.61
C THR A 27 -16.39 -7.32 -21.89
N HIS A 28 -15.46 -7.21 -20.94
CA HIS A 28 -15.00 -8.37 -20.17
C HIS A 28 -14.47 -7.88 -18.82
N SER A 29 -14.38 -8.81 -17.88
CA SER A 29 -13.92 -8.48 -16.54
C SER A 29 -13.39 -9.75 -15.88
N VAL A 30 -12.42 -9.58 -14.99
CA VAL A 30 -11.79 -10.69 -14.29
C VAL A 30 -11.98 -10.48 -12.78
N ASN A 31 -12.43 -11.52 -12.10
CA ASN A 31 -12.61 -11.46 -10.66
C ASN A 31 -11.28 -11.71 -9.96
N LEU A 32 -10.82 -10.75 -9.18
CA LEU A 32 -9.62 -10.90 -8.36
C LEU A 32 -9.93 -11.42 -6.96
N LEU A 33 -11.20 -11.65 -6.65
CA LEU A 33 -11.63 -12.08 -5.34
C LEU A 33 -12.23 -13.48 -5.43
N GLU A 34 -11.74 -14.39 -4.60
CA GLU A 34 -12.26 -15.75 -4.54
C GLU A 34 -13.26 -15.84 -3.40
N ASP A 35 -14.50 -16.18 -3.73
CA ASP A 35 -15.59 -16.16 -2.76
C ASP A 35 -16.29 -17.50 -2.62
N SER A 36 -15.63 -18.60 -2.97
CA SER A 36 -16.25 -19.91 -2.92
C SER A 36 -15.25 -20.95 -2.46
N HIS A 37 -15.77 -22.03 -1.88
CA HIS A 37 -14.98 -23.16 -1.42
C HIS A 37 -15.67 -24.44 -1.86
N ASN A 38 -14.90 -25.54 -1.86
CA ASN A 38 -15.44 -26.87 -2.24
C ASN A 38 -16.39 -27.38 -1.16
N GLY A 39 -16.00 -27.25 0.11
CA GLY A 39 -16.86 -27.68 1.22
C GLY A 39 -16.30 -28.93 1.89
N LYS A 40 -15.07 -29.32 1.54
CA LYS A 40 -14.48 -30.55 2.09
C LYS A 40 -13.09 -30.25 2.66
N LEU A 41 -12.69 -30.95 3.73
CA LEU A 41 -11.33 -30.77 4.29
C LEU A 41 -10.33 -31.48 3.37
N CYS A 42 -9.61 -30.73 2.54
CA CYS A 42 -8.65 -31.34 1.59
C CYS A 42 -7.32 -31.65 2.31
N ARG A 43 -6.23 -31.78 1.54
CA ARG A 43 -4.93 -32.16 2.15
C ARG A 43 -3.89 -31.06 1.90
N LEU A 44 -3.12 -30.69 2.94
CA LEU A 44 -2.05 -29.67 2.79
C LEU A 44 -0.71 -30.41 2.76
N GLY A 45 -0.30 -30.92 1.59
CA GLY A 45 0.93 -31.75 1.50
C GLY A 45 0.68 -33.11 2.10
N ILE A 46 0.27 -33.18 3.37
CA ILE A 46 -0.06 -34.47 4.03
C ILE A 46 -1.57 -34.45 4.35
N ALA A 47 -2.01 -35.27 5.30
CA ALA A 47 -3.46 -35.36 5.63
C ALA A 47 -3.72 -34.84 7.04
N PRO A 48 -4.81 -34.07 7.25
CA PRO A 48 -5.14 -33.54 8.56
C PRO A 48 -5.43 -34.60 9.59
N LEU A 49 -5.05 -34.36 10.84
CA LEU A 49 -5.44 -35.32 11.92
C LEU A 49 -6.95 -35.18 12.09
N GLN A 50 -7.67 -36.30 12.07
CA GLN A 50 -9.12 -36.30 12.13
C GLN A 50 -9.53 -36.88 13.48
N LEU A 51 -9.97 -36.02 14.40
CA LEU A 51 -10.24 -36.44 15.77
C LEU A 51 -11.68 -36.86 16.00
N GLY A 52 -12.59 -36.56 15.09
CA GLY A 52 -13.96 -36.99 15.24
C GLY A 52 -14.66 -36.38 16.45
N ASN A 53 -15.13 -37.24 17.35
CA ASN A 53 -15.84 -36.79 18.54
C ASN A 53 -14.92 -36.37 19.67
N CYS A 54 -13.61 -36.48 19.49
CA CYS A 54 -12.66 -36.22 20.56
C CYS A 54 -12.00 -34.85 20.37
N SER A 55 -11.33 -34.40 21.42
CA SER A 55 -10.52 -33.19 21.41
C SER A 55 -9.06 -33.55 21.54
N VAL A 56 -8.20 -32.53 21.50
CA VAL A 56 -6.77 -32.75 21.66
C VAL A 56 -6.47 -33.31 23.05
N ALA A 57 -7.15 -32.79 24.08
CA ALA A 57 -6.94 -33.28 25.44
C ALA A 57 -7.32 -34.75 25.55
N GLY A 58 -8.45 -35.15 24.97
CA GLY A 58 -8.87 -36.53 25.03
C GLY A 58 -8.04 -37.45 24.16
N TRP A 59 -7.58 -36.97 23.01
CA TRP A 59 -6.76 -37.79 22.14
C TRP A 59 -5.37 -38.04 22.74
N ILE A 60 -4.71 -36.98 23.21
CA ILE A 60 -3.34 -37.13 23.69
C ILE A 60 -3.32 -37.86 25.02
N LEU A 61 -4.36 -37.70 25.84
CA LEU A 61 -4.43 -38.43 27.10
C LEU A 61 -4.88 -39.87 26.92
N GLY A 62 -5.37 -40.24 25.74
CA GLY A 62 -5.86 -41.59 25.53
C GLY A 62 -7.24 -41.82 26.10
N ASN A 63 -8.23 -41.12 25.56
CA ASN A 63 -9.60 -41.31 26.00
C ASN A 63 -10.02 -42.77 25.76
N PRO A 64 -10.67 -43.42 26.73
CA PRO A 64 -11.04 -44.83 26.52
C PRO A 64 -11.96 -45.04 25.33
N GLU A 65 -12.85 -44.09 25.06
CA GLU A 65 -13.78 -44.14 23.93
C GLU A 65 -13.24 -43.38 22.72
N CYS A 66 -11.91 -43.36 22.57
CA CYS A 66 -11.27 -42.71 21.44
C CYS A 66 -10.11 -43.53 20.89
N GLU A 67 -10.08 -44.84 21.17
CA GLU A 67 -8.92 -45.68 20.86
C GLU A 67 -8.80 -46.02 19.38
N LEU A 68 -9.79 -45.69 18.56
CA LEU A 68 -9.74 -46.08 17.15
C LEU A 68 -8.69 -45.30 16.39
N LEU A 69 -8.56 -44.00 16.66
CA LEU A 69 -7.77 -43.08 15.84
C LEU A 69 -6.39 -42.81 16.40
N ILE A 70 -5.78 -43.79 17.07
CA ILE A 70 -4.46 -43.62 17.67
C ILE A 70 -3.38 -44.29 16.82
N SER A 71 -3.63 -44.48 15.52
CA SER A 71 -2.66 -45.09 14.62
C SER A 71 -2.06 -44.11 13.63
N ARG A 72 -2.61 -42.89 13.53
CA ARG A 72 -2.16 -41.94 12.53
C ARG A 72 -0.74 -41.47 12.80
N GLU A 73 0.07 -41.41 11.75
CA GLU A 73 1.43 -40.90 11.82
C GLU A 73 1.38 -39.41 11.46
N SER A 74 2.52 -38.79 11.16
CA SER A 74 2.65 -37.36 10.90
C SER A 74 1.54 -36.80 10.02
N TRP A 75 1.12 -35.56 10.30
CA TRP A 75 -0.02 -34.94 9.64
C TRP A 75 0.36 -33.50 9.26
N SER A 76 -0.64 -32.74 8.85
CA SER A 76 -0.45 -31.35 8.45
C SER A 76 -1.18 -30.36 9.34
N TYR A 77 -2.40 -30.68 9.78
CA TYR A 77 -3.11 -29.89 10.77
C TYR A 77 -4.09 -30.80 11.48
N ILE A 78 -4.82 -30.24 12.44
CA ILE A 78 -5.78 -30.97 13.26
C ILE A 78 -7.18 -30.49 12.92
N VAL A 79 -8.12 -31.43 12.83
CA VAL A 79 -9.53 -31.13 12.64
C VAL A 79 -10.29 -31.59 13.87
N GLU A 80 -11.07 -30.69 14.46
CA GLU A 80 -11.76 -30.96 15.71
C GLU A 80 -13.22 -30.58 15.60
N LYS A 81 -14.06 -31.26 16.37
CA LYS A 81 -15.46 -30.89 16.44
C LYS A 81 -15.60 -29.56 17.16
N PRO A 82 -16.54 -28.70 16.73
CA PRO A 82 -16.71 -27.40 17.41
C PRO A 82 -16.91 -27.50 18.91
N ASN A 83 -17.65 -28.51 19.37
CA ASN A 83 -17.82 -28.79 20.80
C ASN A 83 -17.61 -30.29 21.01
N PRO A 84 -16.36 -30.73 21.16
CA PRO A 84 -16.09 -32.16 21.30
C PRO A 84 -16.73 -32.73 22.55
N GLU A 85 -17.56 -33.76 22.36
CA GLU A 85 -18.30 -34.34 23.48
C GLU A 85 -17.40 -35.17 24.39
N ASN A 86 -16.31 -35.70 23.86
CA ASN A 86 -15.44 -36.61 24.60
C ASN A 86 -14.05 -35.97 24.70
N GLY A 87 -13.80 -35.28 25.81
CA GLY A 87 -12.50 -34.68 26.04
C GLY A 87 -11.78 -35.33 27.20
N THR A 88 -11.73 -34.63 28.33
CA THR A 88 -11.20 -35.21 29.57
C THR A 88 -12.36 -35.87 30.30
N CYS A 89 -12.38 -37.20 30.27
CA CYS A 89 -13.46 -37.93 30.93
C CYS A 89 -13.47 -37.66 32.43
N TYR A 90 -12.29 -37.61 33.05
CA TYR A 90 -12.19 -37.19 34.43
C TYR A 90 -12.05 -35.67 34.50
N PRO A 91 -12.92 -34.97 35.22
CA PRO A 91 -12.86 -33.50 35.24
C PRO A 91 -11.54 -33.00 35.80
N GLY A 92 -11.06 -31.89 35.25
CA GLY A 92 -9.82 -31.32 35.70
C GLY A 92 -9.36 -30.22 34.77
N HIS A 93 -8.24 -29.61 35.14
CA HIS A 93 -7.66 -28.49 34.42
C HIS A 93 -6.41 -28.95 33.68
N PHE A 94 -6.34 -28.63 32.39
CA PHE A 94 -5.19 -28.98 31.55
C PHE A 94 -4.26 -27.77 31.51
N ALA A 95 -3.09 -27.91 32.14
CA ALA A 95 -2.16 -26.79 32.24
C ALA A 95 -1.47 -26.54 30.91
N ASP A 96 -1.43 -25.27 30.50
CA ASP A 96 -0.83 -24.86 29.23
C ASP A 96 -1.44 -25.62 28.05
N TYR A 97 -2.77 -25.72 28.06
CA TYR A 97 -3.46 -26.52 27.05
C TYR A 97 -3.45 -25.84 25.68
N GLU A 98 -3.65 -24.53 25.65
CA GLU A 98 -3.57 -23.80 24.39
C GLU A 98 -2.16 -23.77 23.83
N GLU A 99 -1.14 -23.94 24.67
CA GLU A 99 0.22 -24.07 24.18
C GLU A 99 0.48 -25.45 23.59
N LEU A 100 -0.06 -26.49 24.23
CA LEU A 100 0.07 -27.85 23.69
C LEU A 100 -0.63 -27.96 22.35
N ARG A 101 -1.79 -27.32 22.20
CA ARG A 101 -2.47 -27.35 20.90
C ARG A 101 -1.61 -26.71 19.81
N GLU A 102 -0.83 -25.70 20.16
CA GLU A 102 0.05 -25.06 19.18
C GLU A 102 1.26 -25.94 18.89
N GLN A 103 1.78 -26.63 19.90
CA GLN A 103 2.91 -27.53 19.69
C GLN A 103 2.54 -28.68 18.77
N LEU A 104 1.35 -29.25 18.94
CA LEU A 104 0.93 -30.47 18.26
C LEU A 104 0.17 -30.20 16.97
N SER A 105 0.04 -28.95 16.55
CA SER A 105 -0.77 -28.64 15.38
C SER A 105 -0.19 -29.23 14.10
N SER A 106 1.11 -29.51 14.06
CA SER A 106 1.73 -30.09 12.88
C SER A 106 3.04 -30.73 13.29
N VAL A 107 3.16 -32.05 13.10
CA VAL A 107 4.37 -32.78 13.43
C VAL A 107 4.91 -33.42 12.17
N SER A 108 6.21 -33.75 12.19
CA SER A 108 6.88 -34.37 11.07
C SER A 108 7.09 -35.86 11.24
N SER A 109 7.17 -36.35 12.46
CA SER A 109 7.23 -37.78 12.73
C SER A 109 6.74 -37.99 14.17
N PHE A 110 5.75 -38.85 14.34
CA PHE A 110 5.10 -39.07 15.63
C PHE A 110 5.17 -40.55 15.97
N GLU A 111 5.64 -40.85 17.18
CA GLU A 111 5.80 -42.24 17.62
C GLU A 111 5.31 -42.35 19.06
N ARG A 112 4.25 -43.12 19.26
CA ARG A 112 3.69 -43.37 20.58
C ARG A 112 4.39 -44.59 21.17
N PHE A 113 5.25 -44.36 22.17
CA PHE A 113 6.06 -45.46 22.71
C PHE A 113 5.89 -45.57 24.22
N GLU A 114 6.38 -46.67 24.76
CA GLU A 114 6.33 -46.93 26.20
C GLU A 114 7.48 -46.24 26.90
N ILE A 115 7.14 -45.33 27.81
CA ILE A 115 8.14 -44.70 28.67
C ILE A 115 8.24 -45.42 30.01
N PHE A 116 7.14 -46.04 30.46
CA PHE A 116 7.12 -46.81 31.70
C PHE A 116 6.20 -48.00 31.50
N PRO A 117 6.73 -49.15 31.09
CA PRO A 117 5.90 -50.34 30.95
C PRO A 117 5.34 -50.77 32.29
N LYS A 118 4.00 -50.90 32.34
CA LYS A 118 3.26 -51.23 33.59
C LYS A 118 3.74 -52.54 34.23
N GLU A 119 4.23 -53.46 33.41
CA GLU A 119 4.62 -54.81 33.89
C GLU A 119 5.78 -54.68 34.87
N SER A 120 6.89 -54.11 34.40
CA SER A 120 8.15 -54.02 35.19
C SER A 120 8.03 -52.90 36.23
N SER A 121 7.62 -51.70 35.79
CA SER A 121 8.03 -50.42 36.42
C SER A 121 7.55 -50.32 37.88
N TRP A 122 6.27 -50.57 38.13
CA TRP A 122 5.73 -50.35 39.49
C TRP A 122 5.43 -51.69 40.15
N PRO A 123 6.28 -52.15 41.09
CA PRO A 123 6.08 -53.42 41.77
C PRO A 123 5.33 -53.34 43.09
N ASN A 124 5.32 -52.17 43.73
CA ASN A 124 4.68 -51.96 45.03
C ASN A 124 3.42 -51.11 44.93
N HIS A 125 2.82 -51.01 43.75
CA HIS A 125 1.59 -50.25 43.58
C HIS A 125 0.61 -51.06 42.74
N THR A 126 -0.69 -50.91 43.05
CA THR A 126 -1.71 -51.73 42.40
C THR A 126 -1.78 -51.45 40.90
N THR A 127 -1.70 -50.17 40.51
CA THR A 127 -1.90 -49.68 39.14
C THR A 127 -3.01 -50.40 38.39
N THR A 128 -4.14 -50.66 39.07
CA THR A 128 -5.35 -51.15 38.42
C THR A 128 -6.54 -50.21 38.63
N GLY A 129 -6.30 -49.01 39.13
CA GLY A 129 -7.36 -48.06 39.39
C GLY A 129 -8.16 -47.71 38.16
N VAL A 130 -9.50 -47.74 38.29
CA VAL A 130 -10.40 -47.43 37.20
C VAL A 130 -11.39 -46.38 37.67
N SER A 131 -11.98 -45.67 36.71
CA SER A 131 -12.93 -44.60 36.99
C SER A 131 -14.25 -44.90 36.29
N ALA A 132 -15.34 -44.50 36.93
CA ALA A 132 -16.67 -44.67 36.35
C ALA A 132 -16.94 -43.66 35.24
N SER A 133 -16.46 -42.42 35.41
CA SER A 133 -16.67 -41.40 34.38
C SER A 133 -16.03 -41.80 33.07
N CYS A 134 -14.81 -42.33 33.11
CA CYS A 134 -14.15 -42.88 31.93
C CYS A 134 -14.69 -44.31 31.78
N SER A 135 -15.77 -44.46 31.04
CA SER A 135 -16.48 -45.72 30.89
C SER A 135 -16.37 -46.21 29.46
N HIS A 136 -16.01 -47.48 29.30
CA HIS A 136 -15.92 -48.11 27.99
C HIS A 136 -16.79 -49.36 28.00
N ASN A 137 -17.78 -49.41 27.10
CA ASN A 137 -18.69 -50.55 26.98
C ASN A 137 -19.38 -50.90 28.30
N GLY A 138 -19.72 -49.88 29.08
CA GLY A 138 -20.41 -50.08 30.34
C GLY A 138 -19.53 -50.45 31.51
N GLU A 139 -18.25 -50.73 31.28
CA GLU A 139 -17.32 -51.05 32.35
C GLU A 139 -16.46 -49.84 32.69
N SER A 140 -16.11 -49.72 33.96
CA SER A 140 -15.24 -48.62 34.40
C SER A 140 -13.88 -48.74 33.72
N SER A 141 -13.29 -47.59 33.41
CA SER A 141 -12.03 -47.57 32.69
C SER A 141 -11.28 -46.28 33.02
N PHE A 142 -10.13 -46.10 32.38
CA PHE A 142 -9.30 -44.93 32.60
C PHE A 142 -8.54 -44.65 31.31
N TYR A 143 -7.75 -43.57 31.32
CA TYR A 143 -6.95 -43.22 30.16
C TYR A 143 -5.95 -44.33 29.85
N LYS A 144 -5.60 -44.43 28.57
CA LYS A 144 -4.68 -45.46 28.12
C LYS A 144 -3.22 -45.00 28.15
N ASN A 145 -2.98 -43.69 28.03
CA ASN A 145 -1.62 -43.16 28.07
C ASN A 145 -1.16 -42.79 29.47
N LEU A 146 -2.06 -42.84 30.46
CA LEU A 146 -1.72 -42.60 31.85
C LEU A 146 -2.21 -43.77 32.69
N LEU A 147 -1.53 -44.02 33.81
CA LEU A 147 -1.98 -45.03 34.75
C LEU A 147 -2.15 -44.40 36.12
N TRP A 148 -3.28 -44.70 36.75
CA TRP A 148 -3.59 -44.22 38.09
C TRP A 148 -2.92 -45.14 39.10
N LEU A 149 -2.00 -44.58 39.88
CA LEU A 149 -1.29 -45.35 40.89
C LEU A 149 -2.05 -45.33 42.21
N THR A 150 -1.98 -46.44 42.94
CA THR A 150 -2.63 -46.55 44.23
C THR A 150 -1.78 -47.41 45.13
N GLY A 151 -1.95 -47.24 46.44
CA GLY A 151 -1.21 -48.01 47.41
C GLY A 151 -1.51 -49.50 47.35
N LYS A 152 -0.47 -50.31 47.28
CA LYS A 152 -0.61 -51.77 47.28
C LYS A 152 -0.22 -52.32 48.65
N ASN A 153 -1.03 -53.27 49.13
CA ASN A 153 -0.90 -53.87 50.46
C ASN A 153 -1.09 -52.85 51.58
N GLY A 154 -1.67 -51.70 51.27
CA GLY A 154 -1.94 -50.69 52.29
C GLY A 154 -0.89 -49.63 52.46
N LEU A 155 0.08 -49.54 51.55
CA LEU A 155 1.15 -48.54 51.65
C LEU A 155 1.44 -47.98 50.27
N TYR A 156 1.90 -46.72 50.25
CA TYR A 156 2.29 -46.03 49.02
C TYR A 156 3.78 -45.71 49.16
N PRO A 157 4.66 -46.62 48.73
CA PRO A 157 6.10 -46.39 48.94
C PRO A 157 6.59 -45.18 48.17
N ASN A 158 7.66 -44.57 48.69
CA ASN A 158 8.26 -43.39 48.06
C ASN A 158 8.72 -43.73 46.65
N LEU A 159 8.04 -43.14 45.67
CA LEU A 159 8.31 -43.38 44.26
C LEU A 159 9.59 -42.67 43.83
N SER A 160 10.28 -43.25 42.85
CA SER A 160 11.45 -42.62 42.26
C SER A 160 11.69 -43.25 40.90
N LYS A 161 11.47 -42.48 39.82
CA LYS A 161 11.66 -42.97 38.47
C LYS A 161 12.42 -41.94 37.65
N SER A 162 13.22 -42.44 36.70
CA SER A 162 13.98 -41.59 35.81
C SER A 162 13.88 -42.12 34.38
N TYR A 163 13.84 -41.21 33.42
CA TYR A 163 13.86 -41.56 32.01
C TYR A 163 14.83 -40.64 31.29
N ALA A 164 15.82 -41.22 30.62
CA ALA A 164 16.80 -40.46 29.85
C ALA A 164 16.46 -40.57 28.38
N ASN A 165 16.35 -39.42 27.71
CA ASN A 165 15.96 -39.40 26.31
C ASN A 165 17.13 -39.76 25.41
N ASN A 166 16.90 -40.71 24.50
CA ASN A 166 17.92 -41.14 23.55
C ASN A 166 17.33 -41.39 22.17
N LYS A 167 16.26 -40.70 21.82
CA LYS A 167 15.55 -40.93 20.57
C LYS A 167 15.96 -39.99 19.46
N GLU A 168 16.93 -39.10 19.71
CA GLU A 168 17.30 -38.05 18.75
C GLU A 168 16.10 -37.20 18.38
N LYS A 169 15.09 -37.18 19.24
CA LYS A 169 13.84 -36.46 18.99
C LYS A 169 13.33 -35.89 20.29
N GLU A 170 12.44 -34.91 20.17
CA GLU A 170 11.77 -34.36 21.34
C GLU A 170 10.75 -35.36 21.86
N VAL A 171 10.66 -35.51 23.17
CA VAL A 171 9.73 -36.46 23.79
C VAL A 171 8.71 -35.69 24.61
N LEU A 172 7.44 -35.81 24.23
CA LEU A 172 6.36 -35.19 24.99
C LEU A 172 5.90 -36.18 26.05
N VAL A 173 5.89 -35.72 27.30
CA VAL A 173 5.52 -36.53 28.46
C VAL A 173 4.33 -35.88 29.14
N LEU A 174 3.29 -36.67 29.38
CA LEU A 174 2.08 -36.25 30.09
C LEU A 174 2.03 -36.91 31.46
N TRP A 175 1.49 -36.20 32.43
CA TRP A 175 1.20 -36.79 33.73
C TRP A 175 0.09 -35.99 34.39
N GLY A 176 -0.27 -36.37 35.61
CA GLY A 176 -1.34 -35.71 36.32
C GLY A 176 -1.17 -35.81 37.82
N VAL A 177 -1.92 -34.96 38.52
CA VAL A 177 -1.95 -34.93 39.97
C VAL A 177 -3.40 -34.99 40.43
N HIS A 178 -3.69 -35.89 41.38
CA HIS A 178 -5.04 -36.18 41.81
C HIS A 178 -5.35 -35.43 43.11
N HIS A 179 -6.48 -34.74 43.14
CA HIS A 179 -6.95 -34.04 44.33
C HIS A 179 -8.22 -34.70 44.85
N PRO A 180 -8.14 -35.53 45.89
CA PRO A 180 -9.35 -36.17 46.40
C PRO A 180 -10.32 -35.13 46.93
N PRO A 181 -11.62 -35.40 46.83
CA PRO A 181 -12.62 -34.41 47.25
C PRO A 181 -12.59 -34.14 48.75
N ASN A 182 -12.60 -35.20 49.55
CA ASN A 182 -12.54 -35.10 50.99
C ASN A 182 -11.26 -35.76 51.49
N ILE A 183 -10.89 -35.46 52.74
CA ILE A 183 -9.70 -36.05 53.32
C ILE A 183 -9.85 -37.56 53.46
N GLY A 184 -11.09 -38.05 53.56
CA GLY A 184 -11.30 -39.49 53.66
C GLY A 184 -10.87 -40.22 52.42
N ASP A 185 -11.14 -39.66 51.25
CA ASP A 185 -10.70 -40.27 50.00
C ASP A 185 -9.18 -40.35 49.93
N GLN A 186 -8.50 -39.27 50.33
CA GLN A 186 -7.03 -39.28 50.34
C GLN A 186 -6.50 -40.32 51.31
N ARG A 187 -7.08 -40.41 52.50
CA ARG A 187 -6.64 -41.41 53.47
C ARG A 187 -6.84 -42.83 52.94
N ALA A 188 -7.99 -43.08 52.30
CA ALA A 188 -8.27 -44.41 51.77
C ALA A 188 -7.33 -44.76 50.62
N LEU A 189 -7.03 -43.79 49.76
CA LEU A 189 -6.24 -44.07 48.56
C LEU A 189 -4.74 -44.12 48.86
N TYR A 190 -4.18 -43.02 49.32
CA TYR A 190 -2.74 -42.87 49.42
C TYR A 190 -2.21 -42.98 50.84
N HIS A 191 -3.09 -43.14 51.84
CA HIS A 191 -2.74 -43.43 53.22
C HIS A 191 -1.93 -42.33 53.89
N LYS A 192 -1.84 -41.15 53.28
CA LYS A 192 -1.11 -40.04 53.87
C LYS A 192 -1.88 -38.74 53.61
N GLU A 193 -2.01 -37.92 54.65
CA GLU A 193 -2.80 -36.70 54.54
C GLU A 193 -2.16 -35.70 53.58
N ASN A 194 -0.85 -35.52 53.68
CA ASN A 194 -0.12 -34.56 52.85
C ASN A 194 0.90 -35.31 52.01
N ALA A 195 0.84 -35.12 50.70
CA ALA A 195 1.76 -35.74 49.76
C ALA A 195 2.37 -34.67 48.86
N TYR A 196 3.16 -35.11 47.88
CA TYR A 196 3.79 -34.20 46.95
C TYR A 196 4.11 -34.95 45.66
N VAL A 197 4.30 -34.19 44.59
CA VAL A 197 4.77 -34.71 43.31
C VAL A 197 5.86 -33.79 42.80
N SER A 198 7.08 -34.30 42.70
CA SER A 198 8.22 -33.53 42.21
C SER A 198 8.57 -34.02 40.81
N VAL A 199 8.52 -33.11 39.85
CA VAL A 199 8.95 -33.39 38.49
C VAL A 199 10.16 -32.53 38.20
N VAL A 200 11.30 -33.17 37.96
CA VAL A 200 12.58 -32.48 37.84
C VAL A 200 13.18 -32.79 36.47
N SER A 201 13.44 -31.74 35.69
CA SER A 201 14.12 -31.86 34.41
C SER A 201 15.25 -30.84 34.38
N SER A 202 16.01 -30.85 33.29
CA SER A 202 17.10 -29.88 33.15
C SER A 202 16.58 -28.47 32.98
N HIS A 203 15.40 -28.31 32.38
CA HIS A 203 14.79 -27.00 32.17
C HIS A 203 13.36 -26.93 32.69
N TYR A 204 12.88 -27.99 33.33
CA TYR A 204 11.57 -28.01 33.98
C TYR A 204 11.75 -28.48 35.41
N SER A 205 11.05 -27.83 36.33
CA SER A 205 11.17 -28.19 37.75
C SER A 205 9.92 -27.71 38.46
N ARG A 206 9.18 -28.63 39.07
CA ARG A 206 7.97 -28.23 39.77
C ARG A 206 7.66 -29.21 40.89
N LYS A 207 7.01 -28.68 41.92
CA LYS A 207 6.45 -29.47 43.02
C LYS A 207 4.96 -29.19 43.10
N PHE A 208 4.17 -30.25 43.16
CA PHE A 208 2.72 -30.16 43.23
C PHE A 208 2.25 -30.71 44.57
N THR A 209 1.34 -29.98 45.21
CA THR A 209 0.76 -30.39 46.47
C THR A 209 -0.75 -30.57 46.31
N PRO A 210 -1.30 -31.70 46.76
CA PRO A 210 -2.74 -31.92 46.62
C PRO A 210 -3.54 -30.86 47.38
N GLU A 211 -4.61 -30.39 46.75
CA GLU A 211 -5.53 -29.44 47.36
C GLU A 211 -6.89 -30.11 47.47
N ILE A 212 -7.28 -30.48 48.68
CA ILE A 212 -8.48 -31.23 48.94
C ILE A 212 -9.61 -30.25 49.25
N ALA A 213 -10.67 -30.30 48.45
CA ALA A 213 -11.79 -29.39 48.62
C ALA A 213 -13.05 -29.98 47.99
N LYS A 214 -14.19 -29.71 48.60
CA LYS A 214 -15.47 -30.14 48.04
C LYS A 214 -15.83 -29.24 46.87
N ARG A 215 -16.03 -29.85 45.71
CA ARG A 215 -16.18 -29.12 44.45
C ARG A 215 -17.47 -29.54 43.76
N PRO A 216 -18.00 -28.69 42.88
CA PRO A 216 -19.24 -29.05 42.18
C PRO A 216 -19.07 -30.33 41.37
N LYS A 217 -20.15 -31.11 41.31
CA LYS A 217 -20.11 -32.43 40.68
C LYS A 217 -20.20 -32.30 39.18
N VAL A 218 -19.17 -32.78 38.47
CA VAL A 218 -19.16 -32.88 37.02
C VAL A 218 -18.78 -34.30 36.66
N ARG A 219 -19.56 -34.92 35.76
CA ARG A 219 -19.35 -36.30 35.35
C ARG A 219 -19.40 -37.25 36.55
N ASP A 220 -20.26 -36.91 37.51
CA ASP A 220 -20.46 -37.71 38.72
C ASP A 220 -19.16 -37.92 39.49
N GLN A 221 -18.34 -36.87 39.57
CA GLN A 221 -17.12 -36.89 40.36
C GLN A 221 -17.04 -35.63 41.21
N GLU A 222 -16.35 -35.73 42.34
CA GLU A 222 -16.27 -34.66 43.32
C GLU A 222 -14.89 -34.03 43.42
N GLY A 223 -13.84 -34.74 43.02
CA GLY A 223 -12.49 -34.20 43.09
C GLY A 223 -11.75 -34.28 41.77
N ARG A 224 -11.26 -33.15 41.28
CA ARG A 224 -10.61 -33.08 39.99
C ARG A 224 -9.19 -33.62 40.05
N ILE A 225 -8.61 -33.86 38.87
CA ILE A 225 -7.19 -34.13 38.72
C ILE A 225 -6.65 -33.22 37.62
N ASN A 226 -5.47 -32.66 37.84
CA ASN A 226 -4.88 -31.71 36.91
C ASN A 226 -3.85 -32.42 36.01
N TYR A 227 -3.78 -32.00 34.76
CA TYR A 227 -2.94 -32.62 33.75
C TYR A 227 -1.82 -31.68 33.36
N TYR A 228 -0.59 -32.16 33.45
CA TYR A 228 0.59 -31.39 33.08
C TYR A 228 1.37 -32.12 31.99
N TRP A 229 2.17 -31.37 31.24
CA TRP A 229 2.97 -31.94 30.17
C TRP A 229 4.32 -31.23 30.13
N THR A 230 5.28 -31.91 29.51
CA THR A 230 6.58 -31.31 29.30
C THR A 230 7.22 -31.88 28.03
N LEU A 231 8.18 -31.14 27.49
CA LEU A 231 8.94 -31.54 26.32
C LEU A 231 10.38 -31.80 26.75
N LEU A 232 10.87 -32.99 26.44
CA LEU A 232 12.21 -33.42 26.81
C LEU A 232 13.11 -33.39 25.60
N GLU A 233 14.23 -32.68 25.71
CA GLU A 233 15.22 -32.56 24.65
C GLU A 233 16.02 -33.84 24.51
N PRO A 234 16.65 -34.08 23.36
CA PRO A 234 17.53 -35.25 23.22
C PRO A 234 18.68 -35.17 24.20
N GLY A 235 19.03 -36.33 24.77
CA GLY A 235 20.09 -36.40 25.76
C GLY A 235 19.70 -35.92 27.15
N ASP A 236 18.45 -35.58 27.37
CA ASP A 236 17.99 -35.05 28.65
C ASP A 236 17.32 -36.15 29.47
N THR A 237 17.19 -35.89 30.77
CA THR A 237 16.61 -36.84 31.71
C THR A 237 15.50 -36.15 32.50
N ILE A 238 14.41 -36.86 32.71
CA ILE A 238 13.30 -36.40 33.54
C ILE A 238 13.13 -37.36 34.71
N ILE A 239 12.93 -36.78 35.90
CA ILE A 239 12.80 -37.55 37.13
C ILE A 239 11.43 -37.27 37.73
N PHE A 240 10.69 -38.35 38.02
CA PHE A 240 9.41 -38.29 38.71
C PHE A 240 9.59 -38.83 40.11
N GLU A 241 9.15 -38.07 41.11
CA GLU A 241 9.13 -38.53 42.49
C GLU A 241 7.79 -38.15 43.10
N ALA A 242 7.32 -38.98 44.03
CA ALA A 242 6.05 -38.72 44.69
C ALA A 242 5.88 -39.69 45.83
N ASN A 243 4.89 -39.41 46.68
CA ASN A 243 4.41 -40.36 47.66
C ASN A 243 2.88 -40.37 47.68
N GLY A 244 2.27 -39.91 46.59
CA GLY A 244 0.83 -39.92 46.46
C GLY A 244 0.34 -39.02 45.34
N ASN A 245 -0.90 -39.25 44.93
CA ASN A 245 -1.63 -38.40 43.99
C ASN A 245 -0.99 -38.31 42.62
N LEU A 246 -0.15 -39.27 42.24
CA LEU A 246 0.51 -39.24 40.94
C LEU A 246 -0.27 -40.09 39.93
N ILE A 247 -0.63 -39.46 38.81
CA ILE A 247 -1.19 -40.16 37.66
C ILE A 247 -0.02 -40.33 36.69
N ALA A 248 0.66 -41.47 36.78
CA ALA A 248 1.96 -41.61 36.14
C ALA A 248 1.83 -41.81 34.64
N PRO A 249 2.84 -41.41 33.88
CA PRO A 249 2.79 -41.64 32.43
C PRO A 249 2.92 -43.11 32.09
N ARG A 250 2.25 -43.51 31.02
CA ARG A 250 2.38 -44.84 30.44
C ARG A 250 3.06 -44.82 29.09
N TYR A 251 2.54 -44.00 28.17
CA TYR A 251 3.11 -43.84 26.84
C TYR A 251 3.55 -42.40 26.65
N ALA A 252 4.80 -42.21 26.25
CA ALA A 252 5.29 -40.92 25.83
C ALA A 252 5.21 -40.82 24.31
N PHE A 253 5.44 -39.63 23.79
CA PHE A 253 5.27 -39.38 22.36
C PHE A 253 6.53 -38.72 21.81
N ALA A 254 7.31 -39.47 21.04
CA ALA A 254 8.48 -38.91 20.38
C ALA A 254 8.03 -38.24 19.09
N LEU A 255 8.28 -36.94 19.01
CA LEU A 255 7.79 -36.18 17.83
C LEU A 255 8.84 -35.22 17.31
N SER A 256 8.78 -34.91 16.04
CA SER A 256 9.69 -33.89 15.47
C SER A 256 8.76 -32.78 14.94
N ARG A 257 8.86 -31.59 15.52
CA ARG A 257 7.96 -30.48 15.12
C ARG A 257 8.12 -30.15 13.63
N GLY A 258 7.02 -29.77 12.97
CA GLY A 258 7.09 -29.40 11.55
C GLY A 258 6.62 -27.98 11.38
N PHE A 259 6.23 -27.60 10.15
CA PHE A 259 5.68 -26.24 9.93
C PHE A 259 4.65 -25.96 11.02
N GLY A 260 4.79 -24.82 11.72
CA GLY A 260 3.89 -24.52 12.84
C GLY A 260 2.50 -24.19 12.35
N SER A 261 1.65 -25.20 12.17
CA SER A 261 0.27 -24.98 11.67
C SER A 261 -0.67 -24.73 12.86
N GLY A 262 -1.94 -25.04 12.71
CA GLY A 262 -2.92 -24.83 13.81
C GLY A 262 -3.99 -25.90 13.79
N ILE A 263 -5.23 -25.53 14.12
CA ILE A 263 -6.31 -26.49 14.07
C ILE A 263 -7.53 -25.81 13.46
N ILE A 264 -8.48 -26.63 13.02
CA ILE A 264 -9.72 -26.17 12.41
C ILE A 264 -10.88 -26.87 13.06
N ASN A 265 -11.87 -26.10 13.54
CA ASN A 265 -13.10 -26.64 14.08
C ASN A 265 -14.14 -26.65 12.96
N SER A 266 -14.51 -27.83 12.50
CA SER A 266 -15.37 -27.95 11.32
C SER A 266 -16.16 -29.24 11.38
N ASN A 267 -17.23 -29.27 10.58
CA ASN A 267 -18.05 -30.47 10.42
C ASN A 267 -18.04 -30.98 8.99
N ALA A 268 -17.16 -30.46 8.14
CA ALA A 268 -17.07 -30.94 6.77
C ALA A 268 -16.39 -32.31 6.73
N PRO A 269 -16.71 -33.18 5.73
CA PRO A 269 -16.09 -34.49 5.65
C PRO A 269 -14.69 -34.45 5.07
N MET A 270 -13.79 -35.25 5.64
CA MET A 270 -12.40 -35.32 5.13
C MET A 270 -12.41 -35.87 3.70
N ASP A 271 -11.60 -35.30 2.81
CA ASP A 271 -11.50 -35.82 1.41
C ASP A 271 -10.03 -36.01 1.05
N GLU A 272 -9.72 -36.96 0.16
CA GLU A 272 -8.32 -37.23 -0.24
C GLU A 272 -7.88 -36.19 -1.29
N CYS A 273 -8.64 -35.08 -1.42
CA CYS A 273 -8.27 -33.99 -2.35
C CYS A 273 -7.01 -33.28 -1.87
N ASP A 274 -6.25 -32.64 -2.77
CA ASP A 274 -5.04 -31.87 -2.38
C ASP A 274 -5.37 -30.37 -2.40
N ALA A 275 -4.75 -29.58 -1.51
CA ALA A 275 -5.09 -28.14 -1.41
C ALA A 275 -3.87 -27.31 -1.03
N LYS A 276 -3.86 -26.02 -1.38
CA LYS A 276 -2.76 -25.12 -0.96
C LYS A 276 -3.22 -24.39 0.30
N CYS A 277 -4.48 -23.96 0.33
CA CYS A 277 -5.06 -23.32 1.50
C CYS A 277 -6.21 -24.15 2.06
N GLN A 278 -6.72 -23.74 3.21
CA GLN A 278 -7.83 -24.45 3.83
C GLN A 278 -8.56 -23.50 4.77
N THR A 279 -9.86 -23.32 4.52
CA THR A 279 -10.84 -22.56 5.28
C THR A 279 -11.71 -23.54 6.06
N PRO A 280 -12.08 -23.21 7.32
CA PRO A 280 -12.84 -24.17 8.14
C PRO A 280 -14.16 -24.61 7.54
N GLN A 281 -14.53 -24.07 6.38
CA GLN A 281 -15.68 -24.55 5.64
C GLN A 281 -15.31 -25.33 4.38
N GLY A 282 -14.12 -25.10 3.83
CA GLY A 282 -13.68 -25.81 2.64
C GLY A 282 -12.48 -25.17 1.97
N ALA A 283 -11.73 -25.96 1.21
CA ALA A 283 -10.49 -25.49 0.62
C ALA A 283 -10.75 -24.39 -0.40
N ILE A 284 -9.67 -23.69 -0.79
CA ILE A 284 -9.74 -22.56 -1.70
C ILE A 284 -8.70 -22.75 -2.80
N ASN A 285 -9.10 -22.52 -4.04
CA ASN A 285 -8.16 -22.50 -5.16
C ASN A 285 -7.37 -21.20 -5.09
N SER A 286 -6.15 -21.29 -4.55
CA SER A 286 -5.35 -20.11 -4.28
C SER A 286 -4.66 -19.58 -5.53
N SER A 287 -5.43 -19.34 -6.59
CA SER A 287 -4.88 -18.77 -7.81
C SER A 287 -5.05 -17.25 -7.87
N LEU A 288 -5.89 -16.67 -7.03
CA LEU A 288 -6.17 -15.25 -6.97
C LEU A 288 -5.55 -14.63 -5.72
N PRO A 289 -5.24 -13.34 -5.75
CA PRO A 289 -4.53 -12.74 -4.61
C PRO A 289 -5.39 -12.52 -3.38
N PHE A 290 -6.71 -12.38 -3.53
CA PHE A 290 -7.59 -12.01 -2.43
C PHE A 290 -8.73 -13.01 -2.26
N GLN A 291 -9.32 -13.00 -1.07
CA GLN A 291 -10.43 -13.89 -0.76
C GLN A 291 -11.25 -13.27 0.37
N ASN A 292 -12.55 -13.56 0.39
CA ASN A 292 -13.43 -13.10 1.45
C ASN A 292 -14.24 -14.25 2.07
N VAL A 293 -13.78 -15.48 1.89
CA VAL A 293 -14.52 -16.63 2.42
C VAL A 293 -14.49 -16.64 3.94
N HIS A 294 -13.31 -16.47 4.53
CA HIS A 294 -13.17 -16.52 5.98
C HIS A 294 -11.89 -15.82 6.38
N PRO A 295 -11.85 -15.18 7.56
CA PRO A 295 -10.59 -14.57 8.01
C PRO A 295 -9.57 -15.57 8.46
N VAL A 296 -9.97 -16.58 9.23
CA VAL A 296 -9.04 -17.54 9.83
C VAL A 296 -8.86 -18.68 8.82
N THR A 297 -7.70 -18.69 8.16
CA THR A 297 -7.33 -19.74 7.23
C THR A 297 -6.11 -20.49 7.75
N ILE A 298 -5.64 -21.45 6.95
CA ILE A 298 -4.46 -22.23 7.29
C ILE A 298 -3.80 -22.65 5.99
N GLY A 299 -2.47 -22.57 5.94
CA GLY A 299 -1.74 -22.74 4.70
C GLY A 299 -1.63 -21.44 3.93
N GLU A 300 -0.83 -21.49 2.87
CA GLU A 300 -0.61 -20.31 2.03
C GLU A 300 -1.89 -19.97 1.28
N CYS A 301 -2.55 -18.91 1.73
CA CYS A 301 -3.88 -18.53 1.29
C CYS A 301 -3.86 -17.09 0.79
N PRO A 302 -4.80 -16.72 -0.08
CA PRO A 302 -4.93 -15.32 -0.48
C PRO A 302 -5.22 -14.43 0.72
N LYS A 303 -5.07 -13.12 0.50
CA LYS A 303 -5.24 -12.15 1.57
C LYS A 303 -6.71 -11.85 1.78
N TYR A 304 -7.16 -11.94 3.03
CA TYR A 304 -8.54 -11.65 3.37
C TYR A 304 -8.83 -10.16 3.23
N VAL A 305 -9.94 -9.83 2.57
CA VAL A 305 -10.39 -8.46 2.43
C VAL A 305 -11.88 -8.40 2.76
N ARG A 306 -12.34 -7.20 3.08
CA ARG A 306 -13.73 -6.95 3.46
C ARG A 306 -14.54 -6.41 2.29
N SER A 307 -14.27 -6.87 1.08
CA SER A 307 -14.94 -6.40 -0.12
C SER A 307 -15.88 -7.48 -0.65
N ALA A 308 -16.97 -7.04 -1.26
CA ALA A 308 -17.93 -7.96 -1.86
C ALA A 308 -17.52 -8.40 -3.26
N LYS A 309 -16.79 -7.56 -4.00
CA LYS A 309 -16.33 -7.91 -5.33
C LYS A 309 -15.18 -7.01 -5.72
N LEU A 310 -14.18 -7.58 -6.41
CA LEU A 310 -13.04 -6.84 -6.95
C LEU A 310 -12.91 -7.23 -8.42
N ARG A 311 -13.66 -6.55 -9.28
CA ARG A 311 -13.62 -6.83 -10.71
C ARG A 311 -12.59 -5.92 -11.36
N MET A 312 -11.65 -6.51 -12.09
CA MET A 312 -10.66 -5.78 -12.86
C MET A 312 -11.06 -5.85 -14.32
N VAL A 313 -11.22 -4.69 -14.94
CA VAL A 313 -11.65 -4.66 -16.34
C VAL A 313 -10.49 -5.12 -17.23
N THR A 314 -10.82 -5.99 -18.18
CA THR A 314 -9.86 -6.41 -19.19
C THR A 314 -10.29 -6.05 -20.60
N GLY A 315 -11.59 -6.02 -20.89
CA GLY A 315 -12.09 -5.52 -22.15
C GLY A 315 -12.25 -4.01 -22.13
N LEU A 316 -12.93 -3.50 -23.15
CA LEU A 316 -13.16 -2.08 -23.26
C LEU A 316 -14.62 -1.75 -22.97
N ARG A 317 -14.97 -0.47 -23.12
CA ARG A 317 -16.32 -0.02 -22.79
C ARG A 317 -17.34 -0.64 -23.74
N ASN A 318 -18.43 -1.15 -23.17
CA ASN A 318 -19.47 -1.81 -23.94
C ASN A 318 -20.57 -0.78 -24.24
N ILE A 319 -20.57 -0.27 -25.47
CA ILE A 319 -21.59 0.69 -25.89
C ILE A 319 -22.20 0.19 -27.19
N PRO A 320 -23.12 -0.78 -27.15
CA PRO A 320 -23.79 -1.21 -28.37
C PRO A 320 -24.79 -0.17 -28.84
N SER A 321 -25.07 -0.20 -30.14
CA SER A 321 -26.03 0.74 -30.73
C SER A 321 -27.46 0.26 -30.49
N ILE B 1 -13.25 4.37 -26.35
CA ILE B 1 -13.52 5.80 -26.42
C ILE B 1 -15.02 6.06 -26.37
N ALA B 2 -15.38 7.30 -26.02
CA ALA B 2 -16.77 7.73 -26.08
C ALA B 2 -16.90 9.16 -26.58
N GLY B 3 -15.86 9.68 -27.23
CA GLY B 3 -15.85 11.05 -27.71
C GLY B 3 -16.27 11.16 -29.16
N PHE B 4 -15.31 11.41 -30.05
CA PHE B 4 -15.65 11.58 -31.45
C PHE B 4 -16.05 10.27 -32.12
N ILE B 5 -15.80 9.13 -31.50
CA ILE B 5 -16.32 7.85 -31.95
C ILE B 5 -17.25 7.36 -30.85
N GLU B 6 -18.54 7.66 -30.98
CA GLU B 6 -19.48 7.49 -29.89
C GLU B 6 -20.14 6.11 -29.85
N GLY B 7 -19.90 5.27 -30.83
CA GLY B 7 -20.59 3.99 -30.91
C GLY B 7 -19.63 2.83 -31.10
N GLY B 8 -19.84 1.77 -30.30
CA GLY B 8 -19.13 0.53 -30.51
C GLY B 8 -19.77 -0.30 -31.61
N TRP B 9 -19.06 -1.36 -32.00
CA TRP B 9 -19.49 -2.23 -33.08
C TRP B 9 -19.72 -3.64 -32.54
N THR B 10 -20.86 -4.22 -32.88
CA THR B 10 -21.17 -5.59 -32.51
C THR B 10 -20.87 -6.59 -33.62
N GLY B 11 -20.82 -6.13 -34.87
CA GLY B 11 -20.56 -6.98 -36.01
C GLY B 11 -19.10 -7.31 -36.25
N MET B 12 -18.18 -6.74 -35.47
CA MET B 12 -16.76 -7.07 -35.56
C MET B 12 -16.43 -7.98 -34.38
N VAL B 13 -16.22 -9.27 -34.67
CA VAL B 13 -15.95 -10.25 -33.64
C VAL B 13 -14.48 -10.66 -33.57
N ASP B 14 -13.65 -10.23 -34.53
CA ASP B 14 -12.27 -10.67 -34.57
C ASP B 14 -11.45 -10.05 -33.45
N GLY B 15 -11.33 -8.72 -33.44
CA GLY B 15 -10.44 -8.04 -32.52
C GLY B 15 -11.14 -6.89 -31.82
N TRP B 16 -10.40 -6.28 -30.88
CA TRP B 16 -10.94 -5.17 -30.11
C TRP B 16 -11.05 -3.91 -30.97
N TYR B 17 -10.03 -3.62 -31.77
CA TYR B 17 -10.02 -2.45 -32.63
C TYR B 17 -9.91 -2.90 -34.08
N GLY B 18 -10.50 -2.12 -34.98
CA GLY B 18 -10.51 -2.51 -36.37
C GLY B 18 -11.09 -1.44 -37.26
N TYR B 19 -11.47 -1.85 -38.47
CA TYR B 19 -11.92 -0.95 -39.51
C TYR B 19 -13.33 -1.34 -39.98
N HIS B 20 -13.85 -0.53 -40.89
CA HIS B 20 -15.10 -0.85 -41.59
C HIS B 20 -15.11 -0.05 -42.87
N HIS B 21 -15.02 -0.73 -44.00
CA HIS B 21 -14.91 -0.08 -45.30
C HIS B 21 -16.21 -0.25 -46.09
N GLN B 22 -16.68 0.83 -46.69
CA GLN B 22 -17.77 0.80 -47.65
C GLN B 22 -17.17 1.02 -49.03
N ASN B 23 -17.51 0.13 -49.97
CA ASN B 23 -16.85 0.13 -51.26
C ASN B 23 -17.83 -0.37 -52.31
N GLU B 24 -17.49 -0.12 -53.58
CA GLU B 24 -18.30 -0.62 -54.68
C GLU B 24 -18.31 -2.14 -54.76
N GLN B 25 -17.36 -2.80 -54.10
CA GLN B 25 -17.31 -4.25 -54.08
C GLN B 25 -18.00 -4.87 -52.88
N GLY B 26 -18.21 -4.11 -51.81
CA GLY B 26 -18.91 -4.61 -50.65
C GLY B 26 -18.37 -4.00 -49.37
N SER B 27 -19.15 -4.14 -48.31
CA SER B 27 -18.79 -3.67 -46.98
C SER B 27 -18.28 -4.83 -46.14
N GLY B 28 -17.64 -4.48 -45.03
CA GLY B 28 -17.12 -5.49 -44.13
C GLY B 28 -16.54 -4.88 -42.88
N TYR B 29 -16.43 -5.71 -41.85
CA TYR B 29 -15.89 -5.32 -40.55
C TYR B 29 -14.53 -6.03 -40.38
N ALA B 30 -13.48 -5.40 -40.88
CA ALA B 30 -12.14 -5.92 -40.70
C ALA B 30 -11.64 -5.57 -39.30
N ALA B 31 -10.51 -6.17 -38.94
CA ALA B 31 -9.90 -5.93 -37.64
C ALA B 31 -8.43 -5.55 -37.82
N ASP B 32 -7.96 -4.67 -36.93
CA ASP B 32 -6.55 -4.31 -36.89
C ASP B 32 -5.85 -5.28 -35.95
N GLN B 33 -5.13 -6.24 -36.52
CA GLN B 33 -4.57 -7.39 -35.80
C GLN B 33 -3.41 -7.01 -34.90
N LYS B 34 -2.50 -6.16 -35.39
CA LYS B 34 -1.34 -5.78 -34.59
C LYS B 34 -1.74 -5.06 -33.31
N SER B 35 -2.67 -4.10 -33.43
CA SER B 35 -3.10 -3.34 -32.26
C SER B 35 -3.80 -4.23 -31.25
N THR B 36 -4.66 -5.14 -31.71
CA THR B 36 -5.40 -5.97 -30.77
C THR B 36 -4.50 -6.99 -30.09
N GLN B 37 -3.50 -7.54 -30.79
CA GLN B 37 -2.57 -8.43 -30.08
C GLN B 37 -1.65 -7.66 -29.15
N ASN B 38 -1.24 -6.44 -29.51
CA ASN B 38 -0.46 -5.64 -28.56
C ASN B 38 -1.28 -5.36 -27.31
N ALA B 39 -2.56 -5.02 -27.48
CA ALA B 39 -3.43 -4.78 -26.33
C ALA B 39 -3.61 -6.04 -25.50
N ILE B 40 -3.77 -7.19 -26.16
CA ILE B 40 -3.96 -8.45 -25.43
C ILE B 40 -2.71 -8.80 -24.64
N ASN B 41 -1.53 -8.61 -25.24
CA ASN B 41 -0.28 -8.83 -24.51
C ASN B 41 -0.17 -7.90 -23.32
N GLY B 42 -0.52 -6.63 -23.50
CA GLY B 42 -0.44 -5.68 -22.40
C GLY B 42 -1.38 -6.04 -21.26
N ILE B 43 -2.62 -6.40 -21.58
CA ILE B 43 -3.59 -6.74 -20.54
C ILE B 43 -3.19 -8.05 -19.86
N THR B 44 -2.67 -9.01 -20.61
CA THR B 44 -2.19 -10.26 -20.01
C THR B 44 -1.06 -9.97 -19.03
N ASN B 45 -0.11 -9.12 -19.43
CA ASN B 45 0.97 -8.76 -18.52
C ASN B 45 0.44 -8.05 -17.28
N LYS B 46 -0.53 -7.15 -17.47
CA LYS B 46 -1.10 -6.42 -16.34
C LYS B 46 -1.76 -7.36 -15.34
N VAL B 47 -2.61 -8.27 -15.83
CA VAL B 47 -3.32 -9.19 -14.95
C VAL B 47 -2.34 -10.13 -14.27
N ASN B 48 -1.35 -10.65 -15.02
CA ASN B 48 -0.39 -11.56 -14.42
C ASN B 48 0.50 -10.86 -13.39
N SER B 49 0.83 -9.59 -13.62
CA SER B 49 1.60 -8.86 -12.63
C SER B 49 0.78 -8.59 -11.38
N VAL B 50 -0.50 -8.28 -11.54
CA VAL B 50 -1.35 -8.05 -10.36
C VAL B 50 -1.51 -9.34 -9.56
N ILE B 51 -1.67 -10.48 -10.24
CA ILE B 51 -1.99 -11.72 -9.54
C ILE B 51 -0.72 -12.38 -8.98
N GLU B 52 0.30 -12.54 -9.81
CA GLU B 52 1.46 -13.37 -9.50
C GLU B 52 2.49 -12.69 -8.60
N LYS B 53 2.40 -11.38 -8.40
CA LYS B 53 3.31 -10.71 -7.48
C LYS B 53 3.00 -11.02 -6.02
N MET B 54 1.88 -11.66 -5.73
CA MET B 54 1.49 -12.02 -4.37
C MET B 54 2.08 -13.39 -4.05
N ASN B 55 3.24 -13.39 -3.41
CA ASN B 55 3.84 -14.62 -2.91
C ASN B 55 3.64 -14.69 -1.41
N THR B 56 3.04 -15.78 -0.95
CA THR B 56 2.66 -15.93 0.46
C THR B 56 3.28 -17.21 1.01
N GLN B 57 3.77 -17.14 2.24
CA GLN B 57 4.33 -18.28 2.92
C GLN B 57 3.25 -19.06 3.68
N PHE B 58 3.62 -20.22 4.18
CA PHE B 58 2.71 -21.04 4.96
C PHE B 58 2.47 -20.40 6.32
N THR B 59 1.22 -20.04 6.61
CA THR B 59 0.88 -19.38 7.86
C THR B 59 -0.48 -19.88 8.33
N ALA B 60 -0.67 -19.82 9.65
CA ALA B 60 -1.97 -20.04 10.29
C ALA B 60 -2.29 -18.79 11.08
N VAL B 61 -3.38 -18.11 10.71
CA VAL B 61 -3.67 -16.79 11.25
C VAL B 61 -4.56 -16.89 12.48
N GLY B 62 -4.78 -18.11 12.97
CA GLY B 62 -5.60 -18.30 14.14
C GLY B 62 -4.82 -18.68 15.38
N LYS B 63 -5.08 -17.99 16.49
CA LYS B 63 -4.43 -18.28 17.76
C LYS B 63 -5.48 -18.43 18.85
N GLU B 64 -5.10 -19.12 19.93
CA GLU B 64 -5.99 -19.38 21.04
C GLU B 64 -5.35 -18.91 22.34
N PHE B 65 -6.07 -18.10 23.10
CA PHE B 65 -5.60 -17.58 24.36
C PHE B 65 -6.61 -17.86 25.45
N ASN B 66 -6.12 -18.07 26.67
CA ASN B 66 -6.98 -18.35 27.81
C ASN B 66 -7.55 -17.04 28.35
N LYS B 67 -8.14 -17.08 29.54
CA LYS B 67 -8.86 -15.95 30.10
C LYS B 67 -7.97 -15.02 30.92
N LEU B 68 -6.68 -15.31 31.02
CA LEU B 68 -5.75 -14.43 31.72
C LEU B 68 -4.75 -13.78 30.77
N GLU B 69 -4.98 -13.90 29.47
CA GLU B 69 -4.07 -13.39 28.45
C GLU B 69 -4.83 -12.58 27.41
N ARG B 70 -5.70 -11.68 27.89
CA ARG B 70 -6.51 -10.87 26.99
C ARG B 70 -5.73 -9.74 26.34
N ARG B 71 -4.65 -9.25 26.96
CA ARG B 71 -3.79 -8.29 26.29
C ARG B 71 -3.18 -8.90 25.03
N MET B 72 -2.72 -10.14 25.12
CA MET B 72 -2.20 -10.84 23.96
C MET B 72 -3.28 -11.03 22.91
N GLU B 73 -4.48 -11.39 23.34
CA GLU B 73 -5.58 -11.59 22.40
C GLU B 73 -5.92 -10.30 21.66
N ASN B 74 -5.94 -9.18 22.38
CA ASN B 74 -6.23 -7.90 21.73
C ASN B 74 -5.08 -7.45 20.85
N LEU B 75 -3.84 -7.76 21.20
CA LEU B 75 -2.72 -7.46 20.32
C LEU B 75 -2.82 -8.27 19.02
N ASN B 76 -3.13 -9.55 19.12
CA ASN B 76 -3.31 -10.37 17.93
C ASN B 76 -4.49 -9.88 17.09
N LYS B 77 -5.58 -9.50 17.74
CA LYS B 77 -6.72 -8.95 17.03
C LYS B 77 -6.36 -7.64 16.33
N LYS B 78 -5.58 -6.79 16.98
CA LYS B 78 -5.12 -5.56 16.36
C LYS B 78 -4.27 -5.84 15.14
N VAL B 79 -3.37 -6.83 15.23
CA VAL B 79 -2.55 -7.19 14.08
C VAL B 79 -3.43 -7.66 12.92
N ASP B 80 -4.38 -8.56 13.21
CA ASP B 80 -5.23 -9.10 12.15
C ASP B 80 -6.09 -8.02 11.52
N ASP B 81 -6.71 -7.16 12.34
CA ASP B 81 -7.57 -6.11 11.81
C ASP B 81 -6.77 -5.07 11.03
N GLY B 82 -5.56 -4.74 11.50
CA GLY B 82 -4.73 -3.82 10.75
C GLY B 82 -4.32 -4.36 9.40
N PHE B 83 -3.93 -5.64 9.36
CA PHE B 83 -3.60 -6.26 8.08
C PHE B 83 -4.80 -6.27 7.14
N ILE B 84 -5.98 -6.62 7.68
CA ILE B 84 -7.18 -6.63 6.85
C ILE B 84 -7.50 -5.24 6.33
N ASP B 85 -7.38 -4.23 7.18
CA ASP B 85 -7.67 -2.85 6.75
C ASP B 85 -6.71 -2.42 5.66
N ILE B 86 -5.41 -2.68 5.84
CA ILE B 86 -4.42 -2.29 4.84
C ILE B 86 -4.72 -2.98 3.51
N TRP B 87 -4.93 -4.30 3.56
CA TRP B 87 -5.14 -5.04 2.33
C TRP B 87 -6.44 -4.63 1.63
N THR B 88 -7.52 -4.42 2.40
CA THR B 88 -8.78 -4.01 1.81
C THR B 88 -8.64 -2.65 1.13
N TYR B 89 -8.10 -1.66 1.85
CA TYR B 89 -7.96 -0.33 1.27
C TYR B 89 -7.07 -0.36 0.03
N ASN B 90 -5.93 -1.03 0.13
CA ASN B 90 -5.01 -1.10 -1.01
C ASN B 90 -5.64 -1.81 -2.19
N ALA B 91 -6.34 -2.92 -1.96
CA ALA B 91 -6.94 -3.66 -3.06
C ALA B 91 -8.03 -2.87 -3.75
N GLU B 92 -8.90 -2.22 -2.98
CA GLU B 92 -9.98 -1.45 -3.60
C GLU B 92 -9.43 -0.25 -4.38
N LEU B 93 -8.50 0.50 -3.78
CA LEU B 93 -7.93 1.64 -4.48
C LEU B 93 -7.16 1.19 -5.72
N LEU B 94 -6.41 0.09 -5.61
CA LEU B 94 -5.67 -0.43 -6.75
C LEU B 94 -6.61 -0.83 -7.87
N VAL B 95 -7.70 -1.53 -7.55
CA VAL B 95 -8.64 -1.95 -8.59
C VAL B 95 -9.25 -0.73 -9.27
N LEU B 96 -9.65 0.28 -8.50
CA LEU B 96 -10.22 1.48 -9.10
C LEU B 96 -9.24 2.16 -10.04
N LEU B 97 -8.00 2.39 -9.55
CA LEU B 97 -7.02 3.10 -10.34
C LEU B 97 -6.62 2.32 -11.59
N GLU B 98 -6.48 0.99 -11.47
CA GLU B 98 -6.13 0.19 -12.65
C GLU B 98 -7.28 0.08 -13.63
N ASN B 99 -8.52 0.10 -13.17
CA ASN B 99 -9.64 0.16 -14.13
C ASN B 99 -9.60 1.46 -14.91
N GLU B 100 -9.34 2.58 -14.23
CA GLU B 100 -9.19 3.84 -14.94
C GLU B 100 -8.04 3.77 -15.95
N ARG B 101 -6.90 3.21 -15.53
CA ARG B 101 -5.74 3.10 -16.41
C ARG B 101 -6.03 2.23 -17.62
N THR B 102 -6.73 1.12 -17.43
CA THR B 102 -7.06 0.22 -18.53
C THR B 102 -8.00 0.87 -19.52
N LEU B 103 -9.02 1.57 -19.03
CA LEU B 103 -9.93 2.26 -19.95
C LEU B 103 -9.18 3.35 -20.73
N ASP B 104 -8.29 4.09 -20.05
CA ASP B 104 -7.47 5.07 -20.77
C ASP B 104 -6.55 4.39 -21.78
N PHE B 105 -6.05 3.19 -21.46
CA PHE B 105 -5.20 2.44 -22.37
C PHE B 105 -5.95 2.09 -23.65
N HIS B 106 -7.18 1.58 -23.51
CA HIS B 106 -7.99 1.26 -24.68
C HIS B 106 -8.33 2.52 -25.49
N ASP B 107 -8.64 3.61 -24.79
CA ASP B 107 -8.90 4.87 -25.47
C ASP B 107 -7.69 5.33 -26.27
N SER B 108 -6.50 5.22 -25.67
CA SER B 108 -5.27 5.61 -26.36
C SER B 108 -5.01 4.72 -27.57
N ASN B 109 -5.28 3.42 -27.45
CA ASN B 109 -5.11 2.52 -28.60
C ASN B 109 -6.02 2.93 -29.75
N VAL B 110 -7.29 3.22 -29.47
CA VAL B 110 -8.22 3.63 -30.52
C VAL B 110 -7.77 4.94 -31.15
N LYS B 111 -7.38 5.92 -30.32
CA LYS B 111 -6.95 7.20 -30.86
C LYS B 111 -5.67 7.08 -31.69
N ASN B 112 -4.73 6.26 -31.23
CA ASN B 112 -3.50 6.05 -31.97
C ASN B 112 -3.79 5.41 -33.32
N LEU B 113 -4.70 4.44 -33.36
CA LEU B 113 -5.10 3.86 -34.64
C LEU B 113 -5.71 4.92 -35.54
N TYR B 114 -6.54 5.80 -34.98
CA TYR B 114 -7.17 6.85 -35.78
C TYR B 114 -6.13 7.79 -36.37
N GLU B 115 -5.18 8.24 -35.56
CA GLU B 115 -4.14 9.13 -36.07
C GLU B 115 -3.22 8.43 -37.05
N LYS B 116 -2.96 7.14 -36.83
CA LYS B 116 -2.14 6.37 -37.77
C LYS B 116 -2.80 6.30 -39.13
N VAL B 117 -4.11 6.09 -39.16
CA VAL B 117 -4.82 6.09 -40.44
C VAL B 117 -4.85 7.49 -41.03
N LYS B 118 -5.03 8.52 -40.19
CA LYS B 118 -5.14 9.88 -40.69
C LYS B 118 -3.84 10.37 -41.32
N SER B 119 -2.70 9.95 -40.77
CA SER B 119 -1.41 10.39 -41.30
C SER B 119 -1.20 9.92 -42.73
N GLN B 120 -1.58 8.67 -43.02
CA GLN B 120 -1.43 8.15 -44.37
C GLN B 120 -2.32 8.92 -45.35
N LEU B 121 -3.56 9.19 -44.95
CA LEU B 121 -4.52 9.89 -45.81
C LEU B 121 -4.42 11.39 -45.52
N LYS B 122 -3.36 11.99 -46.05
CA LYS B 122 -3.04 13.39 -45.77
C LYS B 122 -4.17 14.31 -46.21
N ASN B 123 -4.42 14.37 -47.52
CA ASN B 123 -5.59 15.10 -48.02
C ASN B 123 -6.28 14.32 -49.13
N ASN B 124 -6.02 13.02 -49.26
CA ASN B 124 -6.76 12.15 -50.16
C ASN B 124 -8.11 11.75 -49.58
N ALA B 125 -8.38 12.08 -48.32
CA ALA B 125 -9.66 11.81 -47.69
C ALA B 125 -10.00 12.96 -46.76
N LYS B 126 -11.28 13.07 -46.42
CA LYS B 126 -11.76 14.10 -45.52
C LYS B 126 -12.42 13.46 -44.30
N GLU B 127 -12.12 14.01 -43.13
CA GLU B 127 -12.74 13.52 -41.91
C GLU B 127 -14.21 13.89 -41.88
N ILE B 128 -15.04 12.96 -41.38
CA ILE B 128 -16.48 13.16 -41.35
C ILE B 128 -16.90 13.59 -39.95
N GLY B 129 -16.23 13.05 -38.94
CA GLY B 129 -16.52 13.46 -37.57
C GLY B 129 -16.88 12.32 -36.64
N ASN B 130 -17.64 11.35 -37.14
CA ASN B 130 -17.96 10.18 -36.33
C ASN B 130 -16.74 9.32 -36.10
N GLY B 131 -15.67 9.50 -36.87
CA GLY B 131 -14.52 8.57 -36.75
C GLY B 131 -14.10 8.02 -38.10
N CYS B 132 -14.60 8.63 -39.16
CA CYS B 132 -14.67 8.05 -40.51
C CYS B 132 -13.95 8.97 -41.49
N PHE B 133 -13.63 8.47 -42.68
CA PHE B 133 -12.82 9.21 -43.67
C PHE B 133 -13.40 8.96 -45.03
N GLU B 134 -13.82 10.00 -45.74
CA GLU B 134 -14.38 9.75 -47.06
C GLU B 134 -13.31 10.07 -48.09
N PHE B 135 -13.02 9.11 -48.96
CA PHE B 135 -11.97 9.28 -49.95
C PHE B 135 -12.43 10.22 -51.06
N TYR B 136 -11.46 10.86 -51.71
CA TYR B 136 -11.68 11.60 -52.94
C TYR B 136 -11.40 10.77 -54.18
N HIS B 137 -10.98 9.51 -54.02
CA HIS B 137 -10.75 8.63 -55.15
C HIS B 137 -11.49 7.32 -54.95
N LYS B 138 -11.25 6.35 -55.82
CA LYS B 138 -11.89 5.04 -55.74
C LYS B 138 -10.91 4.08 -55.07
N CYS B 139 -11.15 3.80 -53.79
CA CYS B 139 -10.32 2.89 -53.01
C CYS B 139 -10.91 1.50 -53.12
N ASN B 140 -10.34 0.67 -53.99
CA ASN B 140 -10.81 -0.70 -54.15
C ASN B 140 -10.26 -1.57 -53.02
N ASP B 141 -10.48 -2.88 -53.12
CA ASP B 141 -10.07 -3.79 -52.05
C ASP B 141 -8.55 -3.79 -51.88
N GLU B 142 -7.80 -3.65 -52.96
CA GLU B 142 -6.35 -3.54 -52.84
C GLU B 142 -5.97 -2.28 -52.07
N CYS B 143 -6.58 -1.14 -52.41
CA CYS B 143 -6.29 0.11 -51.73
C CYS B 143 -6.69 0.05 -50.27
N MET B 144 -7.86 -0.52 -49.97
CA MET B 144 -8.30 -0.63 -48.59
C MET B 144 -7.37 -1.55 -47.79
N GLU B 145 -6.94 -2.65 -48.40
CA GLU B 145 -6.01 -3.54 -47.73
C GLU B 145 -4.68 -2.85 -47.46
N SER B 146 -4.24 -2.00 -48.40
CA SER B 146 -3.03 -1.23 -48.16
C SER B 146 -3.21 -0.24 -47.01
N VAL B 147 -4.36 0.41 -46.95
CA VAL B 147 -4.62 1.37 -45.87
C VAL B 147 -4.60 0.66 -44.51
N LYS B 148 -5.28 -0.49 -44.42
CA LYS B 148 -5.28 -1.23 -43.16
C LYS B 148 -3.91 -1.81 -42.84
N ASN B 149 -3.13 -2.16 -43.86
CA ASN B 149 -1.84 -2.80 -43.67
C ASN B 149 -0.78 -1.81 -43.21
N GLY B 150 -0.84 -0.57 -43.72
CA GLY B 150 0.09 0.46 -43.35
C GLY B 150 1.01 0.93 -44.46
N THR B 151 0.80 0.47 -45.68
CA THR B 151 1.65 0.83 -46.82
C THR B 151 0.85 1.57 -47.89
N TYR B 152 0.00 2.50 -47.47
CA TYR B 152 -0.82 3.28 -48.39
C TYR B 152 0.06 4.31 -49.08
N ASP B 153 0.13 4.24 -50.41
CA ASP B 153 0.97 5.15 -51.19
C ASP B 153 0.17 6.40 -51.57
N TYR B 154 0.47 7.51 -50.89
CA TYR B 154 -0.18 8.78 -51.19
C TYR B 154 0.06 9.27 -52.61
N PRO B 155 1.28 9.27 -53.15
CA PRO B 155 1.48 9.83 -54.49
C PRO B 155 0.70 9.10 -55.58
N LYS B 156 0.38 7.83 -55.39
CA LYS B 156 -0.36 7.09 -56.42
C LYS B 156 -1.73 7.69 -56.67
N TYR B 157 -2.44 8.06 -55.60
CA TYR B 157 -3.77 8.63 -55.70
C TYR B 157 -3.78 10.14 -55.48
N SER B 158 -2.62 10.77 -55.40
CA SER B 158 -2.56 12.18 -54.99
C SER B 158 -3.31 13.09 -55.95
N GLU B 159 -3.01 13.01 -57.24
CA GLU B 159 -3.65 13.94 -58.18
C GLU B 159 -5.12 13.58 -58.41
N GLU B 160 -5.44 12.29 -58.43
CA GLU B 160 -6.84 11.88 -58.60
C GLU B 160 -7.70 12.38 -57.46
N SER B 161 -7.16 12.35 -56.23
CA SER B 161 -7.89 12.92 -55.10
C SER B 161 -7.87 14.44 -55.12
N LYS B 162 -6.80 15.05 -55.62
CA LYS B 162 -6.68 16.50 -55.63
C LYS B 162 -7.72 17.13 -56.56
N LEU B 163 -7.92 16.54 -57.74
CA LEU B 163 -8.93 17.09 -58.65
C LEU B 163 -10.33 16.98 -58.05
N ASN B 164 -10.64 15.88 -57.38
CA ASN B 164 -11.92 15.75 -56.69
C ASN B 164 -12.04 16.77 -55.55
N ARG B 165 -10.96 17.00 -54.81
CA ARG B 165 -10.98 17.98 -53.74
C ARG B 165 -11.30 19.37 -54.27
N GLU B 166 -10.64 19.77 -55.35
CA GLU B 166 -10.84 21.10 -55.90
C GLU B 166 -12.14 21.20 -56.69
N LYS B 167 -12.73 20.08 -57.09
CA LYS B 167 -14.03 20.13 -57.76
C LYS B 167 -15.10 20.70 -56.84
N ILE B 168 -15.10 20.29 -55.57
CA ILE B 168 -16.09 20.77 -54.60
C ILE B 168 -15.42 21.69 -53.59
N ASP C 1 15.47 21.82 -47.05
CA ASP C 1 15.84 21.99 -45.65
C ASP C 1 14.82 21.34 -44.73
N THR C 2 15.29 20.49 -43.84
CA THR C 2 14.44 19.79 -42.89
C THR C 2 14.97 19.99 -41.47
N ILE C 3 14.06 19.93 -40.51
CA ILE C 3 14.40 19.88 -39.09
C ILE C 3 13.61 18.75 -38.46
N CYS C 4 14.31 17.83 -37.80
CA CYS C 4 13.66 16.63 -37.29
C CYS C 4 13.67 16.59 -35.76
N ILE C 5 12.58 16.08 -35.21
CA ILE C 5 12.40 15.89 -33.77
C ILE C 5 12.77 14.45 -33.43
N GLY C 6 13.58 14.29 -32.39
CA GLY C 6 14.00 12.97 -32.00
C GLY C 6 14.25 12.91 -30.52
N TYR C 7 14.98 11.87 -30.09
CA TYR C 7 15.24 11.66 -28.69
C TYR C 7 16.55 10.90 -28.51
N HIS C 8 16.96 10.79 -27.25
CA HIS C 8 18.29 10.31 -26.90
C HIS C 8 18.36 8.79 -26.92
N ALA C 9 19.48 8.27 -27.45
CA ALA C 9 19.80 6.86 -27.38
C ALA C 9 21.29 6.72 -27.10
N ASN C 10 21.66 5.67 -26.36
CA ASN C 10 23.06 5.45 -26.00
C ASN C 10 23.38 3.97 -26.20
N ASN C 11 24.52 3.54 -25.65
CA ASN C 11 25.01 2.19 -25.83
C ASN C 11 24.73 1.28 -24.63
N SER C 12 23.91 1.73 -23.69
CA SER C 12 23.60 0.92 -22.52
C SER C 12 22.62 -0.20 -22.89
N THR C 13 22.60 -1.23 -22.07
CA THR C 13 21.71 -2.37 -22.25
C THR C 13 21.00 -2.71 -20.95
N ASP C 14 20.65 -1.69 -20.17
CA ASP C 14 19.92 -1.89 -18.94
C ASP C 14 18.46 -2.21 -19.24
N THR C 15 17.88 -3.12 -18.46
CA THR C 15 16.52 -3.58 -18.67
C THR C 15 15.66 -3.29 -17.44
N VAL C 16 14.40 -2.95 -17.70
CA VAL C 16 13.44 -2.62 -16.66
C VAL C 16 12.11 -3.26 -17.01
N ASP C 17 11.28 -3.49 -16.00
CA ASP C 17 9.99 -4.14 -16.16
C ASP C 17 8.87 -3.15 -15.85
N THR C 18 8.00 -2.91 -16.83
CA THR C 18 6.80 -2.11 -16.62
C THR C 18 5.62 -3.04 -16.39
N VAL C 19 4.41 -2.48 -16.36
CA VAL C 19 3.22 -3.27 -16.11
C VAL C 19 2.58 -3.80 -17.39
N LEU C 20 2.87 -3.20 -18.54
CA LEU C 20 2.37 -3.67 -19.81
C LEU C 20 3.41 -4.42 -20.63
N GLU C 21 4.65 -4.52 -20.14
CA GLU C 21 5.72 -5.16 -20.88
C GLU C 21 6.81 -5.59 -19.92
N LYS C 22 7.65 -6.50 -20.38
CA LYS C 22 8.80 -6.97 -19.62
C LYS C 22 10.06 -6.84 -20.47
N ASN C 23 11.20 -6.68 -19.79
CA ASN C 23 12.51 -6.63 -20.43
C ASN C 23 12.59 -5.47 -21.45
N VAL C 24 12.42 -4.26 -20.94
CA VAL C 24 12.49 -3.05 -21.75
C VAL C 24 13.88 -2.44 -21.61
N THR C 25 14.51 -2.13 -22.74
CA THR C 25 15.84 -1.53 -22.75
C THR C 25 15.71 -0.03 -22.54
N VAL C 26 16.48 0.50 -21.57
CA VAL C 26 16.32 1.88 -21.13
C VAL C 26 17.67 2.59 -21.21
N THR C 27 17.60 3.92 -21.27
CA THR C 27 18.80 4.74 -21.31
C THR C 27 19.47 4.81 -19.94
N HIS C 28 18.69 4.82 -18.86
CA HIS C 28 19.25 4.84 -17.51
C HIS C 28 18.26 4.19 -16.57
N SER C 29 18.75 3.82 -15.38
CA SER C 29 17.93 3.16 -14.38
C SER C 29 18.57 3.35 -13.03
N VAL C 30 17.75 3.39 -11.99
CA VAL C 30 18.19 3.60 -10.61
C VAL C 30 17.73 2.41 -9.78
N ASN C 31 18.66 1.84 -9.02
CA ASN C 31 18.33 0.71 -8.15
C ASN C 31 17.74 1.23 -6.85
N LEU C 32 16.52 0.81 -6.55
CA LEU C 32 15.87 1.14 -5.28
C LEU C 32 16.11 0.08 -4.21
N LEU C 33 16.84 -0.98 -4.55
CA LEU C 33 17.10 -2.10 -3.64
C LEU C 33 18.57 -2.15 -3.32
N GLU C 34 18.91 -2.19 -2.04
CA GLU C 34 20.28 -2.30 -1.57
C GLU C 34 20.56 -3.77 -1.25
N ASP C 35 21.53 -4.35 -1.96
CA ASP C 35 21.81 -5.77 -1.86
C ASP C 35 23.24 -6.08 -1.44
N SER C 36 23.93 -5.13 -0.82
CA SER C 36 25.31 -5.34 -0.44
C SER C 36 25.59 -4.73 0.93
N HIS C 37 26.60 -5.27 1.60
CA HIS C 37 27.04 -4.79 2.90
C HIS C 37 28.56 -4.73 2.89
N ASN C 38 29.12 -3.98 3.84
CA ASN C 38 30.57 -3.80 3.93
C ASN C 38 31.26 -4.90 4.74
N GLY C 39 30.50 -5.82 5.33
CA GLY C 39 31.10 -6.94 6.03
C GLY C 39 31.69 -6.62 7.38
N LYS C 40 31.46 -5.42 7.91
CA LYS C 40 32.04 -5.00 9.17
C LYS C 40 30.94 -4.54 10.11
N LEU C 41 31.16 -4.74 11.41
CA LEU C 41 30.22 -4.31 12.43
C LEU C 41 30.54 -2.86 12.80
N CYS C 42 29.84 -1.94 12.16
CA CYS C 42 30.11 -0.51 12.33
C CYS C 42 29.52 -0.04 13.67
N ARG C 43 29.54 1.27 13.89
CA ARG C 43 29.02 1.84 15.15
C ARG C 43 27.62 2.43 14.92
N LEU C 44 26.66 2.09 15.79
CA LEU C 44 25.29 2.64 15.68
C LEU C 44 25.13 3.82 16.65
N GLY C 45 25.69 4.98 16.28
CA GLY C 45 25.89 6.09 17.25
C GLY C 45 27.02 5.79 18.20
N ILE C 46 26.96 4.64 18.90
CA ILE C 46 28.03 4.24 19.86
C ILE C 46 28.62 2.90 19.40
N ALA C 47 29.64 2.40 20.10
CA ALA C 47 30.26 1.13 19.76
C ALA C 47 29.50 -0.02 20.42
N PRO C 48 29.19 -1.08 19.65
CA PRO C 48 28.50 -2.23 20.23
C PRO C 48 29.37 -2.97 21.24
N LEU C 49 28.71 -3.61 22.20
CA LEU C 49 29.40 -4.49 23.12
C LEU C 49 29.95 -5.70 22.37
N GLN C 50 31.20 -6.06 22.64
CA GLN C 50 31.88 -7.12 21.92
C GLN C 50 32.25 -8.20 22.93
N LEU C 51 31.49 -9.29 22.95
CA LEU C 51 31.66 -10.33 23.95
C LEU C 51 32.65 -11.41 23.52
N GLY C 52 32.94 -11.53 22.22
CA GLY C 52 33.90 -12.50 21.76
C GLY C 52 33.50 -13.94 22.00
N ASN C 53 34.24 -14.61 22.87
CA ASN C 53 34.01 -16.03 23.15
C ASN C 53 32.93 -16.27 24.21
N CYS C 54 32.35 -15.22 24.77
CA CYS C 54 31.40 -15.35 25.86
C CYS C 54 29.98 -15.03 25.39
N SER C 55 29.02 -15.40 26.24
CA SER C 55 27.62 -15.07 26.04
C SER C 55 27.20 -14.03 27.08
N VAL C 56 25.93 -13.60 26.96
CA VAL C 56 25.40 -12.65 27.93
C VAL C 56 25.37 -13.26 29.33
N ALA C 57 24.99 -14.54 29.41
CA ALA C 57 24.94 -15.22 30.71
C ALA C 57 26.32 -15.29 31.34
N GLY C 58 27.35 -15.59 30.56
CA GLY C 58 28.69 -15.67 31.10
C GLY C 58 29.30 -14.32 31.39
N TRP C 59 28.97 -13.30 30.59
CA TRP C 59 29.49 -11.96 30.83
C TRP C 59 28.88 -11.35 32.08
N ILE C 60 27.56 -11.40 32.21
CA ILE C 60 26.89 -10.74 33.32
C ILE C 60 27.17 -11.46 34.64
N LEU C 61 27.35 -12.78 34.58
CA LEU C 61 27.69 -13.52 35.79
C LEU C 61 29.18 -13.42 36.14
N GLY C 62 30.00 -12.89 35.24
CA GLY C 62 31.43 -12.81 35.52
C GLY C 62 32.15 -14.11 35.32
N ASN C 63 32.18 -14.60 34.08
CA ASN C 63 32.89 -15.83 33.78
C ASN C 63 34.37 -15.66 34.12
N PRO C 64 35.00 -16.63 34.80
CA PRO C 64 36.41 -16.46 35.18
C PRO C 64 37.32 -16.26 33.99
N GLU C 65 37.04 -16.91 32.87
CA GLU C 65 37.82 -16.79 31.64
C GLU C 65 37.24 -15.75 30.68
N CYS C 66 36.57 -14.73 31.25
CA CYS C 66 35.99 -13.64 30.46
C CYS C 66 36.26 -12.29 31.10
N GLU C 67 37.26 -12.17 31.97
CA GLU C 67 37.48 -10.98 32.77
C GLU C 67 38.07 -9.81 31.98
N LEU C 68 38.47 -10.02 30.72
CA LEU C 68 39.11 -8.96 29.97
C LEU C 68 38.14 -7.84 29.60
N LEU C 69 36.93 -8.20 29.17
CA LEU C 69 36.00 -7.25 28.57
C LEU C 69 34.96 -6.74 29.55
N ILE C 70 35.33 -6.56 30.82
CA ILE C 70 34.40 -6.07 31.84
C ILE C 70 34.64 -4.60 32.14
N SER C 71 35.24 -3.85 31.22
CA SER C 71 35.51 -2.43 31.40
C SER C 71 34.64 -1.54 30.52
N ARG C 72 33.91 -2.11 29.57
CA ARG C 72 33.13 -1.32 28.63
C ARG C 72 31.98 -0.59 29.31
N GLU C 73 31.81 0.68 28.96
CA GLU C 73 30.71 1.50 29.46
C GLU C 73 29.56 1.37 28.46
N SER C 74 28.57 2.27 28.53
CA SER C 74 27.36 2.20 27.72
C SER C 74 27.67 1.90 26.25
N TRP C 75 26.76 1.18 25.61
CA TRP C 75 26.96 0.69 24.24
C TRP C 75 25.68 0.92 23.46
N SER C 76 25.62 0.34 22.26
CA SER C 76 24.46 0.45 21.38
C SER C 76 23.75 -0.87 21.13
N TYR C 77 24.51 -1.96 20.96
CA TYR C 77 23.94 -3.29 20.89
C TYR C 77 25.00 -4.29 21.32
N ILE C 78 24.63 -5.56 21.31
CA ILE C 78 25.51 -6.65 21.75
C ILE C 78 25.88 -7.50 20.56
N VAL C 79 27.14 -7.91 20.48
CA VAL C 79 27.63 -8.83 19.46
C VAL C 79 28.07 -10.10 20.15
N GLU C 80 27.55 -11.24 19.71
CA GLU C 80 27.80 -12.51 20.36
C GLU C 80 28.21 -13.55 19.33
N LYS C 81 29.01 -14.52 19.77
CA LYS C 81 29.36 -15.63 18.91
C LYS C 81 28.14 -16.50 18.67
N PRO C 82 27.98 -17.05 17.45
CA PRO C 82 26.81 -17.90 17.17
C PRO C 82 26.62 -19.04 18.17
N ASN C 83 27.72 -19.67 18.60
CA ASN C 83 27.67 -20.69 19.65
C ASN C 83 28.76 -20.39 20.66
N PRO C 84 28.49 -19.52 21.63
CA PRO C 84 29.53 -19.13 22.59
C PRO C 84 29.97 -20.33 23.43
N GLU C 85 31.27 -20.63 23.38
CA GLU C 85 31.80 -21.79 24.08
C GLU C 85 31.86 -21.56 25.59
N ASN C 86 31.91 -20.30 26.02
CA ASN C 86 32.09 -19.97 27.43
C ASN C 86 30.87 -19.18 27.90
N GLY C 87 29.89 -19.89 28.46
CA GLY C 87 28.70 -19.27 28.99
C GLY C 87 28.62 -19.43 30.49
N THR C 88 27.72 -20.29 30.95
CA THR C 88 27.63 -20.64 32.37
C THR C 88 28.59 -21.82 32.60
N CYS C 89 29.73 -21.53 33.24
CA CYS C 89 30.70 -22.59 33.50
C CYS C 89 30.11 -23.66 34.40
N TYR C 90 29.35 -23.27 35.40
CA TYR C 90 28.61 -24.23 36.21
C TYR C 90 27.25 -24.49 35.57
N PRO C 91 26.91 -25.74 35.27
CA PRO C 91 25.65 -26.02 34.58
C PRO C 91 24.44 -25.57 35.39
N GLY C 92 23.42 -25.09 34.71
CA GLY C 92 22.21 -24.65 35.38
C GLY C 92 21.30 -23.92 34.42
N HIS C 93 20.15 -23.51 34.95
CA HIS C 93 19.11 -22.84 34.19
C HIS C 93 19.08 -21.36 34.55
N PHE C 94 19.09 -20.50 33.53
CA PHE C 94 19.03 -19.05 33.73
C PHE C 94 17.58 -18.61 33.58
N ALA C 95 16.96 -18.20 34.68
CA ALA C 95 15.55 -17.84 34.66
C ALA C 95 15.35 -16.51 33.95
N ASP C 96 14.37 -16.47 33.05
CA ASP C 96 14.04 -15.27 32.28
C ASP C 96 15.27 -14.76 31.52
N TYR C 97 16.02 -15.68 30.93
CA TYR C 97 17.27 -15.33 30.26
C TYR C 97 17.02 -14.50 29.00
N GLU C 98 16.02 -14.88 28.21
CA GLU C 98 15.69 -14.12 27.01
C GLU C 98 15.11 -12.75 27.35
N GLU C 99 14.54 -12.58 28.54
CA GLU C 99 14.11 -11.26 28.98
C GLU C 99 15.29 -10.40 29.39
N LEU C 100 16.27 -10.99 30.09
CA LEU C 100 17.47 -10.24 30.44
C LEU C 100 18.25 -9.80 29.21
N ARG C 101 18.32 -10.66 28.20
CA ARG C 101 18.99 -10.27 26.97
C ARG C 101 18.33 -9.07 26.31
N GLU C 102 17.00 -8.95 26.44
CA GLU C 102 16.30 -7.80 25.91
C GLU C 102 16.52 -6.56 26.76
N GLN C 103 16.60 -6.74 28.09
CA GLN C 103 16.85 -5.61 28.98
C GLN C 103 18.23 -5.01 28.73
N LEU C 104 19.24 -5.85 28.53
CA LEU C 104 20.62 -5.41 28.45
C LEU C 104 21.09 -5.13 27.03
N SER C 105 20.20 -5.22 26.03
CA SER C 105 20.63 -5.06 24.65
C SER C 105 21.14 -3.66 24.36
N SER C 106 20.76 -2.65 25.14
CA SER C 106 21.22 -1.29 24.94
C SER C 106 21.02 -0.52 26.23
N VAL C 107 22.12 -0.03 26.81
CA VAL C 107 22.07 0.76 28.03
C VAL C 107 22.65 2.14 27.76
N SER C 108 22.28 3.10 28.62
CA SER C 108 22.75 4.46 28.50
C SER C 108 23.87 4.81 29.48
N SER C 109 23.92 4.14 30.62
CA SER C 109 25.04 4.29 31.55
C SER C 109 25.10 3.03 32.39
N PHE C 110 26.27 2.39 32.43
CA PHE C 110 26.45 1.11 33.09
C PHE C 110 27.56 1.23 34.11
N GLU C 111 27.29 0.81 35.35
CA GLU C 111 28.27 0.91 36.43
C GLU C 111 28.25 -0.38 37.23
N ARG C 112 29.35 -1.11 37.20
CA ARG C 112 29.51 -2.34 37.96
C ARG C 112 30.04 -2.00 39.34
N PHE C 113 29.19 -2.11 40.37
CA PHE C 113 29.58 -1.67 41.71
C PHE C 113 29.39 -2.80 42.71
N GLU C 114 29.93 -2.60 43.90
CA GLU C 114 29.85 -3.58 44.99
C GLU C 114 28.55 -3.43 45.75
N ILE C 115 27.74 -4.48 45.76
CA ILE C 115 26.51 -4.50 46.54
C ILE C 115 26.72 -5.17 47.89
N PHE C 116 27.66 -6.11 47.97
CA PHE C 116 27.99 -6.80 49.22
C PHE C 116 29.49 -7.06 49.25
N PRO C 117 30.34 -6.16 49.83
CA PRO C 117 31.75 -6.46 49.95
C PRO C 117 31.98 -7.71 50.79
N LYS C 118 32.65 -8.73 50.23
CA LYS C 118 32.82 -10.02 50.95
C LYS C 118 33.81 -9.85 52.11
N GLU C 119 34.53 -8.72 52.15
CA GLU C 119 35.49 -8.42 53.23
C GLU C 119 34.74 -8.34 54.57
N SER C 120 33.57 -7.70 54.57
CA SER C 120 32.85 -7.36 55.83
C SER C 120 31.57 -8.20 55.95
N SER C 121 30.92 -8.48 54.81
CA SER C 121 29.46 -8.76 54.80
C SER C 121 29.15 -10.16 55.36
N TRP C 122 30.05 -11.13 55.18
CA TRP C 122 29.72 -12.49 55.59
C TRP C 122 30.76 -12.97 56.58
N PRO C 123 30.61 -12.64 57.87
CA PRO C 123 31.64 -13.02 58.85
C PRO C 123 31.59 -14.48 59.26
N ASN C 124 30.39 -15.08 59.25
CA ASN C 124 30.21 -16.45 59.71
C ASN C 124 30.14 -17.46 58.56
N HIS C 125 30.66 -17.10 57.39
CA HIS C 125 30.65 -18.00 56.25
C HIS C 125 32.01 -17.97 55.56
N THR C 126 32.44 -19.12 55.03
CA THR C 126 33.77 -19.23 54.47
C THR C 126 33.95 -18.34 53.25
N THR C 127 32.94 -18.27 52.38
CA THR C 127 32.95 -17.58 51.09
C THR C 127 34.28 -17.71 50.35
N THR C 128 34.87 -18.91 50.36
CA THR C 128 36.02 -19.22 49.53
C THR C 128 35.76 -20.40 48.60
N GLY C 129 34.49 -20.82 48.46
CA GLY C 129 34.15 -21.94 47.62
C GLY C 129 34.55 -21.74 46.17
N VAL C 130 35.19 -22.76 45.59
CA VAL C 130 35.64 -22.71 44.21
C VAL C 130 35.13 -23.97 43.50
N SER C 131 35.07 -23.87 42.17
CA SER C 131 34.57 -24.95 41.34
C SER C 131 35.63 -25.35 40.32
N ALA C 132 35.68 -26.65 40.01
CA ALA C 132 36.62 -27.13 39.00
C ALA C 132 36.14 -26.82 37.59
N SER C 133 34.83 -26.84 37.36
CA SER C 133 34.31 -26.53 36.03
C SER C 133 34.65 -25.10 35.63
N CYS C 134 34.52 -24.15 36.56
CA CYS C 134 34.94 -22.78 36.34
C CYS C 134 36.43 -22.74 36.67
N SER C 135 37.27 -22.96 35.66
CA SER C 135 38.71 -23.10 35.84
C SER C 135 39.41 -21.94 35.14
N HIS C 136 40.34 -21.31 35.85
CA HIS C 136 41.16 -20.24 35.31
C HIS C 136 42.63 -20.60 35.49
N ASN C 137 43.36 -20.69 34.38
CA ASN C 137 44.80 -21.00 34.39
C ASN C 137 45.09 -22.30 35.13
N GLY C 138 44.22 -23.30 34.99
CA GLY C 138 44.41 -24.59 35.61
C GLY C 138 44.02 -24.67 37.06
N GLU C 139 43.68 -23.56 37.70
CA GLU C 139 43.24 -23.55 39.08
C GLU C 139 41.73 -23.42 39.15
N SER C 140 41.14 -24.07 40.15
CA SER C 140 39.69 -23.98 40.35
C SER C 140 39.29 -22.54 40.65
N SER C 141 38.12 -22.15 40.17
CA SER C 141 37.67 -20.77 40.30
C SER C 141 36.14 -20.75 40.28
N PHE C 142 35.59 -19.54 40.34
CA PHE C 142 34.14 -19.34 40.33
C PHE C 142 33.85 -18.00 39.68
N TYR C 143 32.57 -17.67 39.57
CA TYR C 143 32.17 -16.39 39.00
C TYR C 143 32.71 -15.24 39.85
N LYS C 144 32.94 -14.11 39.20
CA LYS C 144 33.47 -12.94 39.88
C LYS C 144 32.37 -12.03 40.43
N ASN C 145 31.18 -12.05 39.82
CA ASN C 145 30.07 -11.23 40.28
C ASN C 145 29.19 -11.94 41.31
N LEU C 146 29.42 -13.24 41.53
CA LEU C 146 28.69 -14.01 42.53
C LEU C 146 29.70 -14.68 43.44
N LEU C 147 29.31 -14.89 44.69
CA LEU C 147 30.16 -15.62 45.63
C LEU C 147 29.38 -16.80 46.20
N TRP C 148 30.02 -17.97 46.21
CA TRP C 148 29.43 -19.19 46.73
C TRP C 148 29.62 -19.20 48.25
N LEU C 149 28.52 -19.22 48.98
CA LEU C 149 28.58 -19.24 50.43
C LEU C 149 28.60 -20.68 50.94
N THR C 150 29.33 -20.89 52.03
CA THR C 150 29.41 -22.20 52.65
C THR C 150 29.49 -22.02 54.15
N GLY C 151 29.11 -23.07 54.88
CA GLY C 151 29.16 -23.05 56.32
C GLY C 151 30.56 -22.92 56.88
N LYS C 152 30.77 -21.97 57.78
CA LYS C 152 32.05 -21.77 58.43
C LYS C 152 32.00 -22.30 59.86
N ASN C 153 33.06 -23.00 60.25
CA ASN C 153 33.18 -23.70 61.53
C ASN C 153 32.13 -24.80 61.70
N GLY C 154 31.52 -25.24 60.61
CA GLY C 154 30.56 -26.33 60.66
C GLY C 154 29.11 -25.92 60.78
N LEU C 155 28.80 -24.63 60.62
CA LEU C 155 27.42 -24.17 60.74
C LEU C 155 27.14 -23.13 59.66
N TYR C 156 25.87 -23.05 59.25
CA TYR C 156 25.40 -22.09 58.27
C TYR C 156 24.37 -21.20 58.96
N PRO C 157 24.81 -20.10 59.58
CA PRO C 157 23.87 -19.28 60.35
C PRO C 157 22.78 -18.66 59.47
N ASN C 158 21.64 -18.38 60.09
CA ASN C 158 20.52 -17.80 59.38
C ASN C 158 20.90 -16.44 58.81
N LEU C 159 20.97 -16.37 57.49
CA LEU C 159 21.40 -15.17 56.80
C LEU C 159 20.30 -14.12 56.79
N SER C 160 20.71 -12.85 56.76
CA SER C 160 19.76 -11.74 56.63
C SER C 160 20.54 -10.53 56.12
N LYS C 161 20.25 -10.11 54.88
CA LYS C 161 20.90 -8.96 54.29
C LYS C 161 19.88 -8.08 53.59
N SER C 162 20.14 -6.78 53.59
CA SER C 162 19.27 -5.81 52.94
C SER C 162 20.13 -4.81 52.17
N TYR C 163 19.62 -4.38 51.02
CA TYR C 163 20.25 -3.33 50.23
C TYR C 163 19.19 -2.34 49.78
N ALA C 164 19.38 -1.07 50.12
CA ALA C 164 18.47 0.00 49.73
C ALA C 164 19.08 0.77 48.56
N ASN C 165 18.33 0.91 47.48
CA ASN C 165 18.83 1.56 46.28
C ASN C 165 18.80 3.07 46.44
N ASN C 166 19.93 3.72 46.16
CA ASN C 166 20.03 5.17 46.24
C ASN C 166 20.88 5.73 45.11
N LYS C 167 20.89 5.07 43.95
CA LYS C 167 21.72 5.45 42.83
C LYS C 167 20.99 6.26 41.78
N GLU C 168 19.72 6.62 42.04
CA GLU C 168 18.88 7.31 41.05
C GLU C 168 18.83 6.55 39.72
N LYS C 169 19.00 5.23 39.80
CA LYS C 169 19.04 4.39 38.61
C LYS C 169 18.47 3.02 38.95
N GLU C 170 18.06 2.30 37.92
CA GLU C 170 17.73 0.89 38.08
C GLU C 170 18.99 0.11 38.42
N VAL C 171 18.86 -0.85 39.33
CA VAL C 171 19.98 -1.68 39.75
C VAL C 171 19.64 -3.13 39.44
N LEU C 172 20.44 -3.75 38.58
CA LEU C 172 20.28 -5.16 38.26
C LEU C 172 21.06 -6.00 39.26
N VAL C 173 20.37 -6.94 39.90
CA VAL C 173 20.95 -7.82 40.91
C VAL C 173 20.81 -9.26 40.43
N LEU C 174 21.92 -9.99 40.47
CA LEU C 174 21.97 -11.40 40.11
C LEU C 174 22.21 -12.23 41.38
N TRP C 175 21.64 -13.43 41.41
CA TRP C 175 21.97 -14.39 42.46
C TRP C 175 21.66 -15.78 41.94
N GLY C 176 21.85 -16.78 42.80
CA GLY C 176 21.65 -18.15 42.41
C GLY C 176 21.27 -19.03 43.57
N VAL C 177 20.75 -20.21 43.23
CA VAL C 177 20.39 -21.23 44.21
C VAL C 177 21.03 -22.55 43.80
N HIS C 178 21.67 -23.21 44.76
CA HIS C 178 22.46 -24.41 44.51
C HIS C 178 21.67 -25.65 44.88
N HIS C 179 21.63 -26.62 43.95
CA HIS C 179 20.98 -27.90 44.20
C HIS C 179 22.04 -29.00 44.23
N PRO C 180 22.43 -29.49 45.40
CA PRO C 180 23.43 -30.55 45.46
C PRO C 180 22.92 -31.81 44.78
N PRO C 181 23.80 -32.58 44.15
CA PRO C 181 23.35 -33.78 43.42
C PRO C 181 22.74 -34.84 44.32
N ASN C 182 23.44 -35.17 45.40
CA ASN C 182 22.96 -36.13 46.38
C ASN C 182 22.77 -35.42 47.72
N ILE C 183 22.00 -36.06 48.60
CA ILE C 183 21.74 -35.48 49.92
C ILE C 183 23.03 -35.39 50.73
N GLY C 184 24.00 -36.26 50.45
CA GLY C 184 25.27 -36.18 51.17
C GLY C 184 26.02 -34.89 50.90
N ASP C 185 25.98 -34.41 49.65
CA ASP C 185 26.60 -33.13 49.34
C ASP C 185 25.95 -32.01 50.12
N GLN C 186 24.62 -32.02 50.22
CA GLN C 186 23.91 -30.99 50.96
C GLN C 186 24.28 -31.04 52.45
N ARG C 187 24.35 -32.23 53.03
CA ARG C 187 24.76 -32.34 54.43
C ARG C 187 26.19 -31.82 54.61
N ALA C 188 27.09 -32.18 53.70
CA ALA C 188 28.48 -31.74 53.84
C ALA C 188 28.61 -30.23 53.71
N LEU C 189 27.86 -29.63 52.79
CA LEU C 189 28.03 -28.20 52.52
C LEU C 189 27.26 -27.34 53.52
N TYR C 190 25.94 -27.50 53.59
CA TYR C 190 25.09 -26.57 54.33
C TYR C 190 24.58 -27.13 55.65
N HIS C 191 24.90 -28.39 55.96
CA HIS C 191 24.63 -29.02 57.25
C HIS C 191 23.15 -29.13 57.58
N LYS C 192 22.26 -28.89 56.61
CA LYS C 192 20.83 -29.01 56.83
C LYS C 192 20.19 -29.65 55.61
N GLU C 193 19.29 -30.62 55.85
CA GLU C 193 18.68 -31.35 54.75
C GLU C 193 17.79 -30.45 53.91
N ASN C 194 16.96 -29.63 54.57
CA ASN C 194 16.02 -28.76 53.89
C ASN C 194 16.35 -27.31 54.22
N ALA C 195 16.55 -26.50 53.18
CA ALA C 195 16.87 -25.09 53.32
C ALA C 195 15.89 -24.28 52.46
N TYR C 196 16.12 -22.96 52.43
CA TYR C 196 15.28 -22.07 51.64
C TYR C 196 16.07 -20.83 51.30
N VAL C 197 15.61 -20.13 50.26
CA VAL C 197 16.14 -18.82 49.90
C VAL C 197 14.95 -17.89 49.65
N SER C 198 14.84 -16.84 50.46
CA SER C 198 13.76 -15.88 50.32
C SER C 198 14.33 -14.58 49.77
N VAL C 199 13.82 -14.15 48.63
CA VAL C 199 14.19 -12.86 48.05
C VAL C 199 12.93 -11.99 48.06
N VAL C 200 12.99 -10.89 48.80
CA VAL C 200 11.82 -10.05 49.04
C VAL C 200 12.13 -8.64 48.56
N SER C 201 11.31 -8.15 47.63
CA SER C 201 11.39 -6.77 47.15
C SER C 201 10.01 -6.16 47.20
N SER C 202 9.90 -4.88 46.83
CA SER C 202 8.60 -4.23 46.83
C SER C 202 7.70 -4.77 45.73
N HIS C 203 8.29 -5.26 44.63
CA HIS C 203 7.54 -5.81 43.51
C HIS C 203 8.04 -7.19 43.11
N TYR C 204 9.03 -7.73 43.80
CA TYR C 204 9.51 -9.09 43.58
C TYR C 204 9.47 -9.83 44.92
N SER C 205 9.04 -11.09 44.87
CA SER C 205 8.93 -11.89 46.09
C SER C 205 8.96 -13.35 45.70
N ARG C 206 9.94 -14.09 46.18
CA ARG C 206 10.01 -15.51 45.84
C ARG C 206 10.72 -16.29 46.95
N LYS C 207 10.30 -17.55 47.08
CA LYS C 207 10.96 -18.52 47.93
C LYS C 207 11.43 -19.68 47.07
N PHE C 208 12.70 -20.07 47.25
CA PHE C 208 13.30 -21.16 46.50
C PHE C 208 13.67 -22.27 47.45
N THR C 209 13.34 -23.50 47.06
CA THR C 209 13.65 -24.68 47.83
C THR C 209 14.57 -25.60 47.03
N PRO C 210 15.67 -26.06 47.62
CA PRO C 210 16.59 -26.94 46.89
C PRO C 210 15.91 -28.23 46.48
N GLU C 211 16.19 -28.66 45.25
CA GLU C 211 15.68 -29.92 44.71
C GLU C 211 16.88 -30.81 44.42
N ILE C 212 17.08 -31.82 45.25
CA ILE C 212 18.24 -32.69 45.17
C ILE C 212 17.88 -33.90 44.30
N ALA C 213 18.64 -34.09 43.21
CA ALA C 213 18.35 -35.17 42.28
C ALA C 213 19.61 -35.53 41.51
N LYS C 214 19.75 -36.81 41.19
CA LYS C 214 20.86 -37.29 40.38
C LYS C 214 20.61 -36.91 38.93
N ARG C 215 21.51 -36.13 38.35
CA ARG C 215 21.30 -35.52 37.04
C ARG C 215 22.45 -35.88 36.11
N PRO C 216 22.22 -35.82 34.80
CA PRO C 216 23.30 -36.14 33.85
C PRO C 216 24.49 -35.22 34.02
N LYS C 217 25.69 -35.78 33.82
CA LYS C 217 26.92 -35.06 34.06
C LYS C 217 27.22 -34.11 32.90
N VAL C 218 27.30 -32.81 33.20
CA VAL C 218 27.73 -31.80 32.25
C VAL C 218 28.84 -30.99 32.89
N ARG C 219 29.94 -30.80 32.17
CA ARG C 219 31.11 -30.09 32.68
C ARG C 219 31.64 -30.74 33.96
N ASP C 220 31.54 -32.08 34.01
CA ASP C 220 32.01 -32.86 35.15
C ASP C 220 31.34 -32.41 36.46
N GLN C 221 30.06 -32.09 36.39
CA GLN C 221 29.28 -31.73 37.56
C GLN C 221 27.98 -32.51 37.57
N GLU C 222 27.47 -32.75 38.78
CA GLU C 222 26.30 -33.59 38.97
C GLU C 222 25.07 -32.85 39.47
N GLY C 223 25.26 -31.68 40.09
CA GLY C 223 24.13 -30.90 40.57
C GLY C 223 24.15 -29.47 40.09
N ARG C 224 23.09 -29.05 39.41
CA ARG C 224 23.03 -27.73 38.80
C ARG C 224 22.78 -26.66 39.87
N ILE C 225 22.98 -25.40 39.47
CA ILE C 225 22.55 -24.24 40.23
C ILE C 225 21.82 -23.30 39.27
N ASN C 226 20.72 -22.73 39.76
CA ASN C 226 19.86 -21.88 38.94
C ASN C 226 20.14 -20.40 39.23
N TYR C 227 20.16 -19.60 38.18
CA TYR C 227 20.50 -18.18 38.27
C TYR C 227 19.24 -17.34 38.09
N TYR C 228 19.02 -16.42 39.02
CA TYR C 228 17.90 -15.49 38.98
C TYR C 228 18.39 -14.06 38.99
N TRP C 229 17.55 -13.16 38.51
CA TRP C 229 17.89 -11.75 38.45
C TRP C 229 16.67 -10.91 38.78
N THR C 230 16.93 -9.67 39.19
CA THR C 230 15.84 -8.72 39.42
C THR C 230 16.33 -7.32 39.17
N LEU C 231 15.38 -6.42 38.92
CA LEU C 231 15.64 -5.00 38.71
C LEU C 231 15.05 -4.22 39.88
N LEU C 232 15.89 -3.41 40.52
CA LEU C 232 15.51 -2.64 41.69
C LEU C 232 15.34 -1.19 41.29
N GLU C 233 14.18 -0.63 41.59
CA GLU C 233 13.86 0.77 41.31
C GLU C 233 14.58 1.68 42.30
N PRO C 234 14.77 2.96 41.93
CA PRO C 234 15.34 3.91 42.90
C PRO C 234 14.47 4.04 44.14
N GLY C 235 15.14 4.13 45.28
CA GLY C 235 14.45 4.21 46.56
C GLY C 235 13.88 2.91 47.08
N ASP C 236 14.15 1.79 46.40
CA ASP C 236 13.62 0.49 46.79
C ASP C 236 14.66 -0.30 47.58
N THR C 237 14.17 -1.32 48.28
CA THR C 237 15.01 -2.17 49.11
C THR C 237 14.78 -3.62 48.74
N ILE C 238 15.87 -4.39 48.64
CA ILE C 238 15.82 -5.82 48.40
C ILE C 238 16.42 -6.54 49.60
N ILE C 239 15.74 -7.60 50.04
CA ILE C 239 16.14 -8.37 51.20
C ILE C 239 16.43 -9.81 50.78
N PHE C 240 17.60 -10.30 51.14
CA PHE C 240 18.01 -11.68 50.93
C PHE C 240 18.05 -12.39 52.26
N GLU C 241 17.33 -13.52 52.36
CA GLU C 241 17.41 -14.38 53.52
C GLU C 241 17.61 -15.81 53.05
N ALA C 242 18.28 -16.61 53.87
CA ALA C 242 18.51 -18.02 53.53
C ALA C 242 19.13 -18.72 54.73
N ASN C 243 19.19 -20.03 54.64
CA ASN C 243 19.97 -20.85 55.55
C ASN C 243 20.71 -21.94 54.78
N GLY C 244 20.89 -21.74 53.48
CA GLY C 244 21.60 -22.68 52.65
C GLY C 244 21.38 -22.45 51.17
N ASN C 245 22.27 -22.99 50.35
CA ASN C 245 22.15 -23.04 48.90
C ASN C 245 22.10 -21.67 48.24
N LEU C 246 22.61 -20.63 48.87
CA LEU C 246 22.58 -19.29 48.31
C LEU C 246 23.91 -18.97 47.63
N ILE C 247 23.84 -18.59 46.36
CA ILE C 247 24.99 -18.05 45.63
C ILE C 247 24.80 -16.55 45.65
N ALA C 248 25.40 -15.89 46.63
CA ALA C 248 25.03 -14.51 46.94
C ALA C 248 25.64 -13.54 45.94
N PRO C 249 25.01 -12.38 45.74
CA PRO C 249 25.57 -11.38 44.84
C PRO C 249 26.84 -10.76 45.41
N ARG C 250 27.77 -10.41 44.52
CA ARG C 250 28.97 -9.66 44.87
C ARG C 250 28.94 -8.27 44.25
N TYR C 251 28.71 -8.18 42.95
CA TYR C 251 28.63 -6.93 42.23
C TYR C 251 27.25 -6.78 41.62
N ALA C 252 26.61 -5.65 41.88
CA ALA C 252 25.38 -5.28 41.20
C ALA C 252 25.71 -4.34 40.06
N PHE C 253 24.74 -4.08 39.20
CA PHE C 253 24.96 -3.27 38.00
C PHE C 253 23.94 -2.15 37.94
N ALA C 254 24.38 -0.93 38.21
CA ALA C 254 23.50 0.23 38.07
C ALA C 254 23.46 0.64 36.61
N LEU C 255 22.28 0.55 35.99
CA LEU C 255 22.18 0.82 34.57
C LEU C 255 21.01 1.75 34.29
N SER C 256 21.20 2.60 33.28
CA SER C 256 20.14 3.45 32.73
C SER C 256 19.79 2.94 31.34
N ARG C 257 18.51 2.74 31.10
CA ARG C 257 18.07 2.04 29.90
C ARG C 257 18.19 2.95 28.67
N GLY C 258 18.44 2.33 27.52
CA GLY C 258 18.59 3.11 26.27
C GLY C 258 17.42 2.88 25.34
N PHE C 259 17.62 3.03 24.03
CA PHE C 259 16.53 2.88 23.04
C PHE C 259 15.94 1.48 23.13
N GLY C 260 16.78 0.47 23.35
CA GLY C 260 16.30 -0.93 23.41
C GLY C 260 16.58 -1.63 22.10
N SER C 261 17.81 -2.11 21.91
CA SER C 261 18.19 -2.78 20.64
C SER C 261 18.08 -4.30 20.81
N GLY C 262 19.12 -5.05 20.42
CA GLY C 262 19.08 -6.52 20.49
C GLY C 262 20.47 -7.12 20.54
N ILE C 263 20.60 -8.37 20.09
CA ILE C 263 21.93 -9.06 20.09
C ILE C 263 22.17 -9.70 18.71
N ILE C 264 23.24 -9.29 18.02
CA ILE C 264 23.59 -9.84 16.71
C ILE C 264 24.59 -10.96 16.91
N ASN C 265 24.30 -12.13 16.34
CA ASN C 265 25.23 -13.26 16.34
C ASN C 265 26.01 -13.23 15.03
N SER C 266 27.30 -12.93 15.12
CA SER C 266 28.10 -12.71 13.92
C SER C 266 29.55 -13.05 14.21
N ASN C 267 30.30 -13.24 13.12
CA ASN C 267 31.74 -13.48 13.18
C ASN C 267 32.53 -12.39 12.45
N ALA C 268 31.88 -11.29 12.07
CA ALA C 268 32.58 -10.21 11.41
C ALA C 268 33.41 -9.42 12.43
N PRO C 269 34.53 -8.83 11.99
CA PRO C 269 35.34 -8.03 12.91
C PRO C 269 34.75 -6.66 13.19
N MET C 270 34.92 -6.17 14.41
CA MET C 270 34.38 -4.86 14.76
C MET C 270 35.33 -3.76 14.30
N ASP C 271 34.79 -2.79 13.55
CA ASP C 271 35.55 -1.66 13.06
C ASP C 271 34.97 -0.37 13.61
N GLU C 272 35.77 0.70 13.53
CA GLU C 272 35.38 2.02 14.01
C GLU C 272 34.51 2.78 13.01
N CYS C 273 33.98 2.11 11.99
CA CYS C 273 33.14 2.79 11.02
C CYS C 273 31.81 3.20 11.64
N ASP C 274 31.13 4.13 10.98
CA ASP C 274 29.85 4.65 11.42
C ASP C 274 28.76 4.23 10.44
N ALA C 275 27.60 3.87 10.96
CA ALA C 275 26.50 3.43 10.13
C ALA C 275 25.18 3.70 10.83
N LYS C 276 24.10 3.71 10.05
CA LYS C 276 22.75 3.89 10.55
C LYS C 276 22.06 2.56 10.84
N CYS C 277 22.21 1.58 9.96
CA CYS C 277 21.65 0.26 10.15
C CYS C 277 22.77 -0.76 10.35
N GLN C 278 22.38 -2.00 10.68
CA GLN C 278 23.36 -3.05 10.89
C GLN C 278 22.70 -4.40 10.69
N THR C 279 23.22 -5.17 9.74
CA THR C 279 22.87 -6.54 9.39
C THR C 279 23.92 -7.48 9.95
N PRO C 280 23.52 -8.66 10.47
CA PRO C 280 24.49 -9.55 11.13
C PRO C 280 25.66 -9.98 10.26
N GLN C 281 25.66 -9.58 8.98
CA GLN C 281 26.82 -9.80 8.12
C GLN C 281 27.59 -8.52 7.84
N GLY C 282 26.96 -7.36 7.95
CA GLY C 282 27.64 -6.09 7.71
C GLY C 282 26.68 -4.92 7.55
N ALA C 283 27.17 -3.71 7.81
CA ALA C 283 26.31 -2.53 7.80
C ALA C 283 25.77 -2.26 6.41
N ILE C 284 24.77 -1.38 6.35
CA ILE C 284 24.07 -1.04 5.12
C ILE C 284 23.99 0.48 5.00
N ASN C 285 24.29 0.99 3.81
CA ASN C 285 24.11 2.41 3.52
C ASN C 285 22.62 2.65 3.33
N SER C 286 21.97 3.17 4.37
CA SER C 286 20.52 3.30 4.38
C SER C 286 20.05 4.53 3.61
N SER C 287 20.47 4.65 2.35
CA SER C 287 20.02 5.73 1.50
C SER C 287 18.86 5.35 0.60
N LEU C 288 18.58 4.06 0.45
CA LEU C 288 17.51 3.53 -0.38
C LEU C 288 16.39 2.98 0.50
N PRO C 289 15.15 2.98 0.00
CA PRO C 289 14.02 2.57 0.87
C PRO C 289 13.96 1.08 1.16
N PHE C 290 14.52 0.23 0.30
CA PHE C 290 14.35 -1.21 0.43
C PHE C 290 15.70 -1.92 0.45
N GLN C 291 15.69 -3.15 0.97
CA GLN C 291 16.89 -3.97 1.06
C GLN C 291 16.49 -5.43 1.09
N ASN C 292 17.36 -6.30 0.58
CA ASN C 292 17.13 -7.74 0.63
C ASN C 292 18.33 -8.49 1.22
N VAL C 293 19.19 -7.80 1.96
CA VAL C 293 20.38 -8.44 2.51
C VAL C 293 19.99 -9.44 3.59
N HIS C 294 19.14 -9.04 4.53
CA HIS C 294 18.77 -9.91 5.64
C HIS C 294 17.44 -9.42 6.22
N PRO C 295 16.61 -10.33 6.72
CA PRO C 295 15.38 -9.88 7.38
C PRO C 295 15.60 -9.25 8.73
N VAL C 296 16.47 -9.85 9.56
CA VAL C 296 16.67 -9.39 10.93
C VAL C 296 17.78 -8.35 10.92
N THR C 297 17.40 -7.09 11.05
CA THR C 297 18.34 -5.97 11.12
C THR C 297 18.24 -5.32 12.49
N ILE C 298 19.02 -4.25 12.67
CA ILE C 298 19.02 -3.48 13.91
C ILE C 298 19.37 -2.04 13.56
N GLY C 299 18.68 -1.09 14.17
CA GLY C 299 18.78 0.30 13.79
C GLY C 299 17.82 0.63 12.66
N GLU C 300 17.72 1.93 12.36
CA GLU C 300 16.83 2.41 11.31
C GLU C 300 17.35 1.94 9.95
N CYS C 301 16.68 0.95 9.39
CA CYS C 301 17.11 0.22 8.20
C CYS C 301 16.02 0.27 7.14
N PRO C 302 16.39 0.13 5.87
CA PRO C 302 15.37 0.02 4.81
C PRO C 302 14.46 -1.18 5.05
N LYS C 303 13.35 -1.19 4.32
CA LYS C 303 12.34 -2.24 4.48
C LYS C 303 12.76 -3.49 3.71
N TYR C 304 12.72 -4.63 4.39
CA TYR C 304 13.08 -5.89 3.75
C TYR C 304 12.00 -6.32 2.77
N VAL C 305 12.43 -6.71 1.57
CA VAL C 305 11.53 -7.23 0.55
C VAL C 305 12.13 -8.51 -0.02
N ARG C 306 11.26 -9.30 -0.65
CA ARG C 306 11.63 -10.59 -1.23
C ARG C 306 11.86 -10.49 -2.73
N SER C 307 12.41 -9.37 -3.19
CA SER C 307 12.65 -9.14 -4.61
C SER C 307 14.14 -9.20 -4.92
N ALA C 308 14.45 -9.67 -6.13
CA ALA C 308 15.83 -9.74 -6.57
C ALA C 308 16.35 -8.40 -7.10
N LYS C 309 15.47 -7.57 -7.66
CA LYS C 309 15.87 -6.27 -8.16
C LYS C 309 14.65 -5.37 -8.29
N LEU C 310 14.83 -4.09 -7.96
CA LEU C 310 13.79 -3.07 -8.12
C LEU C 310 14.42 -1.91 -8.88
N ARG C 311 14.43 -2.00 -10.20
CA ARG C 311 14.99 -0.95 -11.04
C ARG C 311 13.88 0.03 -11.41
N MET C 312 14.09 1.30 -11.13
CA MET C 312 13.16 2.36 -11.51
C MET C 312 13.78 3.11 -12.68
N VAL C 313 13.04 3.19 -13.79
CA VAL C 313 13.58 3.83 -14.98
C VAL C 313 13.63 5.34 -14.77
N THR C 314 14.74 5.95 -15.17
CA THR C 314 14.88 7.39 -15.17
C THR C 314 15.13 7.97 -16.56
N GLY C 315 15.81 7.24 -17.43
CA GLY C 315 15.95 7.64 -18.82
C GLY C 315 14.76 7.19 -19.64
N LEU C 316 14.92 7.29 -20.96
CA LEU C 316 13.86 6.91 -21.88
C LEU C 316 14.24 5.62 -22.61
N ARG C 317 13.38 5.21 -23.53
CA ARG C 317 13.56 3.93 -24.21
C ARG C 317 14.81 3.97 -25.09
N ASN C 318 15.63 2.93 -25.00
CA ASN C 318 16.88 2.86 -25.74
C ASN C 318 16.63 2.07 -27.02
N ILE C 319 16.49 2.78 -28.14
CA ILE C 319 16.28 2.15 -29.44
C ILE C 319 17.29 2.71 -30.42
N PRO C 320 18.55 2.29 -30.37
CA PRO C 320 19.53 2.74 -31.35
C PRO C 320 19.27 2.12 -32.72
N SER C 321 19.73 2.81 -33.75
CA SER C 321 19.56 2.33 -35.11
C SER C 321 20.58 1.25 -35.43
N ILE D 1 9.21 7.57 -27.31
CA ILE D 1 8.18 7.16 -28.26
C ILE D 1 8.69 6.03 -29.15
N ALA D 2 7.75 5.26 -29.69
CA ALA D 2 8.08 4.23 -30.68
C ALA D 2 7.05 4.20 -31.80
N GLY D 3 6.27 5.27 -31.98
CA GLY D 3 5.24 5.32 -32.99
C GLY D 3 5.72 5.99 -34.26
N PHE D 4 5.26 7.23 -34.51
CA PHE D 4 5.64 7.92 -35.73
C PHE D 4 7.09 8.36 -35.73
N ILE D 5 7.77 8.34 -34.59
CA ILE D 5 9.21 8.56 -34.51
C ILE D 5 9.79 7.25 -33.98
N GLU D 6 10.21 6.37 -34.89
CA GLU D 6 10.55 5.00 -34.54
C GLU D 6 12.01 4.80 -34.18
N GLY D 7 12.86 5.81 -34.30
CA GLY D 7 14.28 5.65 -34.06
C GLY D 7 14.83 6.68 -33.10
N GLY D 8 15.64 6.20 -32.15
CA GLY D 8 16.40 7.09 -31.30
C GLY D 8 17.66 7.59 -31.97
N TRP D 9 18.31 8.55 -31.31
CA TRP D 9 19.53 9.18 -31.82
C TRP D 9 20.67 8.90 -30.87
N THR D 10 21.80 8.45 -31.43
CA THR D 10 23.01 8.23 -30.64
C THR D 10 23.98 9.39 -30.73
N GLY D 11 23.93 10.19 -31.79
CA GLY D 11 24.81 11.32 -31.96
C GLY D 11 24.39 12.58 -31.24
N MET D 12 23.23 12.58 -30.59
CA MET D 12 22.78 13.72 -29.78
C MET D 12 23.05 13.39 -28.33
N VAL D 13 24.12 13.99 -27.78
CA VAL D 13 24.57 13.68 -26.43
C VAL D 13 24.22 14.76 -25.41
N ASP D 14 23.69 15.90 -25.85
CA ASP D 14 23.42 17.00 -24.94
C ASP D 14 22.22 16.71 -24.04
N GLY D 15 21.05 16.50 -24.64
CA GLY D 15 19.83 16.37 -23.88
C GLY D 15 19.03 15.16 -24.32
N TRP D 16 17.93 14.92 -23.60
CA TRP D 16 17.06 13.78 -23.90
C TRP D 16 16.27 14.02 -25.18
N TYR D 17 15.74 15.22 -25.37
CA TYR D 17 14.96 15.57 -26.54
C TYR D 17 15.66 16.71 -27.28
N GLY D 18 15.54 16.71 -28.59
CA GLY D 18 16.25 17.71 -29.37
C GLY D 18 15.80 17.73 -30.81
N TYR D 19 16.63 18.36 -31.64
CA TYR D 19 16.35 18.57 -33.05
C TYR D 19 17.47 18.00 -33.91
N HIS D 20 17.26 18.05 -35.23
CA HIS D 20 18.29 17.72 -36.21
C HIS D 20 17.93 18.43 -37.50
N HIS D 21 18.75 19.41 -37.89
CA HIS D 21 18.47 20.23 -39.06
C HIS D 21 19.42 19.88 -40.18
N GLN D 22 18.89 19.73 -41.39
CA GLN D 22 19.69 19.64 -42.61
C GLN D 22 19.57 20.95 -43.34
N ASN D 23 20.71 21.51 -43.73
CA ASN D 23 20.72 22.86 -44.28
C ASN D 23 21.88 22.99 -45.27
N GLU D 24 21.82 24.04 -46.09
CA GLU D 24 22.90 24.31 -47.02
C GLU D 24 24.20 24.67 -46.31
N GLN D 25 24.14 25.04 -45.04
CA GLN D 25 25.32 25.36 -44.26
C GLN D 25 25.87 24.17 -43.47
N GLY D 26 25.07 23.16 -43.22
CA GLY D 26 25.54 21.97 -42.53
C GLY D 26 24.45 21.37 -41.67
N SER D 27 24.68 20.13 -41.27
CA SER D 27 23.78 19.38 -40.40
C SER D 27 24.30 19.39 -38.98
N GLY D 28 23.43 19.03 -38.05
CA GLY D 28 23.81 18.98 -36.65
C GLY D 28 22.70 18.42 -35.79
N TYR D 29 23.10 17.94 -34.61
CA TYR D 29 22.20 17.38 -33.62
C TYR D 29 22.09 18.37 -32.46
N ALA D 30 21.18 19.32 -32.58
CA ALA D 30 20.92 20.25 -31.49
C ALA D 30 20.04 19.59 -30.43
N ALA D 31 19.91 20.26 -29.30
CA ALA D 31 19.08 19.78 -28.21
C ALA D 31 18.12 20.87 -27.77
N ASP D 32 16.94 20.45 -27.33
CA ASP D 32 15.94 21.37 -26.78
C ASP D 32 16.15 21.41 -25.27
N GLN D 33 16.78 22.48 -24.80
CA GLN D 33 17.26 22.61 -23.43
C GLN D 33 16.15 22.72 -22.40
N LYS D 34 15.11 23.49 -22.71
CA LYS D 34 14.03 23.71 -21.75
C LYS D 34 13.30 22.40 -21.42
N SER D 35 12.96 21.62 -22.45
CA SER D 35 12.25 20.38 -22.22
C SER D 35 13.10 19.38 -21.46
N THR D 36 14.38 19.27 -21.78
CA THR D 36 15.20 18.27 -21.10
C THR D 36 15.47 18.67 -19.65
N GLN D 37 15.62 19.96 -19.34
CA GLN D 37 15.76 20.34 -17.94
C GLN D 37 14.45 20.20 -17.18
N ASN D 38 13.31 20.49 -17.82
CA ASN D 38 12.04 20.24 -17.16
C ASN D 38 11.87 18.76 -16.83
N ALA D 39 12.22 17.90 -17.79
CA ALA D 39 12.15 16.45 -17.56
C ALA D 39 13.11 16.02 -16.46
N ILE D 40 14.32 16.59 -16.44
CA ILE D 40 15.29 16.22 -15.41
C ILE D 40 14.78 16.64 -14.03
N ASN D 41 14.21 17.84 -13.93
CA ASN D 41 13.61 18.28 -12.67
C ASN D 41 12.47 17.35 -12.24
N GLY D 42 11.61 16.97 -13.19
CA GLY D 42 10.51 16.07 -12.86
C GLY D 42 10.99 14.72 -12.38
N ILE D 43 11.97 14.13 -13.07
CA ILE D 43 12.47 12.82 -12.68
C ILE D 43 13.21 12.89 -11.36
N THR D 44 13.95 13.99 -11.11
CA THR D 44 14.60 14.16 -9.83
C THR D 44 13.58 14.24 -8.70
N ASN D 45 12.51 15.00 -8.91
CA ASN D 45 11.45 15.08 -7.91
C ASN D 45 10.81 13.71 -7.69
N LYS D 46 10.58 12.95 -8.76
CA LYS D 46 9.96 11.64 -8.65
C LYS D 46 10.84 10.69 -7.82
N VAL D 47 12.13 10.63 -8.16
CA VAL D 47 13.03 9.73 -7.44
C VAL D 47 13.16 10.15 -5.98
N ASN D 48 13.31 11.45 -5.73
CA ASN D 48 13.44 11.91 -4.35
C ASN D 48 12.17 11.69 -3.54
N SER D 49 11.00 11.82 -4.17
CA SER D 49 9.76 11.53 -3.46
C SER D 49 9.63 10.05 -3.15
N VAL D 50 10.04 9.19 -4.08
CA VAL D 50 9.96 7.75 -3.83
C VAL D 50 10.93 7.35 -2.72
N ILE D 51 12.13 7.94 -2.69
CA ILE D 51 13.15 7.50 -1.75
C ILE D 51 12.95 8.15 -0.37
N GLU D 52 12.79 9.47 -0.34
CA GLU D 52 12.86 10.24 0.90
C GLU D 52 11.57 10.20 1.71
N LYS D 53 10.46 9.73 1.15
CA LYS D 53 9.23 9.63 1.94
C LYS D 53 9.28 8.48 2.95
N MET D 54 10.30 7.63 2.88
CA MET D 54 10.43 6.51 3.81
C MET D 54 11.23 6.99 5.02
N ASN D 55 10.52 7.40 6.06
CA ASN D 55 11.12 7.74 7.34
C ASN D 55 10.90 6.59 8.31
N THR D 56 12.00 6.06 8.85
CA THR D 56 11.96 4.88 9.71
C THR D 56 12.59 5.20 11.04
N GLN D 57 12.00 4.70 12.11
CA GLN D 57 12.52 4.87 13.46
C GLN D 57 13.50 3.76 13.80
N PHE D 58 14.17 3.93 14.94
CA PHE D 58 15.11 2.90 15.42
C PHE D 58 14.34 1.69 15.91
N THR D 59 14.57 0.55 15.27
CA THR D 59 13.89 -0.69 15.64
C THR D 59 14.84 -1.87 15.52
N ALA D 60 14.56 -2.90 16.30
CA ALA D 60 15.20 -4.21 16.18
C ALA D 60 14.11 -5.22 15.91
N VAL D 61 14.18 -5.90 14.77
CA VAL D 61 13.08 -6.74 14.31
C VAL D 61 13.29 -8.18 14.75
N GLY D 62 14.29 -8.43 15.59
CA GLY D 62 14.55 -9.77 16.07
C GLY D 62 14.20 -9.97 17.52
N LYS D 63 13.48 -11.05 17.82
CA LYS D 63 13.10 -11.38 19.19
C LYS D 63 13.46 -12.83 19.47
N GLU D 64 13.60 -13.15 20.76
CA GLU D 64 13.97 -14.49 21.20
C GLU D 64 12.93 -15.00 22.19
N PHE D 65 12.41 -16.19 21.93
CA PHE D 65 11.43 -16.83 22.80
C PHE D 65 11.89 -18.23 23.17
N ASN D 66 11.54 -18.66 24.38
CA ASN D 66 11.92 -19.98 24.86
C ASN D 66 10.95 -21.01 24.28
N LYS D 67 10.98 -22.23 24.83
CA LYS D 67 10.25 -23.35 24.28
C LYS D 67 8.83 -23.48 24.82
N LEU D 68 8.41 -22.58 25.71
CA LEU D 68 7.04 -22.60 26.22
C LEU D 68 6.25 -21.38 25.76
N GLU D 69 6.77 -20.65 24.78
CA GLU D 69 6.15 -19.41 24.30
C GLU D 69 6.09 -19.40 22.78
N ARG D 70 5.64 -20.51 22.19
CA ARG D 70 5.57 -20.60 20.74
C ARG D 70 4.39 -19.86 20.13
N ARG D 71 3.31 -19.64 20.89
CA ARG D 71 2.26 -18.76 20.38
C ARG D 71 2.80 -17.36 20.15
N MET D 72 3.62 -16.86 21.09
CA MET D 72 4.28 -15.58 20.91
C MET D 72 5.19 -15.58 19.69
N GLU D 73 5.97 -16.65 19.53
CA GLU D 73 6.90 -16.74 18.41
C GLU D 73 6.16 -16.74 17.08
N ASN D 74 5.05 -17.47 16.99
CA ASN D 74 4.28 -17.50 15.76
C ASN D 74 3.56 -16.18 15.52
N LEU D 75 3.13 -15.49 16.57
CA LEU D 75 2.55 -14.15 16.38
C LEU D 75 3.59 -13.19 15.84
N ASN D 76 4.81 -13.22 16.39
CA ASN D 76 5.87 -12.36 15.89
C ASN D 76 6.25 -12.71 14.45
N LYS D 77 6.29 -14.00 14.14
CA LYS D 77 6.56 -14.44 12.78
C LYS D 77 5.47 -13.98 11.83
N LYS D 78 4.21 -14.04 12.26
CA LYS D 78 3.11 -13.56 11.44
C LYS D 78 3.24 -12.07 11.19
N VAL D 79 3.60 -11.29 12.21
CA VAL D 79 3.78 -9.85 12.04
C VAL D 79 4.89 -9.58 11.02
N ASP D 80 6.03 -10.24 11.19
CA ASP D 80 7.16 -10.01 10.29
C ASP D 80 6.82 -10.40 8.87
N ASP D 81 6.20 -11.57 8.68
CA ASP D 81 5.88 -12.06 7.35
C ASP D 81 4.81 -11.20 6.69
N GLY D 82 3.82 -10.73 7.46
CA GLY D 82 2.83 -9.84 6.90
C GLY D 82 3.43 -8.52 6.45
N PHE D 83 4.33 -7.95 7.27
CA PHE D 83 5.00 -6.72 6.86
C PHE D 83 5.82 -6.93 5.61
N ILE D 84 6.55 -8.05 5.53
CA ILE D 84 7.36 -8.35 4.35
C ILE D 84 6.47 -8.50 3.12
N ASP D 85 5.34 -9.21 3.27
CA ASP D 85 4.43 -9.40 2.13
C ASP D 85 3.88 -8.07 1.65
N ILE D 86 3.42 -7.22 2.58
CA ILE D 86 2.87 -5.93 2.20
C ILE D 86 3.92 -5.10 1.48
N TRP D 87 5.13 -5.01 2.06
CA TRP D 87 6.16 -4.16 1.47
C TRP D 87 6.61 -4.69 0.12
N THR D 88 6.75 -6.02 -0.01
CA THR D 88 7.17 -6.59 -1.30
C THR D 88 6.13 -6.33 -2.37
N TYR D 89 4.86 -6.63 -2.09
CA TYR D 89 3.81 -6.41 -3.08
C TYR D 89 3.72 -4.95 -3.47
N ASN D 90 3.71 -4.06 -2.47
CA ASN D 90 3.60 -2.63 -2.74
C ASN D 90 4.79 -2.12 -3.54
N ALA D 91 6.01 -2.53 -3.17
CA ALA D 91 7.20 -2.05 -3.87
C ALA D 91 7.22 -2.52 -5.32
N GLU D 92 6.91 -3.80 -5.56
CA GLU D 92 6.94 -4.29 -6.94
C GLU D 92 5.86 -3.62 -7.79
N LEU D 93 4.63 -3.53 -7.27
CA LEU D 93 3.57 -2.89 -8.03
C LEU D 93 3.88 -1.41 -8.26
N LEU D 94 4.42 -0.73 -7.24
CA LEU D 94 4.77 0.67 -7.39
C LEU D 94 5.85 0.86 -8.45
N VAL D 95 6.88 0.02 -8.45
CA VAL D 95 7.94 0.16 -9.44
C VAL D 95 7.39 -0.07 -10.85
N LEU D 96 6.54 -1.09 -11.02
CA LEU D 96 5.96 -1.35 -12.34
C LEU D 96 5.13 -0.15 -12.82
N LEU D 97 4.22 0.34 -11.97
CA LEU D 97 3.35 1.43 -12.36
C LEU D 97 4.14 2.71 -12.61
N GLU D 98 5.15 2.99 -11.80
CA GLU D 98 5.94 4.20 -12.01
C GLU D 98 6.82 4.10 -13.24
N ASN D 99 7.30 2.90 -13.59
CA ASN D 99 8.02 2.76 -14.84
C ASN D 99 7.11 3.05 -16.03
N GLU D 100 5.87 2.53 -15.98
CA GLU D 100 4.91 2.87 -17.03
C GLU D 100 4.65 4.37 -17.08
N ARG D 101 4.49 5.01 -15.92
CA ARG D 101 4.23 6.44 -15.89
C ARG D 101 5.40 7.24 -16.43
N THR D 102 6.63 6.84 -16.10
CA THR D 102 7.82 7.54 -16.59
C THR D 102 7.96 7.41 -18.10
N LEU D 103 7.73 6.22 -18.64
CA LEU D 103 7.81 6.06 -20.08
C LEU D 103 6.73 6.88 -20.79
N ASP D 104 5.52 6.91 -20.22
CA ASP D 104 4.49 7.78 -20.77
C ASP D 104 4.85 9.25 -20.66
N PHE D 105 5.55 9.63 -19.59
CA PHE D 105 5.99 11.00 -19.40
C PHE D 105 6.97 11.41 -20.50
N HIS D 106 7.94 10.55 -20.80
CA HIS D 106 8.88 10.84 -21.89
C HIS D 106 8.16 10.87 -23.24
N ASP D 107 7.21 9.96 -23.45
CA ASP D 107 6.38 9.99 -24.65
C ASP D 107 5.66 11.33 -24.79
N SER D 108 5.06 11.81 -23.71
CA SER D 108 4.33 13.07 -23.75
C SER D 108 5.27 14.24 -24.02
N ASN D 109 6.47 14.21 -23.44
CA ASN D 109 7.43 15.28 -23.71
C ASN D 109 7.80 15.33 -25.18
N VAL D 110 8.10 14.18 -25.78
CA VAL D 110 8.47 14.15 -27.19
C VAL D 110 7.30 14.63 -28.05
N LYS D 111 6.09 14.14 -27.76
CA LYS D 111 4.94 14.55 -28.58
C LYS D 111 4.64 16.03 -28.41
N ASN D 112 4.76 16.56 -27.20
CA ASN D 112 4.52 17.98 -26.98
C ASN D 112 5.53 18.82 -27.73
N LEU D 113 6.79 18.40 -27.74
CA LEU D 113 7.79 19.10 -28.55
C LEU D 113 7.42 19.06 -30.04
N TYR D 114 6.94 17.90 -30.51
CA TYR D 114 6.57 17.78 -31.91
C TYR D 114 5.42 18.73 -32.27
N GLU D 115 4.37 18.76 -31.44
CA GLU D 115 3.25 19.67 -31.71
C GLU D 115 3.65 21.12 -31.54
N LYS D 116 4.56 21.41 -30.61
CA LYS D 116 5.04 22.77 -30.44
C LYS D 116 5.75 23.26 -31.69
N VAL D 117 6.57 22.39 -32.30
CA VAL D 117 7.22 22.77 -33.56
C VAL D 117 6.20 22.85 -34.69
N LYS D 118 5.22 21.94 -34.69
CA LYS D 118 4.25 21.90 -35.78
C LYS D 118 3.36 23.14 -35.80
N SER D 119 3.02 23.67 -34.61
CA SER D 119 2.16 24.85 -34.54
C SER D 119 2.82 26.07 -35.18
N GLN D 120 4.11 26.25 -34.96
CA GLN D 120 4.82 27.38 -35.55
C GLN D 120 4.85 27.27 -37.07
N LEU D 121 5.12 26.06 -37.58
CA LEU D 121 5.21 25.83 -39.02
C LEU D 121 3.83 25.38 -39.53
N LYS D 122 2.94 26.37 -39.64
CA LYS D 122 1.55 26.10 -39.99
C LYS D 122 1.43 25.43 -41.34
N ASN D 123 1.81 26.13 -42.41
CA ASN D 123 1.90 25.50 -43.71
C ASN D 123 3.17 25.93 -44.46
N ASN D 124 4.16 26.45 -43.74
CA ASN D 124 5.47 26.72 -44.31
C ASN D 124 6.33 25.46 -44.40
N ALA D 125 5.86 24.35 -43.84
CA ALA D 125 6.55 23.07 -43.93
C ALA D 125 5.52 21.97 -44.06
N LYS D 126 5.96 20.82 -44.55
CA LYS D 126 5.10 19.66 -44.71
C LYS D 126 5.66 18.49 -43.89
N GLU D 127 4.77 17.80 -43.19
CA GLU D 127 5.17 16.63 -42.42
C GLU D 127 5.56 15.50 -43.37
N ILE D 128 6.62 14.79 -43.02
CA ILE D 128 7.15 13.72 -43.86
C ILE D 128 6.69 12.37 -43.30
N GLY D 129 6.57 12.27 -41.98
CA GLY D 129 6.03 11.06 -41.39
C GLY D 129 6.92 10.42 -40.35
N ASN D 130 8.24 10.43 -40.57
CA ASN D 130 9.14 9.90 -39.57
C ASN D 130 9.22 10.77 -38.34
N GLY D 131 8.70 12.00 -38.39
CA GLY D 131 8.90 12.93 -37.25
C GLY D 131 9.52 14.24 -37.70
N CYS D 132 9.49 14.48 -39.00
CA CYS D 132 10.35 15.46 -39.70
C CYS D 132 9.46 16.45 -40.47
N PHE D 133 10.03 17.58 -40.85
CA PHE D 133 9.27 18.68 -41.49
C PHE D 133 10.09 19.24 -42.61
N GLU D 134 9.57 19.22 -43.84
CA GLU D 134 10.38 19.76 -44.92
C GLU D 134 9.85 21.15 -45.26
N PHE D 135 10.73 22.14 -45.22
CA PHE D 135 10.32 23.52 -45.45
C PHE D 135 10.03 23.75 -46.93
N TYR D 136 9.18 24.74 -47.21
CA TYR D 136 9.00 25.25 -48.55
C TYR D 136 9.88 26.46 -48.85
N HIS D 137 10.66 26.92 -47.87
CA HIS D 137 11.57 28.03 -48.08
C HIS D 137 12.98 27.64 -47.66
N LYS D 138 13.90 28.60 -47.65
CA LYS D 138 15.28 28.37 -47.26
C LYS D 138 15.45 28.80 -45.81
N CYS D 139 15.49 27.81 -44.91
CA CYS D 139 15.66 28.07 -43.49
C CYS D 139 17.14 28.00 -43.16
N ASN D 140 17.78 29.17 -43.06
CA ASN D 140 19.19 29.24 -42.73
C ASN D 140 19.38 29.04 -41.22
N ASP D 141 20.61 29.23 -40.75
CA ASP D 141 20.91 28.99 -39.35
C ASP D 141 20.13 29.93 -38.43
N GLU D 142 19.92 31.18 -38.87
CA GLU D 142 19.09 32.09 -38.10
C GLU D 142 17.65 31.58 -38.00
N CYS D 143 17.09 31.14 -39.12
CA CYS D 143 15.73 30.61 -39.12
C CYS D 143 15.61 29.35 -38.29
N MET D 144 16.58 28.45 -38.41
CA MET D 144 16.55 27.22 -37.61
C MET D 144 16.68 27.53 -36.12
N GLU D 145 17.54 28.48 -35.77
CA GLU D 145 17.68 28.87 -34.37
C GLU D 145 16.38 29.48 -33.84
N SER D 146 15.69 30.25 -34.68
CA SER D 146 14.39 30.79 -34.29
C SER D 146 13.38 29.66 -34.07
N VAL D 147 13.37 28.67 -34.95
CA VAL D 147 12.43 27.55 -34.81
C VAL D 147 12.68 26.80 -33.52
N LYS D 148 13.96 26.51 -33.22
CA LYS D 148 14.28 25.82 -31.98
C LYS D 148 14.02 26.69 -30.76
N ASN D 149 14.14 28.01 -30.91
CA ASN D 149 13.96 28.92 -29.79
C ASN D 149 12.48 29.07 -29.43
N GLY D 150 11.61 29.15 -30.44
CA GLY D 150 10.20 29.35 -30.22
C GLY D 150 9.66 30.66 -30.73
N THR D 151 10.47 31.44 -31.45
CA THR D 151 10.06 32.73 -31.99
C THR D 151 10.10 32.73 -33.50
N TYR D 152 9.62 31.65 -34.12
CA TYR D 152 9.59 31.56 -35.58
C TYR D 152 8.47 32.43 -36.13
N ASP D 153 8.83 33.40 -36.95
CA ASP D 153 7.85 34.34 -37.51
C ASP D 153 7.29 33.77 -38.81
N TYR D 154 6.05 33.29 -38.74
CA TYR D 154 5.38 32.77 -39.92
C TYR D 154 5.20 33.81 -41.03
N PRO D 155 4.73 35.04 -40.77
CA PRO D 155 4.50 35.98 -41.88
C PRO D 155 5.74 36.32 -42.67
N LYS D 156 6.93 36.23 -42.07
CA LYS D 156 8.15 36.57 -42.79
C LYS D 156 8.38 35.63 -43.98
N TYR D 157 8.16 34.34 -43.77
CA TYR D 157 8.35 33.34 -44.82
C TYR D 157 7.05 32.86 -45.44
N SER D 158 5.92 33.51 -45.10
CA SER D 158 4.61 32.98 -45.49
C SER D 158 4.46 32.90 -47.00
N GLU D 159 4.69 34.01 -47.71
CA GLU D 159 4.46 34.00 -49.16
C GLU D 159 5.53 33.20 -49.90
N GLU D 160 6.77 33.25 -49.43
CA GLU D 160 7.83 32.48 -50.06
C GLU D 160 7.55 30.99 -49.97
N SER D 161 7.03 30.54 -48.83
CA SER D 161 6.62 29.14 -48.71
C SER D 161 5.34 28.85 -49.48
N LYS D 162 4.43 29.82 -49.57
CA LYS D 162 3.16 29.60 -50.25
C LYS D 162 3.36 29.37 -51.74
N LEU D 163 4.24 30.16 -52.37
CA LEU D 163 4.48 29.96 -53.80
C LEU D 163 5.10 28.59 -54.08
N ASN D 164 6.03 28.15 -53.21
CA ASN D 164 6.60 26.81 -53.36
C ASN D 164 5.54 25.74 -53.15
N ARG D 165 4.67 25.92 -52.17
CA ARG D 165 3.63 24.93 -51.89
C ARG D 165 2.68 24.79 -53.07
N GLU D 166 2.28 25.91 -53.67
CA GLU D 166 1.39 25.86 -54.82
C GLU D 166 2.10 25.47 -56.11
N LYS D 167 3.44 25.55 -56.15
CA LYS D 167 4.17 25.09 -57.32
C LYS D 167 3.97 23.60 -57.54
N ILE D 168 4.03 22.81 -56.46
CA ILE D 168 3.86 21.38 -56.55
C ILE D 168 2.51 20.97 -55.97
N ASP E 1 -14.20 38.29 -35.50
CA ASP E 1 -14.88 37.57 -34.44
C ASP E 1 -14.06 36.36 -34.01
N THR E 2 -13.81 36.25 -32.71
CA THR E 2 -13.05 35.15 -32.16
C THR E 2 -13.82 34.51 -31.00
N ILE E 3 -13.55 33.24 -30.77
CA ILE E 3 -14.03 32.53 -29.58
C ILE E 3 -12.85 31.78 -28.99
N CYS E 4 -12.57 32.00 -27.71
CA CYS E 4 -11.38 31.45 -27.09
C CYS E 4 -11.73 30.44 -26.00
N ILE E 5 -10.92 29.38 -25.94
CA ILE E 5 -11.03 28.33 -24.95
C ILE E 5 -10.10 28.67 -23.80
N GLY E 6 -10.61 28.60 -22.57
CA GLY E 6 -9.80 28.91 -21.41
C GLY E 6 -10.23 28.08 -20.23
N TYR E 7 -9.79 28.50 -19.05
CA TYR E 7 -10.08 27.76 -17.83
C TYR E 7 -10.12 28.72 -16.65
N HIS E 8 -10.55 28.18 -15.51
CA HIS E 8 -10.87 28.99 -14.34
C HIS E 8 -9.62 29.37 -13.55
N ALA E 9 -9.61 30.61 -13.07
CA ALA E 9 -8.59 31.09 -12.15
C ALA E 9 -9.26 31.99 -11.11
N ASN E 10 -8.74 31.97 -9.89
CA ASN E 10 -9.31 32.75 -8.80
C ASN E 10 -8.18 33.41 -8.03
N ASN E 11 -8.50 33.95 -6.85
CA ASN E 11 -7.56 34.69 -6.03
C ASN E 11 -6.97 33.87 -4.90
N SER E 12 -7.20 32.56 -4.88
CA SER E 12 -6.65 31.73 -3.83
C SER E 12 -5.15 31.52 -4.04
N THR E 13 -4.48 31.15 -2.95
CA THR E 13 -3.04 30.89 -2.96
C THR E 13 -2.73 29.59 -2.26
N ASP E 14 -3.59 28.60 -2.43
CA ASP E 14 -3.38 27.28 -1.85
C ASP E 14 -2.34 26.52 -2.66
N THR E 15 -1.47 25.78 -1.96
CA THR E 15 -0.38 25.06 -2.58
C THR E 15 -0.50 23.57 -2.30
N VAL E 16 -0.14 22.77 -3.30
CA VAL E 16 -0.19 21.31 -3.21
C VAL E 16 1.08 20.76 -3.84
N ASP E 17 1.45 19.55 -3.43
CA ASP E 17 2.66 18.88 -3.91
C ASP E 17 2.27 17.69 -4.77
N THR E 18 2.72 17.68 -6.01
CA THR E 18 2.57 16.54 -6.90
C THR E 18 3.87 15.73 -6.88
N VAL E 19 3.97 14.75 -7.78
CA VAL E 19 5.16 13.89 -7.83
C VAL E 19 6.23 14.42 -8.79
N LEU E 20 5.86 15.27 -9.74
CA LEU E 20 6.81 15.87 -10.66
C LEU E 20 7.14 17.31 -10.29
N GLU E 21 6.50 17.87 -9.27
CA GLU E 21 6.72 19.26 -8.90
C GLU E 21 6.30 19.47 -7.46
N LYS E 22 6.78 20.55 -6.87
CA LYS E 22 6.43 20.94 -5.51
C LYS E 22 5.92 22.38 -5.51
N ASN E 23 5.07 22.68 -4.53
CA ASN E 23 4.55 24.03 -4.32
C ASN E 23 3.81 24.55 -5.55
N VAL E 24 2.72 23.85 -5.88
CA VAL E 24 1.88 24.21 -7.02
C VAL E 24 0.65 24.95 -6.52
N THR E 25 0.37 26.11 -7.13
CA THR E 25 -0.77 26.93 -6.75
C THR E 25 -2.02 26.39 -7.45
N VAL E 26 -3.08 26.15 -6.67
CA VAL E 26 -4.27 25.48 -7.16
C VAL E 26 -5.52 26.31 -6.85
N THR E 27 -6.58 26.03 -7.59
CA THR E 27 -7.84 26.74 -7.40
C THR E 27 -8.56 26.27 -6.14
N HIS E 28 -8.44 24.99 -5.79
CA HIS E 28 -9.06 24.46 -4.58
C HIS E 28 -8.27 23.24 -4.11
N SER E 29 -8.48 22.87 -2.86
CA SER E 29 -7.79 21.74 -2.26
C SER E 29 -8.58 21.24 -1.08
N VAL E 30 -8.49 19.94 -0.81
CA VAL E 30 -9.22 19.28 0.27
C VAL E 30 -8.20 18.64 1.20
N ASN E 31 -8.36 18.89 2.50
CA ASN E 31 -7.48 18.30 3.49
C ASN E 31 -7.94 16.89 3.82
N LEU E 32 -7.07 15.91 3.60
CA LEU E 32 -7.35 14.53 3.98
C LEU E 32 -6.84 14.20 5.38
N LEU E 33 -6.22 15.15 6.06
CA LEU E 33 -5.64 14.95 7.37
C LEU E 33 -6.38 15.79 8.39
N GLU E 34 -6.84 15.17 9.47
CA GLU E 34 -7.51 15.86 10.56
C GLU E 34 -6.50 16.14 11.66
N ASP E 35 -6.30 17.43 11.98
CA ASP E 35 -5.26 17.86 12.90
C ASP E 35 -5.80 18.65 14.08
N SER E 36 -7.08 18.48 14.41
CA SER E 36 -7.68 19.25 15.49
C SER E 36 -8.66 18.38 16.27
N HIS E 37 -8.86 18.75 17.53
CA HIS E 37 -9.80 18.10 18.43
C HIS E 37 -10.58 19.16 19.18
N ASN E 38 -11.74 18.76 19.73
CA ASN E 38 -12.59 19.69 20.46
C ASN E 38 -12.19 19.85 21.92
N GLY E 39 -11.21 19.10 22.40
CA GLY E 39 -10.74 19.27 23.75
C GLY E 39 -11.62 18.70 24.83
N LYS E 40 -12.66 17.93 24.47
CA LYS E 40 -13.61 17.40 25.42
C LYS E 40 -13.69 15.89 25.28
N LEU E 41 -13.94 15.21 26.39
CA LEU E 41 -14.09 13.76 26.41
C LEU E 41 -15.55 13.45 26.10
N CYS E 42 -15.83 13.18 24.83
CA CYS E 42 -17.19 12.95 24.37
C CYS E 42 -17.64 11.54 24.76
N ARG E 43 -18.81 11.14 24.26
CA ARG E 43 -19.36 9.80 24.58
C ARG E 43 -19.15 8.85 23.39
N LEU E 44 -18.66 7.64 23.65
CA LEU E 44 -18.45 6.63 22.57
C LEU E 44 -19.64 5.65 22.56
N GLY E 45 -20.80 6.10 22.08
CA GLY E 45 -22.08 5.40 22.30
C GLY E 45 -22.57 5.57 23.73
N ILE E 46 -21.71 5.25 24.71
CA ILE E 46 -22.07 5.40 26.15
C ILE E 46 -21.12 6.42 26.79
N ALA E 47 -21.35 6.78 28.06
CA ALA E 47 -20.48 7.71 28.77
C ALA E 47 -19.32 6.96 29.42
N PRO E 48 -18.09 7.46 29.26
CA PRO E 48 -16.95 6.81 29.89
C PRO E 48 -17.00 6.90 31.41
N LEU E 49 -16.37 5.94 32.06
CA LEU E 49 -16.20 5.99 33.51
C LEU E 49 -15.26 7.12 33.87
N GLN E 50 -15.64 7.90 34.88
CA GLN E 50 -14.90 9.09 35.28
C GLN E 50 -14.43 8.87 36.72
N LEU E 51 -13.13 8.62 36.89
CA LEU E 51 -12.59 8.25 38.20
C LEU E 51 -12.07 9.44 38.98
N GLY E 52 -11.83 10.58 38.33
CA GLY E 52 -11.36 11.76 39.04
C GLY E 52 -9.98 11.59 39.66
N ASN E 53 -9.91 11.68 40.98
CA ASN E 53 -8.65 11.60 41.70
C ASN E 53 -8.22 10.15 41.98
N CYS E 54 -9.02 9.18 41.59
CA CYS E 54 -8.75 7.77 41.91
C CYS E 54 -8.20 7.03 40.69
N SER E 55 -7.66 5.85 40.96
CA SER E 55 -7.20 4.94 39.92
C SER E 55 -8.10 3.71 39.89
N VAL E 56 -7.82 2.81 38.96
CA VAL E 56 -8.59 1.56 38.88
C VAL E 56 -8.41 0.74 40.15
N ALA E 57 -7.18 0.70 40.67
CA ALA E 57 -6.93 -0.06 41.90
C ALA E 57 -7.73 0.50 43.07
N GLY E 58 -7.75 1.84 43.21
CA GLY E 58 -8.49 2.43 44.30
C GLY E 58 -9.99 2.37 44.12
N TRP E 59 -10.47 2.44 42.87
CA TRP E 59 -11.90 2.37 42.63
C TRP E 59 -12.42 0.96 42.88
N ILE E 60 -11.76 -0.05 42.31
CA ILE E 60 -12.27 -1.42 42.40
C ILE E 60 -12.12 -1.95 43.83
N LEU E 61 -11.08 -1.52 44.54
CA LEU E 61 -10.92 -1.95 45.92
C LEU E 61 -11.80 -1.17 46.88
N GLY E 62 -12.43 -0.07 46.43
CA GLY E 62 -13.25 0.73 47.30
C GLY E 62 -12.45 1.64 48.21
N ASN E 63 -11.75 2.60 47.61
CA ASN E 63 -11.00 3.57 48.39
C ASN E 63 -11.95 4.34 49.31
N PRO E 64 -11.59 4.53 50.58
CA PRO E 64 -12.51 5.24 51.49
C PRO E 64 -12.83 6.65 51.03
N GLU E 65 -11.87 7.33 50.41
CA GLU E 65 -12.04 8.69 49.90
C GLU E 65 -12.40 8.69 48.42
N CYS E 66 -13.10 7.64 47.97
CA CYS E 66 -13.54 7.54 46.59
C CYS E 66 -14.97 7.01 46.48
N GLU E 67 -15.76 7.11 47.56
CA GLU E 67 -17.07 6.48 47.62
C GLU E 67 -18.13 7.19 46.79
N LEU E 68 -17.84 8.36 46.24
CA LEU E 68 -18.85 9.12 45.51
C LEU E 68 -19.21 8.45 44.18
N LEU E 69 -18.22 7.95 43.45
CA LEU E 69 -18.40 7.50 42.07
C LEU E 69 -18.57 5.99 41.96
N ILE E 70 -19.22 5.36 42.93
CA ILE E 70 -19.44 3.92 42.91
C ILE E 70 -20.87 3.58 42.51
N SER E 71 -21.55 4.48 41.80
CA SER E 71 -22.92 4.25 41.35
C SER E 71 -23.03 4.03 39.85
N ARG E 72 -21.97 4.29 39.09
CA ARG E 72 -22.03 4.21 37.64
C ARG E 72 -22.24 2.78 37.15
N GLU E 73 -23.15 2.62 36.20
CA GLU E 73 -23.40 1.34 35.56
C GLU E 73 -22.52 1.25 34.32
N SER E 74 -22.78 0.32 33.40
CA SER E 74 -21.97 0.04 32.23
C SER E 74 -21.49 1.29 31.51
N TRP E 75 -20.28 1.24 30.96
CA TRP E 75 -19.63 2.41 30.37
C TRP E 75 -18.99 1.98 29.05
N SER E 76 -18.18 2.87 28.48
CA SER E 76 -17.50 2.62 27.21
C SER E 76 -15.98 2.59 27.35
N TYR E 77 -15.41 3.46 28.16
CA TYR E 77 -13.99 3.39 28.50
C TYR E 77 -13.78 4.06 29.85
N ILE E 78 -12.53 4.07 30.31
CA ILE E 78 -12.16 4.61 31.61
C ILE E 78 -11.32 5.85 31.40
N VAL E 79 -11.58 6.88 32.20
CA VAL E 79 -10.78 8.11 32.21
C VAL E 79 -10.11 8.22 33.57
N GLU E 80 -8.79 8.39 33.56
CA GLU E 80 -8.00 8.38 34.78
C GLU E 80 -7.07 9.59 34.80
N LYS E 81 -6.76 10.05 36.00
CA LYS E 81 -5.79 11.12 36.15
C LYS E 81 -4.40 10.60 35.78
N PRO E 82 -3.56 11.42 35.14
CA PRO E 82 -2.21 10.95 34.76
C PRO E 82 -1.41 10.39 35.92
N ASN E 83 -1.51 10.99 37.11
CA ASN E 83 -0.89 10.46 38.32
C ASN E 83 -1.93 10.49 39.43
N PRO E 84 -2.76 9.46 39.53
CA PRO E 84 -3.84 9.44 40.53
C PRO E 84 -3.28 9.47 41.94
N GLU E 85 -3.69 10.47 42.71
CA GLU E 85 -3.16 10.65 44.05
C GLU E 85 -3.72 9.61 45.02
N ASN E 86 -4.91 9.09 44.76
CA ASN E 86 -5.60 8.17 45.66
C ASN E 86 -5.76 6.83 44.96
N GLY E 87 -4.82 5.92 45.20
CA GLY E 87 -4.90 4.58 44.64
C GLY E 87 -5.10 3.53 45.70
N THR E 88 -4.06 2.77 45.98
CA THR E 88 -4.07 1.82 47.10
C THR E 88 -3.60 2.57 48.34
N CYS E 89 -4.55 2.89 49.23
CA CYS E 89 -4.19 3.61 50.45
C CYS E 89 -3.22 2.80 51.30
N TYR E 90 -3.43 1.50 51.40
CA TYR E 90 -2.46 0.62 52.05
C TYR E 90 -1.43 0.16 51.04
N PRO E 91 -0.14 0.38 51.28
CA PRO E 91 0.87 0.02 50.28
C PRO E 91 0.89 -1.48 50.01
N GLY E 92 1.15 -1.83 48.76
CA GLY E 92 1.20 -3.22 48.37
C GLY E 92 1.26 -3.37 46.86
N HIS E 93 1.33 -4.62 46.43
CA HIS E 93 1.46 -4.98 45.03
C HIS E 93 0.14 -5.56 44.53
N PHE E 94 -0.33 -5.04 43.40
CA PHE E 94 -1.56 -5.52 42.78
C PHE E 94 -1.20 -6.53 41.69
N ALA E 95 -1.52 -7.79 41.93
CA ALA E 95 -1.14 -8.85 41.01
C ALA E 95 -1.99 -8.79 39.74
N ASP E 96 -1.33 -8.89 38.59
CA ASP E 96 -1.99 -8.85 37.28
C ASP E 96 -2.83 -7.58 37.14
N TYR E 97 -2.25 -6.45 37.53
CA TYR E 97 -2.99 -5.20 37.55
C TYR E 97 -3.22 -4.66 36.14
N GLU E 98 -2.21 -4.75 35.28
CA GLU E 98 -2.38 -4.32 33.89
C GLU E 98 -3.33 -5.24 33.13
N GLU E 99 -3.53 -6.47 33.61
CA GLU E 99 -4.53 -7.36 33.01
C GLU E 99 -5.93 -6.99 33.48
N LEU E 100 -6.08 -6.65 34.75
CA LEU E 100 -7.39 -6.21 35.25
C LEU E 100 -7.83 -4.93 34.58
N ARG E 101 -6.89 -4.00 34.34
CA ARG E 101 -7.25 -2.77 33.63
C ARG E 101 -7.78 -3.07 32.23
N GLU E 102 -7.27 -4.11 31.58
CA GLU E 102 -7.76 -4.48 30.26
C GLU E 102 -9.11 -5.18 30.36
N GLN E 103 -9.32 -5.98 31.40
CA GLN E 103 -10.62 -6.63 31.59
C GLN E 103 -11.73 -5.61 31.83
N LEU E 104 -11.46 -4.59 32.63
CA LEU E 104 -12.47 -3.64 33.08
C LEU E 104 -12.59 -2.41 32.20
N SER E 105 -11.84 -2.34 31.09
CA SER E 105 -11.84 -1.14 30.27
C SER E 105 -13.19 -0.87 29.63
N SER E 106 -14.04 -1.88 29.48
CA SER E 106 -15.36 -1.69 28.90
C SER E 106 -16.24 -2.87 29.30
N VAL E 107 -17.32 -2.59 30.02
CA VAL E 107 -18.26 -3.61 30.45
C VAL E 107 -19.63 -3.30 29.87
N SER E 108 -20.47 -4.34 29.79
CA SER E 108 -21.81 -4.21 29.27
C SER E 108 -22.88 -4.17 30.34
N SER E 109 -22.63 -4.76 31.51
CA SER E 109 -23.53 -4.64 32.65
C SER E 109 -22.70 -4.91 33.90
N PHE E 110 -22.75 -3.99 34.87
CA PHE E 110 -21.93 -4.04 36.06
C PHE E 110 -22.83 -3.98 37.28
N GLU E 111 -22.62 -4.89 38.23
CA GLU E 111 -23.45 -4.97 39.43
C GLU E 111 -22.55 -5.27 40.63
N ARG E 112 -22.46 -4.33 41.55
CA ARG E 112 -21.70 -4.50 42.79
C ARG E 112 -22.61 -5.13 43.82
N PHE E 113 -22.34 -6.39 44.19
CA PHE E 113 -23.24 -7.11 45.08
C PHE E 113 -22.46 -7.71 46.24
N GLU E 114 -23.21 -8.16 47.24
CA GLU E 114 -22.63 -8.76 48.44
C GLU E 114 -22.27 -10.22 48.17
N ILE E 115 -20.98 -10.55 48.25
CA ILE E 115 -20.55 -11.97 48.10
C ILE E 115 -20.45 -12.55 49.51
N PHE E 116 -20.00 -11.75 50.48
CA PHE E 116 -19.92 -12.20 51.89
C PHE E 116 -20.32 -11.04 52.81
N PRO E 117 -21.62 -10.81 53.09
CA PRO E 117 -22.03 -9.77 54.02
C PRO E 117 -21.38 -10.03 55.36
N LYS E 118 -20.84 -8.99 56.01
CA LYS E 118 -20.10 -9.19 57.28
C LYS E 118 -21.08 -9.35 58.46
N GLU E 119 -22.38 -9.23 58.19
CA GLU E 119 -23.42 -9.34 59.25
C GLU E 119 -23.39 -10.76 59.84
N SER E 120 -23.26 -11.78 58.99
CA SER E 120 -23.46 -13.18 59.41
C SER E 120 -22.17 -13.99 59.21
N SER E 121 -21.39 -13.65 58.18
CA SER E 121 -20.43 -14.62 57.57
C SER E 121 -19.28 -14.94 58.53
N TRP E 122 -18.83 -13.97 59.33
CA TRP E 122 -17.65 -14.20 60.17
C TRP E 122 -18.03 -14.00 61.62
N PRO E 123 -18.53 -15.05 62.29
CA PRO E 123 -18.95 -14.90 63.69
C PRO E 123 -17.79 -14.91 64.68
N ASN E 124 -16.71 -15.63 64.34
CA ASN E 124 -15.58 -15.78 65.25
C ASN E 124 -14.41 -14.85 64.92
N HIS E 125 -14.67 -13.78 64.18
CA HIS E 125 -13.63 -12.82 63.85
C HIS E 125 -14.15 -11.40 64.05
N THR E 126 -13.25 -10.51 64.49
CA THR E 126 -13.66 -9.15 64.84
C THR E 126 -14.20 -8.39 63.64
N THR E 127 -13.56 -8.53 62.49
CA THR E 127 -13.83 -7.78 61.26
C THR E 127 -14.18 -6.31 61.49
N THR E 128 -13.47 -5.66 62.42
CA THR E 128 -13.56 -4.22 62.59
C THR E 128 -12.22 -3.53 62.40
N GLY E 129 -11.22 -4.23 61.86
CA GLY E 129 -9.90 -3.66 61.67
C GLY E 129 -9.90 -2.44 60.78
N VAL E 130 -9.22 -1.39 61.22
CA VAL E 130 -9.13 -0.14 60.47
C VAL E 130 -7.66 0.24 60.34
N SER E 131 -7.38 1.05 59.32
CA SER E 131 -6.02 1.49 59.02
C SER E 131 -5.95 3.01 59.07
N ALA E 132 -4.80 3.52 59.52
CA ALA E 132 -4.59 4.96 59.57
C ALA E 132 -4.31 5.54 58.19
N SER E 133 -3.59 4.80 57.34
CA SER E 133 -3.29 5.29 56.00
C SER E 133 -4.57 5.50 55.19
N CYS E 134 -5.50 4.56 55.28
CA CYS E 134 -6.82 4.71 54.68
C CYS E 134 -7.65 5.53 55.66
N SER E 135 -7.62 6.85 55.51
CA SER E 135 -8.24 7.76 56.45
C SER E 135 -9.38 8.50 55.76
N HIS E 136 -10.54 8.55 56.42
CA HIS E 136 -11.70 9.28 55.92
C HIS E 136 -12.15 10.25 57.00
N ASN E 137 -12.16 11.54 56.67
CA ASN E 137 -12.60 12.60 57.57
C ASN E 137 -11.83 12.59 58.89
N GLY E 138 -10.54 12.26 58.83
CA GLY E 138 -9.70 12.25 60.00
C GLY E 138 -9.78 10.99 60.85
N GLU E 139 -10.71 10.10 60.56
CA GLU E 139 -10.85 8.85 61.29
C GLU E 139 -10.24 7.70 60.48
N SER E 140 -9.64 6.75 61.20
CA SER E 140 -9.06 5.58 60.53
C SER E 140 -10.16 4.80 59.82
N SER E 141 -9.80 4.22 58.67
CA SER E 141 -10.78 3.51 57.85
C SER E 141 -10.05 2.46 57.02
N PHE E 142 -10.81 1.76 56.18
CA PHE E 142 -10.28 0.72 55.32
C PHE E 142 -11.10 0.68 54.04
N TYR E 143 -10.73 -0.21 53.14
CA TYR E 143 -11.47 -0.38 51.90
C TYR E 143 -12.90 -0.82 52.18
N LYS E 144 -13.80 -0.45 51.27
CA LYS E 144 -15.21 -0.79 51.44
C LYS E 144 -15.57 -2.11 50.79
N ASN E 145 -14.83 -2.54 49.76
CA ASN E 145 -15.09 -3.80 49.10
C ASN E 145 -14.32 -4.98 49.71
N LEU E 146 -13.42 -4.71 50.64
CA LEU E 146 -12.67 -5.73 51.35
C LEU E 146 -12.82 -5.51 52.84
N LEU E 147 -12.75 -6.59 53.61
CA LEU E 147 -12.77 -6.48 55.06
C LEU E 147 -11.54 -7.15 55.64
N TRP E 148 -10.87 -6.46 56.56
CA TRP E 148 -9.69 -6.96 57.24
C TRP E 148 -10.14 -7.85 58.39
N LEU E 149 -9.79 -9.13 58.33
CA LEU E 149 -10.16 -10.07 59.38
C LEU E 149 -9.09 -10.10 60.46
N THR E 150 -9.53 -10.29 61.70
CA THR E 150 -8.61 -10.38 62.83
C THR E 150 -9.18 -11.37 63.83
N GLY E 151 -8.29 -11.92 64.65
CA GLY E 151 -8.71 -12.88 65.66
C GLY E 151 -9.62 -12.28 66.71
N LYS E 152 -10.74 -12.95 66.96
CA LYS E 152 -11.70 -12.52 67.97
C LYS E 152 -11.57 -13.42 69.20
N ASN E 153 -11.60 -12.79 70.38
CA ASN E 153 -11.39 -13.44 71.67
C ASN E 153 -10.01 -14.05 71.80
N GLY E 154 -9.06 -13.65 70.96
CA GLY E 154 -7.70 -14.14 71.05
C GLY E 154 -7.37 -15.34 70.18
N LEU E 155 -8.25 -15.72 69.26
CA LEU E 155 -8.01 -16.86 68.39
C LEU E 155 -8.48 -16.53 66.98
N TYR E 156 -7.83 -17.18 66.00
CA TYR E 156 -8.17 -17.04 64.58
C TYR E 156 -8.60 -18.41 64.09
N PRO E 157 -9.89 -18.74 64.18
CA PRO E 157 -10.33 -20.08 63.79
C PRO E 157 -10.12 -20.34 62.31
N ASN E 158 -9.97 -21.62 61.97
CA ASN E 158 -9.74 -22.00 60.59
C ASN E 158 -10.92 -21.60 59.72
N LEU E 159 -10.70 -20.61 58.86
CA LEU E 159 -11.73 -20.12 57.96
C LEU E 159 -12.02 -21.14 56.86
N SER E 160 -13.28 -21.16 56.43
CA SER E 160 -13.69 -22.01 55.31
C SER E 160 -14.97 -21.42 54.73
N LYS E 161 -14.87 -20.82 53.55
CA LYS E 161 -16.02 -20.19 52.90
C LYS E 161 -16.08 -20.64 51.45
N SER E 162 -17.31 -20.72 50.93
CA SER E 162 -17.54 -21.09 49.54
C SER E 162 -18.60 -20.18 48.94
N TYR E 163 -18.44 -19.87 47.67
CA TYR E 163 -19.43 -19.10 46.91
C TYR E 163 -19.63 -19.76 45.57
N ALA E 164 -20.88 -20.10 45.25
CA ALA E 164 -21.24 -20.69 43.98
C ALA E 164 -21.89 -19.64 43.10
N ASN E 165 -21.38 -19.47 41.88
CA ASN E 165 -21.87 -18.44 40.99
C ASN E 165 -23.16 -18.89 40.32
N ASN E 166 -24.20 -18.05 40.40
CA ASN E 166 -25.48 -18.35 39.78
C ASN E 166 -26.10 -17.10 39.15
N LYS E 167 -25.28 -16.17 38.68
CA LYS E 167 -25.74 -14.89 38.17
C LYS E 167 -25.86 -14.87 36.64
N GLU E 168 -25.58 -15.99 35.98
CA GLU E 168 -25.51 -16.04 34.51
C GLU E 168 -24.53 -15.01 33.96
N LYS E 169 -23.57 -14.62 34.79
CA LYS E 169 -22.58 -13.60 34.44
C LYS E 169 -21.26 -13.97 35.08
N GLU E 170 -20.19 -13.36 34.58
CA GLU E 170 -18.89 -13.51 35.20
C GLU E 170 -18.82 -12.69 36.46
N VAL E 171 -18.20 -13.24 37.50
CA VAL E 171 -18.10 -12.56 38.79
C VAL E 171 -16.64 -12.28 39.09
N LEU E 172 -16.30 -11.00 39.22
CA LEU E 172 -14.95 -10.60 39.59
C LEU E 172 -14.87 -10.54 41.11
N VAL E 173 -13.89 -11.25 41.67
CA VAL E 173 -13.69 -11.36 43.11
C VAL E 173 -12.30 -10.84 43.43
N LEU E 174 -12.22 -9.93 44.40
CA LEU E 174 -10.97 -9.36 44.90
C LEU E 174 -10.72 -9.87 46.31
N TRP E 175 -9.45 -10.06 46.65
CA TRP E 175 -9.06 -10.33 48.03
C TRP E 175 -7.61 -9.90 48.21
N GLY E 176 -7.09 -10.13 49.41
CA GLY E 176 -5.73 -9.72 49.71
C GLY E 176 -5.10 -10.61 50.76
N VAL E 177 -3.77 -10.49 50.85
CA VAL E 177 -2.97 -11.22 51.83
C VAL E 177 -2.09 -10.21 52.55
N HIS E 178 -2.08 -10.27 53.88
CA HIS E 178 -1.39 -9.29 54.72
C HIS E 178 -0.05 -9.85 55.19
N HIS E 179 1.00 -9.05 55.01
CA HIS E 179 2.34 -9.41 55.49
C HIS E 179 2.74 -8.45 56.61
N PRO E 180 2.68 -8.87 57.87
CA PRO E 180 3.07 -7.98 58.95
C PRO E 180 4.54 -7.65 58.86
N PRO E 181 4.94 -6.45 59.30
CA PRO E 181 6.34 -6.03 59.16
C PRO E 181 7.29 -6.88 60.01
N ASN E 182 6.95 -7.05 61.28
CA ASN E 182 7.74 -7.86 62.20
C ASN E 182 6.92 -9.05 62.67
N ILE E 183 7.61 -10.03 63.24
CA ILE E 183 6.92 -11.21 63.76
C ILE E 183 6.00 -10.83 64.91
N GLY E 184 6.30 -9.74 65.62
CA GLY E 184 5.44 -9.31 66.72
C GLY E 184 4.06 -8.90 66.25
N ASP E 185 3.99 -8.20 65.11
CA ASP E 185 2.69 -7.82 64.56
C ASP E 185 1.87 -9.03 64.19
N GLN E 186 2.51 -10.03 63.56
CA GLN E 186 1.80 -11.26 63.22
C GLN E 186 1.30 -11.99 64.46
N ARG E 187 2.14 -12.07 65.49
CA ARG E 187 1.73 -12.72 66.73
C ARG E 187 0.55 -12.00 67.37
N ALA E 188 0.60 -10.66 67.39
CA ALA E 188 -0.48 -9.89 67.99
C ALA E 188 -1.78 -10.02 67.20
N LEU E 189 -1.69 -10.04 65.87
CA LEU E 189 -2.89 -10.03 65.04
C LEU E 189 -3.50 -11.42 64.92
N TYR E 190 -2.74 -12.36 64.34
CA TYR E 190 -3.29 -13.66 63.95
C TYR E 190 -2.89 -14.79 64.88
N HIS E 191 -2.07 -14.53 65.90
CA HIS E 191 -1.73 -15.45 66.97
C HIS E 191 -0.99 -16.70 66.48
N LYS E 192 -0.52 -16.72 65.24
CA LYS E 192 0.22 -17.85 64.71
C LYS E 192 1.36 -17.34 63.84
N GLU E 193 2.54 -17.93 64.04
CA GLU E 193 3.74 -17.46 63.32
C GLU E 193 3.63 -17.71 61.83
N ASN E 194 3.17 -18.91 61.45
CA ASN E 194 3.06 -19.30 60.04
C ASN E 194 1.61 -19.58 59.72
N ALA E 195 1.09 -18.92 58.70
CA ALA E 195 -0.28 -19.08 58.24
C ALA E 195 -0.28 -19.37 56.74
N TYR E 196 -1.48 -19.45 56.18
CA TYR E 196 -1.63 -19.70 54.75
C TYR E 196 -2.98 -19.17 54.29
N VAL E 197 -3.10 -18.95 52.99
CA VAL E 197 -4.35 -18.58 52.35
C VAL E 197 -4.49 -19.43 51.09
N SER E 198 -5.50 -20.30 51.07
CA SER E 198 -5.75 -21.16 49.93
C SER E 198 -7.00 -20.65 49.20
N VAL E 199 -6.83 -20.30 47.93
CA VAL E 199 -7.95 -19.91 47.07
C VAL E 199 -8.07 -20.98 45.99
N VAL E 200 -9.20 -21.68 45.98
CA VAL E 200 -9.39 -22.84 45.11
C VAL E 200 -10.61 -22.59 44.23
N SER E 201 -10.40 -22.65 42.92
CA SER E 201 -11.48 -22.55 41.95
C SER E 201 -11.32 -23.69 40.95
N SER E 202 -12.26 -23.78 40.01
CA SER E 202 -12.18 -24.83 39.00
C SER E 202 -11.01 -24.60 38.05
N HIS E 203 -10.65 -23.33 37.81
CA HIS E 203 -9.54 -22.99 36.93
C HIS E 203 -8.52 -22.08 37.60
N TYR E 204 -8.71 -21.75 38.87
CA TYR E 204 -7.76 -20.98 39.65
C TYR E 204 -7.44 -21.76 40.92
N SER E 205 -6.17 -21.77 41.29
CA SER E 205 -5.74 -22.50 42.49
C SER E 205 -4.42 -21.92 42.96
N ARG E 206 -4.40 -21.40 44.18
CA ARG E 206 -3.16 -20.84 44.70
C ARG E 206 -3.12 -20.93 46.21
N LYS E 207 -1.90 -21.02 46.73
CA LYS E 207 -1.61 -20.94 48.15
C LYS E 207 -0.65 -19.78 48.39
N PHE E 208 -0.99 -18.94 49.36
CA PHE E 208 -0.19 -17.77 49.71
C PHE E 208 0.33 -17.93 51.12
N THR E 209 1.62 -17.62 51.31
CA THR E 209 2.27 -17.69 52.59
C THR E 209 2.79 -16.31 52.99
N PRO E 210 2.50 -15.85 54.20
CA PRO E 210 2.97 -14.53 54.62
C PRO E 210 4.50 -14.46 54.62
N GLU E 211 5.01 -13.34 54.13
CA GLU E 211 6.45 -13.07 54.11
C GLU E 211 6.70 -11.84 54.97
N ILE E 212 7.25 -12.05 56.16
CA ILE E 212 7.43 -11.00 57.15
C ILE E 212 8.83 -10.41 56.98
N ALA E 213 8.90 -9.12 56.71
CA ALA E 213 10.17 -8.46 56.50
C ALA E 213 10.03 -6.97 56.77
N LYS E 214 11.10 -6.37 57.29
CA LYS E 214 11.13 -4.92 57.51
C LYS E 214 11.33 -4.22 56.18
N ARG E 215 10.39 -3.34 55.83
CA ARG E 215 10.34 -2.73 54.51
C ARG E 215 10.30 -1.22 54.63
N PRO E 216 10.70 -0.50 53.58
CA PRO E 216 10.69 0.96 53.64
C PRO E 216 9.29 1.49 53.91
N LYS E 217 9.24 2.59 54.67
CA LYS E 217 7.96 3.14 55.12
C LYS E 217 7.32 3.96 54.01
N VAL E 218 6.12 3.54 53.59
CA VAL E 218 5.29 4.28 52.65
C VAL E 218 3.92 4.43 53.27
N ARG E 219 3.39 5.66 53.25
CA ARG E 219 2.10 5.99 53.86
C ARG E 219 2.08 5.62 55.34
N ASP E 220 3.23 5.77 55.99
CA ASP E 220 3.39 5.51 57.42
C ASP E 220 3.00 4.07 57.78
N GLN E 221 3.39 3.12 56.91
CA GLN E 221 3.19 1.70 57.17
C GLN E 221 4.48 0.96 56.88
N GLU E 222 4.65 -0.16 57.58
CA GLU E 222 5.87 -0.95 57.50
C GLU E 222 5.71 -2.30 56.80
N GLY E 223 4.48 -2.83 56.75
CA GLY E 223 4.25 -4.11 56.11
C GLY E 223 3.15 -4.04 55.06
N ARG E 224 3.47 -4.44 53.83
CA ARG E 224 2.51 -4.34 52.73
C ARG E 224 1.48 -5.46 52.79
N ILE E 225 0.43 -5.30 51.99
CA ILE E 225 -0.53 -6.36 51.71
C ILE E 225 -0.71 -6.43 50.20
N ASN E 226 -0.81 -7.65 49.68
CA ASN E 226 -0.91 -7.87 48.24
C ASN E 226 -2.34 -8.18 47.85
N TYR E 227 -2.78 -7.61 46.72
CA TYR E 227 -4.14 -7.74 46.25
C TYR E 227 -4.21 -8.67 45.06
N TYR E 228 -5.09 -9.66 45.12
CA TYR E 228 -5.30 -10.61 44.04
C TYR E 228 -6.76 -10.57 43.60
N TRP E 229 -6.98 -11.01 42.36
CA TRP E 229 -8.33 -11.02 41.80
C TRP E 229 -8.51 -12.28 40.96
N THR E 230 -9.78 -12.63 40.74
CA THR E 230 -10.09 -13.76 39.87
C THR E 230 -11.46 -13.54 39.24
N LEU E 231 -11.68 -14.23 38.13
CA LEU E 231 -12.94 -14.19 37.40
C LEU E 231 -13.60 -15.57 37.53
N LEU E 232 -14.84 -15.58 38.00
CA LEU E 232 -15.60 -16.81 38.22
C LEU E 232 -16.64 -16.94 37.12
N GLU E 233 -16.62 -18.09 36.44
CA GLU E 233 -17.57 -18.40 35.37
C GLU E 233 -18.93 -18.77 35.96
N PRO E 234 -19.99 -18.66 35.17
CA PRO E 234 -21.31 -19.10 35.66
C PRO E 234 -21.30 -20.59 35.99
N GLY E 235 -21.98 -20.93 37.09
CA GLY E 235 -22.02 -22.29 37.57
C GLY E 235 -20.78 -22.76 38.28
N ASP E 236 -19.82 -21.88 38.54
CA ASP E 236 -18.57 -22.24 39.19
C ASP E 236 -18.59 -21.86 40.66
N THR E 237 -17.69 -22.49 41.42
CA THR E 237 -17.59 -22.28 42.85
C THR E 237 -16.17 -21.89 43.21
N ILE E 238 -16.03 -20.89 44.08
CA ILE E 238 -14.74 -20.47 44.61
C ILE E 238 -14.71 -20.71 46.11
N ILE E 239 -13.61 -21.26 46.60
CA ILE E 239 -13.45 -21.62 48.00
C ILE E 239 -12.28 -20.83 48.57
N PHE E 240 -12.52 -20.13 49.67
CA PHE E 240 -11.50 -19.42 50.42
C PHE E 240 -11.24 -20.17 51.73
N GLU E 241 -9.98 -20.44 52.01
CA GLU E 241 -9.59 -21.01 53.29
C GLU E 241 -8.35 -20.28 53.78
N ALA E 242 -8.22 -20.19 55.10
CA ALA E 242 -7.08 -19.50 55.69
C ALA E 242 -7.09 -19.74 57.19
N ASN E 243 -5.97 -19.39 57.83
CA ASN E 243 -5.90 -19.29 59.27
C ASN E 243 -5.16 -18.02 59.67
N GLY E 244 -5.09 -17.07 58.76
CA GLY E 244 -4.44 -15.79 59.02
C GLY E 244 -4.17 -14.99 57.77
N ASN E 245 -3.95 -13.69 57.93
CA ASN E 245 -3.50 -12.78 56.88
C ASN E 245 -4.47 -12.65 55.72
N LEU E 246 -5.75 -12.97 55.92
CA LEU E 246 -6.73 -12.90 54.85
C LEU E 246 -7.46 -11.57 54.91
N ILE E 247 -7.40 -10.82 53.80
CA ILE E 247 -8.22 -9.63 53.61
C ILE E 247 -9.39 -10.08 52.77
N ALA E 248 -10.49 -10.45 53.42
CA ALA E 248 -11.53 -11.20 52.76
C ALA E 248 -12.39 -10.29 51.88
N PRO E 249 -12.98 -10.85 50.82
CA PRO E 249 -13.87 -10.04 49.97
C PRO E 249 -15.14 -9.67 50.72
N ARG E 250 -15.66 -8.49 50.41
CA ARG E 250 -16.96 -8.05 50.88
C ARG E 250 -17.97 -7.96 49.76
N TYR E 251 -17.64 -7.21 48.71
CA TYR E 251 -18.51 -7.04 47.56
C TYR E 251 -17.82 -7.59 46.32
N ALA E 252 -18.50 -8.48 45.61
CA ALA E 252 -18.05 -8.96 44.31
C ALA E 252 -18.72 -8.13 43.23
N PHE E 253 -18.24 -8.30 41.99
CA PHE E 253 -18.73 -7.49 40.88
C PHE E 253 -19.16 -8.40 39.75
N ALA E 254 -20.46 -8.53 39.54
CA ALA E 254 -20.97 -9.29 38.41
C ALA E 254 -20.96 -8.41 37.16
N LEU E 255 -20.16 -8.80 36.17
CA LEU E 255 -19.97 -7.97 34.99
C LEU E 255 -20.11 -8.80 33.73
N SER E 256 -20.65 -8.17 32.69
CA SER E 256 -20.69 -8.73 31.36
C SER E 256 -19.74 -7.94 30.47
N ARG E 257 -18.80 -8.63 29.83
CA ARG E 257 -17.73 -7.92 29.06
C ARG E 257 -18.32 -7.22 27.83
N GLY E 258 -17.65 -6.16 27.37
CA GLY E 258 -18.12 -5.41 26.19
C GLY E 258 -17.13 -5.50 25.04
N PHE E 259 -17.06 -4.48 24.20
CA PHE E 259 -16.16 -4.50 23.02
C PHE E 259 -14.71 -4.71 23.48
N GLY E 260 -14.33 -4.08 24.59
CA GLY E 260 -12.94 -4.19 25.09
C GLY E 260 -12.12 -2.98 24.68
N SER E 261 -12.26 -1.88 25.43
CA SER E 261 -11.59 -0.60 25.10
C SER E 261 -10.30 -0.47 25.92
N GLY E 262 -10.09 0.69 26.56
CA GLY E 262 -8.85 0.92 27.32
C GLY E 262 -9.02 1.99 28.37
N ILE E 263 -7.92 2.65 28.77
CA ILE E 263 -7.97 3.72 29.82
C ILE E 263 -7.22 4.95 29.31
N ILE E 264 -7.91 6.09 29.17
CA ILE E 264 -7.30 7.34 28.73
C ILE E 264 -6.89 8.14 29.96
N ASN E 265 -5.64 8.56 30.00
CA ASN E 265 -5.13 9.44 31.05
C ASN E 265 -5.21 10.87 30.53
N SER E 266 -6.12 11.66 31.11
CA SER E 266 -6.38 13.00 30.59
C SER E 266 -6.88 13.91 31.70
N ASN E 267 -6.81 15.21 31.44
CA ASN E 267 -7.34 16.23 32.33
C ASN E 267 -8.44 17.05 31.68
N ALA E 268 -8.96 16.62 30.53
CA ALA E 268 -10.05 17.32 29.89
C ALA E 268 -11.36 17.06 30.62
N PRO E 269 -12.29 18.02 30.60
CA PRO E 269 -13.58 17.80 31.27
C PRO E 269 -14.50 16.87 30.50
N MET E 270 -15.35 16.14 31.22
CA MET E 270 -16.30 15.25 30.57
C MET E 270 -17.54 16.01 30.13
N ASP E 271 -17.88 15.88 28.85
CA ASP E 271 -19.06 16.54 28.29
C ASP E 271 -19.99 15.49 27.71
N GLU E 272 -21.26 15.89 27.54
CA GLU E 272 -22.30 15.03 27.00
C GLU E 272 -22.28 14.94 25.47
N CYS E 273 -21.20 15.38 24.83
CA CYS E 273 -21.12 15.32 23.38
C CYS E 273 -20.99 13.87 22.92
N ASP E 274 -21.24 13.66 21.63
CA ASP E 274 -21.17 12.34 21.02
C ASP E 274 -20.07 12.32 19.97
N ALA E 275 -19.32 11.22 19.92
CA ALA E 275 -18.22 11.10 18.99
C ALA E 275 -17.97 9.63 18.67
N LYS E 276 -17.27 9.41 17.56
CA LYS E 276 -16.88 8.06 17.13
C LYS E 276 -15.51 7.66 17.65
N CYS E 277 -14.54 8.56 17.58
CA CYS E 277 -13.20 8.32 18.10
C CYS E 277 -12.95 9.17 19.33
N GLN E 278 -11.80 8.95 19.96
CA GLN E 278 -11.44 9.71 21.15
C GLN E 278 -9.94 9.67 21.35
N THR E 279 -9.31 10.83 21.34
CA THR E 279 -7.91 11.12 21.61
C THR E 279 -7.77 11.66 23.02
N PRO E 280 -6.71 11.27 23.78
CA PRO E 280 -6.61 11.68 25.18
C PRO E 280 -6.60 13.19 25.40
N GLN E 281 -6.62 13.97 24.32
CA GLN E 281 -6.79 15.42 24.43
C GLN E 281 -8.16 15.90 23.99
N GLY E 282 -8.87 15.13 23.15
CA GLY E 282 -10.18 15.51 22.70
C GLY E 282 -10.67 14.70 21.52
N ALA E 283 -11.99 14.63 21.33
CA ALA E 283 -12.56 13.79 20.30
C ALA E 283 -12.18 14.29 18.91
N ILE E 284 -12.40 13.43 17.91
CA ILE E 284 -12.04 13.72 16.53
C ILE E 284 -13.23 13.41 15.64
N ASN E 285 -13.53 14.32 14.72
CA ASN E 285 -14.57 14.09 13.72
C ASN E 285 -14.01 13.11 12.69
N SER E 286 -14.39 11.84 12.81
CA SER E 286 -13.82 10.78 11.98
C SER E 286 -14.44 10.73 10.59
N SER E 287 -14.42 11.86 9.89
CA SER E 287 -14.91 11.90 8.52
C SER E 287 -13.79 11.78 7.49
N LEU E 288 -12.54 11.94 7.90
CA LEU E 288 -11.38 11.85 7.04
C LEU E 288 -10.59 10.58 7.33
N PRO E 289 -9.86 10.04 6.34
CA PRO E 289 -9.19 8.75 6.56
C PRO E 289 -7.98 8.82 7.47
N PHE E 290 -7.32 9.97 7.60
CA PHE E 290 -6.06 10.06 8.32
C PHE E 290 -6.13 11.14 9.40
N GLN E 291 -5.22 11.04 10.36
CA GLN E 291 -5.14 11.99 11.46
C GLN E 291 -3.73 11.99 12.02
N ASN E 292 -3.29 13.14 12.55
CA ASN E 292 -2.00 13.25 13.21
C ASN E 292 -2.11 13.85 14.61
N VAL E 293 -3.30 13.79 15.22
CA VAL E 293 -3.47 14.38 16.53
C VAL E 293 -2.69 13.61 17.58
N HIS E 294 -2.82 12.28 17.59
CA HIS E 294 -2.17 11.46 18.59
C HIS E 294 -2.09 10.03 18.07
N PRO E 295 -1.05 9.28 18.46
CA PRO E 295 -0.99 7.87 18.04
C PRO E 295 -1.97 6.99 18.78
N VAL E 296 -2.09 7.16 20.10
CA VAL E 296 -2.92 6.28 20.93
C VAL E 296 -4.32 6.86 20.95
N THR E 297 -5.23 6.23 20.23
CA THR E 297 -6.64 6.61 20.19
C THR E 297 -7.49 5.47 20.76
N ILE E 298 -8.81 5.68 20.74
CA ILE E 298 -9.76 4.68 21.20
C ILE E 298 -11.05 4.87 20.42
N GLY E 299 -11.66 3.77 20.01
CA GLY E 299 -12.78 3.81 19.09
C GLY E 299 -12.32 3.83 17.64
N GLU E 300 -13.28 3.73 16.74
CA GLU E 300 -12.98 3.71 15.30
C GLU E 300 -12.50 5.10 14.88
N CYS E 301 -11.19 5.21 14.63
CA CYS E 301 -10.50 6.46 14.41
C CYS E 301 -9.76 6.40 13.09
N PRO E 302 -9.48 7.54 12.47
CA PRO E 302 -8.65 7.56 11.27
C PRO E 302 -7.25 7.02 11.56
N LYS E 303 -6.53 6.72 10.49
CA LYS E 303 -5.21 6.12 10.61
C LYS E 303 -4.17 7.19 10.92
N TYR E 304 -3.37 6.95 11.95
CA TYR E 304 -2.32 7.89 12.33
C TYR E 304 -1.20 7.89 11.29
N VAL E 305 -0.78 9.09 10.90
CA VAL E 305 0.34 9.25 9.98
C VAL E 305 1.27 10.33 10.54
N ARG E 306 2.51 10.30 10.06
CA ARG E 306 3.55 11.23 10.50
C ARG E 306 3.73 12.39 9.53
N SER E 307 2.64 12.86 8.93
CA SER E 307 2.67 13.93 7.95
C SER E 307 2.08 15.21 8.54
N ALA E 308 2.61 16.34 8.10
CA ALA E 308 2.10 17.63 8.55
C ALA E 308 0.87 18.08 7.78
N LYS E 309 0.73 17.67 6.52
CA LYS E 309 -0.43 18.02 5.72
C LYS E 309 -0.55 17.06 4.55
N LEU E 310 -1.79 16.69 4.22
CA LEU E 310 -2.10 15.86 3.06
C LEU E 310 -3.19 16.57 2.28
N ARG E 311 -2.79 17.49 1.41
CA ARG E 311 -3.73 18.23 0.58
C ARG E 311 -3.93 17.51 -0.74
N MET E 312 -5.17 17.20 -1.06
CA MET E 312 -5.53 16.60 -2.34
C MET E 312 -6.16 17.68 -3.20
N VAL E 313 -5.59 17.90 -4.39
CA VAL E 313 -6.08 18.96 -5.26
C VAL E 313 -7.43 18.54 -5.85
N THR E 314 -8.38 19.46 -5.85
CA THR E 314 -9.66 19.26 -6.50
C THR E 314 -9.94 20.25 -7.62
N GLY E 315 -9.43 21.47 -7.52
CA GLY E 315 -9.49 22.43 -8.59
C GLY E 315 -8.34 22.25 -9.57
N LEU E 316 -8.18 23.22 -10.45
CA LEU E 316 -7.12 23.17 -11.44
C LEU E 316 -6.04 24.20 -11.09
N ARG E 317 -5.05 24.32 -11.98
CA ARG E 317 -3.90 25.18 -11.71
C ARG E 317 -4.34 26.65 -11.69
N ASN E 318 -3.92 27.36 -10.65
CA ASN E 318 -4.26 28.76 -10.47
C ASN E 318 -3.17 29.61 -11.11
N ILE E 319 -3.44 30.12 -12.31
CA ILE E 319 -2.48 30.95 -13.01
C ILE E 319 -3.19 32.22 -13.46
N PRO E 320 -3.41 33.18 -12.55
CA PRO E 320 -4.02 34.45 -12.96
C PRO E 320 -3.03 35.31 -13.73
N SER E 321 -3.59 36.19 -14.55
CA SER E 321 -2.77 37.10 -15.34
C SER E 321 -2.28 38.27 -14.49
N ILE F 1 -4.07 23.47 -17.94
CA ILE F 1 -2.98 23.48 -18.91
C ILE F 1 -2.06 24.67 -18.69
N ALA F 2 -0.82 24.54 -19.15
CA ALA F 2 0.13 25.64 -19.16
C ALA F 2 0.92 25.69 -20.46
N GLY F 3 0.44 25.02 -21.51
CA GLY F 3 1.14 24.97 -22.77
C GLY F 3 0.66 26.01 -23.75
N PHE F 4 -0.10 25.61 -24.77
CA PHE F 4 -0.56 26.56 -25.77
C PHE F 4 -1.63 27.50 -25.24
N ILE F 5 -2.23 27.20 -24.10
CA ILE F 5 -3.13 28.13 -23.41
C ILE F 5 -2.46 28.45 -22.08
N GLU F 6 -1.70 29.54 -22.05
CA GLU F 6 -0.81 29.84 -20.94
C GLU F 6 -1.43 30.66 -19.83
N GLY F 7 -2.65 31.12 -20.00
CA GLY F 7 -3.27 32.00 -19.02
C GLY F 7 -4.65 31.53 -18.59
N GLY F 8 -4.87 31.54 -17.27
CA GLY F 8 -6.19 31.30 -16.73
C GLY F 8 -7.06 32.54 -16.79
N TRP F 9 -8.35 32.35 -16.49
CA TRP F 9 -9.32 33.43 -16.52
C TRP F 9 -9.88 33.65 -15.13
N THR F 10 -9.91 34.92 -14.70
CA THR F 10 -10.50 35.28 -13.42
C THR F 10 -11.94 35.77 -13.54
N GLY F 11 -12.31 36.33 -14.69
CA GLY F 11 -13.65 36.83 -14.91
C GLY F 11 -14.69 35.79 -15.27
N MET F 12 -14.29 34.54 -15.44
CA MET F 12 -15.21 33.43 -15.70
C MET F 12 -15.43 32.71 -14.37
N VAL F 13 -16.59 32.94 -13.75
CA VAL F 13 -16.88 32.40 -12.44
C VAL F 13 -17.87 31.24 -12.46
N ASP F 14 -18.45 30.93 -13.62
CA ASP F 14 -19.47 29.89 -13.68
C ASP F 14 -18.86 28.50 -13.52
N GLY F 15 -17.97 28.11 -14.44
CA GLY F 15 -17.45 26.77 -14.47
C GLY F 15 -15.94 26.75 -14.58
N TRP F 16 -15.38 25.54 -14.54
CA TRP F 16 -13.95 25.38 -14.63
C TRP F 16 -13.44 25.64 -16.03
N TYR F 17 -14.14 25.14 -17.04
CA TYR F 17 -13.76 25.33 -18.44
C TYR F 17 -14.87 26.08 -19.16
N GLY F 18 -14.50 26.89 -20.13
CA GLY F 18 -15.49 27.70 -20.82
C GLY F 18 -14.92 28.38 -22.05
N TYR F 19 -15.67 29.37 -22.53
CA TYR F 19 -15.35 30.09 -23.74
C TYR F 19 -15.20 31.58 -23.46
N HIS F 20 -14.83 32.31 -24.51
CA HIS F 20 -14.83 33.77 -24.48
C HIS F 20 -14.91 34.26 -25.91
N HIS F 21 -16.02 34.89 -26.27
CA HIS F 21 -16.28 35.32 -27.63
C HIS F 21 -16.18 36.83 -27.74
N GLN F 22 -15.49 37.30 -28.77
CA GLN F 22 -15.49 38.71 -29.15
C GLN F 22 -16.35 38.85 -30.39
N ASN F 23 -17.30 39.78 -30.35
CA ASN F 23 -18.30 39.88 -31.40
C ASN F 23 -18.72 41.34 -31.55
N GLU F 24 -19.37 41.63 -32.68
CA GLU F 24 -19.89 42.97 -32.91
C GLU F 24 -20.99 43.35 -31.91
N GLN F 25 -21.58 42.36 -31.25
CA GLN F 25 -22.61 42.61 -30.26
C GLN F 25 -22.08 42.71 -28.83
N GLY F 26 -20.90 42.18 -28.56
CA GLY F 26 -20.31 42.29 -27.24
C GLY F 26 -19.50 41.06 -26.91
N SER F 27 -18.67 41.21 -25.88
CA SER F 27 -17.83 40.13 -25.38
C SER F 27 -18.44 39.53 -24.12
N GLY F 28 -17.91 38.38 -23.72
CA GLY F 28 -18.39 37.73 -22.52
C GLY F 28 -17.62 36.45 -22.24
N TYR F 29 -17.65 36.06 -20.97
CA TYR F 29 -17.00 34.83 -20.51
C TYR F 29 -18.07 33.78 -20.26
N ALA F 30 -18.42 33.03 -21.30
CA ALA F 30 -19.34 31.93 -21.15
C ALA F 30 -18.63 30.72 -20.55
N ALA F 31 -19.40 29.74 -20.11
CA ALA F 31 -18.87 28.51 -19.56
C ALA F 31 -19.43 27.32 -20.31
N ASP F 32 -18.63 26.26 -20.40
CA ASP F 32 -19.07 25.02 -21.02
C ASP F 32 -19.56 24.09 -19.91
N GLN F 33 -20.87 23.96 -19.80
CA GLN F 33 -21.56 23.35 -18.67
C GLN F 33 -21.35 21.84 -18.59
N LYS F 34 -21.41 21.15 -19.73
CA LYS F 34 -21.30 19.69 -19.73
C LYS F 34 -19.95 19.23 -19.21
N SER F 35 -18.86 19.85 -19.70
CA SER F 35 -17.53 19.44 -19.28
C SER F 35 -17.30 19.74 -17.80
N THR F 36 -17.77 20.89 -17.32
CA THR F 36 -17.51 21.24 -15.92
C THR F 36 -18.31 20.35 -14.97
N GLN F 37 -19.55 19.99 -15.32
CA GLN F 37 -20.25 19.05 -14.45
C GLN F 37 -19.70 17.63 -14.56
N ASN F 38 -19.23 17.22 -15.73
CA ASN F 38 -18.56 15.93 -15.82
C ASN F 38 -17.32 15.90 -14.93
N ALA F 39 -16.53 16.97 -14.98
CA ALA F 39 -15.35 17.07 -14.12
C ALA F 39 -15.73 17.08 -12.65
N ILE F 40 -16.80 17.80 -12.29
CA ILE F 40 -17.22 17.85 -10.89
C ILE F 40 -17.66 16.48 -10.41
N ASN F 41 -18.41 15.75 -11.25
CA ASN F 41 -18.80 14.39 -10.91
C ASN F 41 -17.57 13.49 -10.74
N GLY F 42 -16.60 13.62 -11.64
CA GLY F 42 -15.40 12.81 -11.54
C GLY F 42 -14.60 13.09 -10.26
N ILE F 43 -14.42 14.37 -9.94
CA ILE F 43 -13.66 14.73 -8.75
C ILE F 43 -14.41 14.33 -7.48
N THR F 44 -15.75 14.46 -7.49
CA THR F 44 -16.53 14.01 -6.34
C THR F 44 -16.38 12.52 -6.14
N ASN F 45 -16.44 11.74 -7.22
CA ASN F 45 -16.24 10.31 -7.12
C ASN F 45 -14.84 9.98 -6.61
N LYS F 46 -13.83 10.71 -7.10
CA LYS F 46 -12.46 10.46 -6.68
C LYS F 46 -12.28 10.71 -5.19
N VAL F 47 -12.75 11.86 -4.71
CA VAL F 47 -12.60 12.20 -3.29
C VAL F 47 -13.40 11.23 -2.42
N ASN F 48 -14.63 10.89 -2.83
CA ASN F 48 -15.43 9.97 -2.03
C ASN F 48 -14.82 8.57 -2.02
N SER F 49 -14.20 8.14 -3.13
CA SER F 49 -13.54 6.84 -3.13
C SER F 49 -12.31 6.84 -2.23
N VAL F 50 -11.55 7.94 -2.24
CA VAL F 50 -10.38 8.01 -1.38
C VAL F 50 -10.80 8.01 0.09
N ILE F 51 -11.87 8.72 0.43
CA ILE F 51 -12.24 8.90 1.84
C ILE F 51 -13.02 7.69 2.36
N GLU F 52 -14.05 7.28 1.63
CA GLU F 52 -15.04 6.32 2.13
C GLU F 52 -14.60 4.87 2.04
N LYS F 53 -13.53 4.57 1.30
CA LYS F 53 -13.04 3.19 1.25
C LYS F 53 -12.36 2.75 2.53
N MET F 54 -12.11 3.69 3.46
CA MET F 54 -11.47 3.36 4.73
C MET F 54 -12.55 3.03 5.75
N ASN F 55 -12.81 1.74 5.93
CA ASN F 55 -13.71 1.26 6.96
C ASN F 55 -12.88 0.68 8.10
N THR F 56 -13.08 1.20 9.31
CA THR F 56 -12.29 0.84 10.46
C THR F 56 -13.20 0.31 11.56
N GLN F 57 -12.75 -0.74 12.25
CA GLN F 57 -13.47 -1.32 13.35
C GLN F 57 -13.10 -0.63 14.66
N PHE F 58 -13.87 -0.94 15.71
CA PHE F 58 -13.58 -0.39 17.03
C PHE F 58 -12.30 -1.02 17.59
N THR F 59 -11.29 -0.19 17.85
CA THR F 59 -10.02 -0.66 18.35
C THR F 59 -9.47 0.33 19.37
N ALA F 60 -8.65 -0.19 20.29
CA ALA F 60 -7.85 0.61 21.19
C ALA F 60 -6.40 0.24 20.97
N VAL F 61 -5.59 1.21 20.53
CA VAL F 61 -4.24 0.91 20.07
C VAL F 61 -3.24 1.06 21.21
N GLY F 62 -3.73 1.22 22.43
CA GLY F 62 -2.84 1.37 23.57
C GLY F 62 -2.86 0.17 24.50
N LYS F 63 -1.67 -0.32 24.87
CA LYS F 63 -1.54 -1.44 25.79
C LYS F 63 -0.57 -1.07 26.90
N GLU F 64 -0.68 -1.77 28.03
CA GLU F 64 0.14 -1.52 29.19
C GLU F 64 0.84 -2.81 29.61
N PHE F 65 2.16 -2.74 29.76
CA PHE F 65 2.96 -3.89 30.18
C PHE F 65 3.82 -3.50 31.37
N ASN F 66 4.11 -4.48 32.22
CA ASN F 66 4.93 -4.25 33.40
C ASN F 66 6.40 -4.31 33.03
N LYS F 67 7.28 -4.36 34.03
CA LYS F 67 8.71 -4.27 33.83
C LYS F 67 9.37 -5.63 33.58
N LEU F 68 8.59 -6.70 33.50
CA LEU F 68 9.12 -8.03 33.18
C LEU F 68 8.59 -8.53 31.85
N GLU F 69 7.92 -7.69 31.06
CA GLU F 69 7.32 -8.08 29.79
C GLU F 69 7.72 -7.11 28.69
N ARG F 70 9.02 -6.82 28.60
CA ARG F 70 9.50 -5.88 27.60
C ARG F 70 9.56 -6.46 26.19
N ARG F 71 9.66 -7.78 26.05
CA ARG F 71 9.53 -8.36 24.71
C ARG F 71 8.14 -8.10 24.14
N MET F 72 7.10 -8.24 24.96
CA MET F 72 5.75 -7.90 24.54
C MET F 72 5.66 -6.42 24.16
N GLU F 73 6.25 -5.55 24.99
CA GLU F 73 6.17 -4.12 24.73
C GLU F 73 6.85 -3.76 23.43
N ASN F 74 8.02 -4.35 23.16
CA ASN F 74 8.74 -4.06 21.92
C ASN F 74 8.03 -4.68 20.72
N LEU F 75 7.39 -5.83 20.87
CA LEU F 75 6.60 -6.38 19.78
C LEU F 75 5.41 -5.49 19.45
N ASN F 76 4.71 -4.99 20.47
CA ASN F 76 3.60 -4.08 20.25
C ASN F 76 4.06 -2.77 19.62
N LYS F 77 5.22 -2.26 20.08
CA LYS F 77 5.78 -1.05 19.50
C LYS F 77 6.17 -1.27 18.04
N LYS F 78 6.71 -2.44 17.73
CA LYS F 78 7.04 -2.77 16.35
C LYS F 78 5.79 -2.81 15.48
N VAL F 79 4.71 -3.41 15.99
CA VAL F 79 3.46 -3.46 15.25
C VAL F 79 2.95 -2.05 14.98
N ASP F 80 2.91 -1.21 16.02
CA ASP F 80 2.39 0.14 15.87
C ASP F 80 3.24 0.95 14.90
N ASP F 81 4.56 0.88 15.05
CA ASP F 81 5.45 1.67 14.20
C ASP F 81 5.42 1.18 12.76
N GLY F 82 5.32 -0.14 12.54
CA GLY F 82 5.18 -0.64 11.19
C GLY F 82 3.90 -0.20 10.53
N PHE F 83 2.79 -0.24 11.26
CA PHE F 83 1.53 0.25 10.71
C PHE F 83 1.61 1.73 10.38
N ILE F 84 2.21 2.52 11.27
CA ILE F 84 2.35 3.96 11.02
C ILE F 84 3.22 4.20 9.79
N ASP F 85 4.32 3.46 9.66
CA ASP F 85 5.20 3.62 8.51
C ASP F 85 4.48 3.29 7.21
N ILE F 86 3.77 2.16 7.19
CA ILE F 86 3.03 1.75 5.99
C ILE F 86 2.01 2.81 5.62
N TRP F 87 1.21 3.24 6.60
CA TRP F 87 0.15 4.19 6.30
C TRP F 87 0.71 5.55 5.87
N THR F 88 1.77 6.02 6.52
CA THR F 88 2.37 7.30 6.14
C THR F 88 2.92 7.25 4.72
N TYR F 89 3.72 6.21 4.41
CA TYR F 89 4.29 6.11 3.08
C TYR F 89 3.20 6.00 2.01
N ASN F 90 2.21 5.13 2.26
CA ASN F 90 1.15 4.94 1.28
C ASN F 90 0.32 6.21 1.10
N ALA F 91 -0.01 6.90 2.19
CA ALA F 91 -0.81 8.11 2.08
C ALA F 91 -0.07 9.21 1.33
N GLU F 92 1.19 9.43 1.64
CA GLU F 92 1.94 10.48 0.96
C GLU F 92 2.11 10.16 -0.52
N LEU F 93 2.51 8.93 -0.84
CA LEU F 93 2.67 8.56 -2.25
C LEU F 93 1.35 8.64 -3.00
N LEU F 94 0.26 8.18 -2.36
CA LEU F 94 -1.05 8.24 -2.98
C LEU F 94 -1.47 9.67 -3.26
N VAL F 95 -1.26 10.57 -2.29
CA VAL F 95 -1.64 11.96 -2.49
C VAL F 95 -0.84 12.57 -3.64
N LEU F 96 0.46 12.30 -3.69
CA LEU F 96 1.28 12.85 -4.77
C LEU F 96 0.80 12.34 -6.14
N LEU F 97 0.62 11.02 -6.25
CA LEU F 97 0.23 10.44 -7.53
C LEU F 97 -1.16 10.90 -7.96
N GLU F 98 -2.11 10.99 -7.01
CA GLU F 98 -3.45 11.45 -7.38
C GLU F 98 -3.48 12.93 -7.71
N ASN F 99 -2.63 13.74 -7.08
CA ASN F 99 -2.54 15.14 -7.51
C ASN F 99 -2.05 15.23 -8.95
N GLU F 100 -1.03 14.44 -9.30
CA GLU F 100 -0.59 14.41 -10.69
C GLU F 100 -1.71 13.97 -11.62
N ARG F 101 -2.44 12.92 -11.23
CA ARG F 101 -3.53 12.41 -12.05
C ARG F 101 -4.64 13.44 -12.22
N THR F 102 -4.98 14.17 -11.15
CA THR F 102 -6.02 15.18 -11.23
C THR F 102 -5.61 16.34 -12.13
N LEU F 103 -4.37 16.80 -12.02
CA LEU F 103 -3.92 17.87 -12.90
C LEU F 103 -3.91 17.42 -14.36
N ASP F 104 -3.49 16.17 -14.61
CA ASP F 104 -3.57 15.63 -15.97
C ASP F 104 -5.01 15.52 -16.43
N PHE F 105 -5.93 15.19 -15.53
CA PHE F 105 -7.35 15.10 -15.86
C PHE F 105 -7.90 16.44 -16.32
N HIS F 106 -7.58 17.50 -15.58
CA HIS F 106 -8.02 18.84 -15.98
C HIS F 106 -7.39 19.25 -17.31
N ASP F 107 -6.09 18.93 -17.49
CA ASP F 107 -5.44 19.19 -18.76
C ASP F 107 -6.13 18.49 -19.92
N SER F 108 -6.50 17.22 -19.72
CA SER F 108 -7.19 16.46 -20.76
C SER F 108 -8.55 17.06 -21.05
N ASN F 109 -9.27 17.51 -20.02
CA ASN F 109 -10.57 18.15 -20.24
C ASN F 109 -10.43 19.40 -21.10
N VAL F 110 -9.47 20.25 -20.77
CA VAL F 110 -9.27 21.47 -21.56
C VAL F 110 -8.89 21.14 -22.99
N LYS F 111 -7.96 20.20 -23.18
CA LYS F 111 -7.55 19.86 -24.53
C LYS F 111 -8.68 19.22 -25.33
N ASN F 112 -9.48 18.37 -24.69
CA ASN F 112 -10.61 17.75 -25.37
C ASN F 112 -11.62 18.79 -25.80
N LEU F 113 -11.88 19.78 -24.95
CA LEU F 113 -12.76 20.88 -25.34
C LEU F 113 -12.18 21.63 -26.53
N TYR F 114 -10.87 21.86 -26.52
CA TYR F 114 -10.23 22.58 -27.63
C TYR F 114 -10.39 21.82 -28.94
N GLU F 115 -10.13 20.52 -28.93
CA GLU F 115 -10.27 19.73 -30.16
C GLU F 115 -11.73 19.60 -30.58
N LYS F 116 -12.64 19.54 -29.60
CA LYS F 116 -14.06 19.50 -29.92
C LYS F 116 -14.49 20.75 -30.68
N VAL F 117 -14.01 21.92 -30.23
CA VAL F 117 -14.32 23.14 -30.95
C VAL F 117 -13.60 23.18 -32.30
N LYS F 118 -12.38 22.66 -32.35
CA LYS F 118 -11.60 22.71 -33.58
C LYS F 118 -12.21 21.85 -34.68
N SER F 119 -12.79 20.70 -34.31
CA SER F 119 -13.37 19.80 -35.29
C SER F 119 -14.54 20.45 -36.01
N GLN F 120 -15.40 21.16 -35.27
CA GLN F 120 -16.54 21.82 -35.89
C GLN F 120 -16.08 22.91 -36.87
N LEU F 121 -15.09 23.70 -36.46
CA LEU F 121 -14.56 24.78 -37.30
C LEU F 121 -13.40 24.25 -38.13
N LYS F 122 -13.77 23.49 -39.17
CA LYS F 122 -12.80 22.80 -40.00
C LYS F 122 -11.83 23.77 -40.66
N ASN F 123 -12.33 24.62 -41.55
CA ASN F 123 -11.51 25.70 -42.09
C ASN F 123 -12.31 27.00 -42.15
N ASN F 124 -13.41 27.11 -41.43
CA ASN F 124 -14.12 28.37 -41.28
C ASN F 124 -13.47 29.29 -40.26
N ALA F 125 -12.44 28.81 -39.56
CA ALA F 125 -11.69 29.63 -38.62
C ALA F 125 -10.23 29.21 -38.68
N LYS F 126 -9.36 30.10 -38.22
CA LYS F 126 -7.93 29.84 -38.17
C LYS F 126 -7.43 29.92 -36.74
N GLU F 127 -6.58 28.97 -36.37
CA GLU F 127 -5.98 28.98 -35.04
C GLU F 127 -4.99 30.12 -34.92
N ILE F 128 -5.00 30.80 -33.77
CA ILE F 128 -4.14 31.95 -33.54
C ILE F 128 -2.93 31.53 -32.72
N GLY F 129 -3.12 30.58 -31.83
CA GLY F 129 -1.99 30.04 -31.09
C GLY F 129 -2.14 30.08 -29.58
N ASN F 130 -2.73 31.16 -29.05
CA ASN F 130 -2.95 31.23 -27.62
C ASN F 130 -4.03 30.26 -27.17
N GLY F 131 -4.82 29.70 -28.08
CA GLY F 131 -5.96 28.88 -27.67
C GLY F 131 -7.25 29.33 -28.32
N CYS F 132 -7.11 30.15 -29.35
CA CYS F 132 -8.19 31.01 -29.89
C CYS F 132 -8.40 30.70 -31.38
N PHE F 133 -9.53 31.13 -31.92
CA PHE F 133 -9.92 30.80 -33.31
C PHE F 133 -10.52 32.02 -33.94
N GLU F 134 -9.96 32.49 -35.04
CA GLU F 134 -10.53 33.69 -35.64
C GLU F 134 -11.36 33.25 -36.85
N PHE F 135 -12.63 33.64 -36.88
CA PHE F 135 -13.52 33.22 -37.94
C PHE F 135 -13.21 33.97 -39.23
N TYR F 136 -13.56 33.34 -40.35
CA TYR F 136 -13.57 34.02 -41.64
C TYR F 136 -14.94 34.59 -42.00
N HIS F 137 -15.95 34.39 -41.14
CA HIS F 137 -17.27 34.94 -41.38
C HIS F 137 -17.73 35.74 -40.16
N LYS F 138 -18.98 36.18 -40.17
CA LYS F 138 -19.54 36.94 -39.05
C LYS F 138 -20.35 35.98 -38.18
N CYS F 139 -19.76 35.60 -37.04
CA CYS F 139 -20.41 34.70 -36.11
C CYS F 139 -21.16 35.54 -35.08
N ASN F 140 -22.47 35.67 -35.27
CA ASN F 140 -23.29 36.43 -34.34
C ASN F 140 -23.59 35.58 -33.10
N ASP F 141 -24.46 36.10 -32.23
CA ASP F 141 -24.74 35.40 -30.98
C ASP F 141 -25.39 34.04 -31.22
N GLU F 142 -26.21 33.93 -32.26
CA GLU F 142 -26.78 32.63 -32.62
C GLU F 142 -25.68 31.66 -33.03
N CYS F 143 -24.75 32.11 -33.88
CA CYS F 143 -23.66 31.25 -34.33
C CYS F 143 -22.75 30.86 -33.16
N MET F 144 -22.43 31.83 -32.29
CA MET F 144 -21.59 31.53 -31.15
C MET F 144 -22.27 30.54 -30.20
N GLU F 145 -23.58 30.71 -29.99
CA GLU F 145 -24.31 29.78 -29.14
C GLU F 145 -24.33 28.39 -29.76
N SER F 146 -24.43 28.31 -31.09
CA SER F 146 -24.36 27.01 -31.75
C SER F 146 -22.98 26.37 -31.56
N VAL F 147 -21.92 27.17 -31.68
CA VAL F 147 -20.56 26.64 -31.50
C VAL F 147 -20.38 26.11 -30.08
N LYS F 148 -20.81 26.87 -29.08
CA LYS F 148 -20.70 26.41 -27.71
C LYS F 148 -21.60 25.21 -27.43
N ASN F 149 -22.74 25.13 -28.14
CA ASN F 149 -23.68 24.04 -27.93
C ASN F 149 -23.18 22.73 -28.52
N GLY F 150 -22.57 22.79 -29.70
CA GLY F 150 -22.10 21.60 -30.38
C GLY F 150 -22.82 21.30 -31.68
N THR F 151 -23.68 22.19 -32.16
CA THR F 151 -24.44 21.99 -33.39
C THR F 151 -24.07 23.05 -34.43
N TYR F 152 -22.79 23.35 -34.56
CA TYR F 152 -22.33 24.34 -35.53
C TYR F 152 -22.39 23.74 -36.93
N ASP F 153 -23.19 24.35 -37.81
CA ASP F 153 -23.36 23.85 -39.17
C ASP F 153 -22.29 24.45 -40.06
N TYR F 154 -21.31 23.62 -40.43
CA TYR F 154 -20.25 24.06 -41.33
C TYR F 154 -20.77 24.48 -42.71
N PRO F 155 -21.64 23.71 -43.40
CA PRO F 155 -22.04 24.12 -44.75
C PRO F 155 -22.73 25.46 -44.82
N LYS F 156 -23.38 25.90 -43.74
CA LYS F 156 -24.08 27.18 -43.78
C LYS F 156 -23.11 28.34 -44.00
N TYR F 157 -21.96 28.32 -43.33
CA TYR F 157 -20.96 29.37 -43.45
C TYR F 157 -19.78 28.97 -44.32
N SER F 158 -19.85 27.81 -44.99
CA SER F 158 -18.68 27.27 -45.67
C SER F 158 -18.16 28.20 -46.76
N GLU F 159 -19.04 28.61 -47.69
CA GLU F 159 -18.56 29.43 -48.81
C GLU F 159 -18.22 30.85 -48.37
N GLU F 160 -18.99 31.40 -47.42
CA GLU F 160 -18.69 32.74 -46.93
C GLU F 160 -17.33 32.78 -46.26
N SER F 161 -16.98 31.74 -45.50
CA SER F 161 -15.65 31.66 -44.93
C SER F 161 -14.59 31.34 -45.98
N LYS F 162 -14.94 30.56 -47.00
CA LYS F 162 -13.98 30.17 -48.02
C LYS F 162 -13.51 31.37 -48.84
N LEU F 163 -14.43 32.26 -49.23
CA LEU F 163 -14.03 33.43 -49.98
C LEU F 163 -13.12 34.34 -49.16
N ASN F 164 -13.41 34.50 -47.87
CA ASN F 164 -12.54 35.28 -47.00
C ASN F 164 -11.17 34.62 -46.85
N ARG F 165 -11.14 33.30 -46.72
CA ARG F 165 -9.87 32.59 -46.56
C ARG F 165 -9.00 32.75 -47.79
N GLU F 166 -9.60 32.64 -48.98
CA GLU F 166 -8.84 32.79 -50.21
C GLU F 166 -8.53 34.25 -50.54
N LYS F 167 -9.25 35.20 -49.92
CA LYS F 167 -8.92 36.60 -50.12
C LYS F 167 -7.53 36.93 -49.61
N ILE F 168 -7.16 36.40 -48.46
CA ILE F 168 -5.84 36.63 -47.88
C ILE F 168 -4.99 35.38 -47.98
N GLN G 1 -15.21 -31.74 -26.60
CA GLN G 1 -16.65 -32.00 -26.68
C GLN G 1 -17.19 -31.66 -28.07
N VAL G 2 -16.29 -31.30 -28.97
CA VAL G 2 -16.62 -30.96 -30.35
C VAL G 2 -16.15 -32.08 -31.25
N GLN G 3 -17.05 -32.59 -32.09
CA GLN G 3 -16.73 -33.67 -33.01
C GLN G 3 -17.10 -33.24 -34.42
N LEU G 4 -16.14 -33.32 -35.33
CA LEU G 4 -16.33 -32.96 -36.72
C LEU G 4 -16.18 -34.19 -37.60
N GLN G 5 -17.08 -34.34 -38.57
CA GLN G 5 -17.06 -35.51 -39.46
C GLN G 5 -17.25 -35.03 -40.89
N GLU G 6 -16.31 -35.38 -41.76
CA GLU G 6 -16.39 -35.01 -43.17
C GLU G 6 -17.09 -36.10 -43.97
N SER G 7 -17.58 -35.70 -45.14
CA SER G 7 -18.22 -36.65 -46.04
C SER G 7 -18.23 -36.07 -47.45
N GLY G 8 -17.89 -36.90 -48.43
CA GLY G 8 -17.88 -36.50 -49.81
C GLY G 8 -17.41 -37.62 -50.72
N PRO G 9 -17.43 -37.37 -52.03
CA PRO G 9 -16.98 -38.39 -52.99
C PRO G 9 -15.46 -38.49 -53.01
N GLY G 10 -14.95 -39.70 -52.83
CA GLY G 10 -13.51 -39.91 -52.85
C GLY G 10 -12.90 -39.87 -54.24
N LEU G 11 -13.73 -39.92 -55.29
CA LEU G 11 -13.26 -39.89 -56.66
C LEU G 11 -14.02 -38.80 -57.40
N VAL G 12 -13.29 -37.88 -58.02
CA VAL G 12 -13.88 -36.77 -58.76
C VAL G 12 -13.23 -36.69 -60.13
N LYS G 13 -14.05 -36.62 -61.18
CA LYS G 13 -13.55 -36.48 -62.52
C LYS G 13 -13.00 -35.06 -62.73
N PRO G 14 -12.04 -34.90 -63.64
CA PRO G 14 -11.46 -33.59 -63.88
C PRO G 14 -12.47 -32.61 -64.50
N SER G 15 -12.21 -31.33 -64.25
CA SER G 15 -13.00 -30.22 -64.77
C SER G 15 -14.46 -30.27 -64.30
N GLU G 16 -14.71 -30.86 -63.13
CA GLU G 16 -16.05 -30.91 -62.55
C GLU G 16 -15.99 -30.47 -61.11
N THR G 17 -17.12 -29.96 -60.63
CA THR G 17 -17.18 -29.41 -59.27
C THR G 17 -16.91 -30.50 -58.24
N LEU G 18 -16.61 -30.06 -57.01
CA LEU G 18 -16.15 -30.95 -55.94
C LEU G 18 -16.80 -30.50 -54.65
N SER G 19 -17.72 -31.32 -54.13
CA SER G 19 -18.55 -30.96 -52.99
C SER G 19 -18.19 -31.83 -51.79
N LEU G 20 -17.89 -31.19 -50.67
CA LEU G 20 -17.69 -31.90 -49.40
C LEU G 20 -18.55 -31.24 -48.33
N THR G 21 -18.88 -32.01 -47.29
CA THR G 21 -19.70 -31.51 -46.21
C THR G 21 -19.15 -31.98 -44.87
N CYS G 22 -18.96 -31.05 -43.94
CA CYS G 22 -18.54 -31.37 -42.58
C CYS G 22 -19.72 -31.13 -41.64
N ALA G 23 -20.02 -32.12 -40.82
CA ALA G 23 -21.08 -32.05 -39.82
C ALA G 23 -20.46 -32.00 -38.44
N VAL G 24 -21.02 -31.14 -37.58
CA VAL G 24 -20.46 -30.84 -36.27
C VAL G 24 -21.44 -31.29 -35.19
N SER G 25 -20.90 -31.88 -34.12
CA SER G 25 -21.69 -32.28 -32.96
C SER G 25 -21.01 -31.75 -31.70
N GLY G 26 -21.83 -31.41 -30.71
CA GLY G 26 -21.33 -30.82 -29.49
C GLY G 26 -21.11 -29.32 -29.56
N ASN G 27 -21.54 -28.67 -30.64
CA ASN G 27 -21.31 -27.25 -30.83
C ASN G 27 -22.31 -26.74 -31.86
N SER G 28 -22.59 -25.45 -31.79
CA SER G 28 -23.47 -24.77 -32.73
C SER G 28 -22.63 -23.90 -33.65
N ILE G 29 -22.72 -24.14 -34.96
CA ILE G 29 -21.84 -23.50 -35.92
C ILE G 29 -22.37 -22.18 -36.45
N SER G 30 -23.58 -21.78 -36.06
CA SER G 30 -24.11 -20.47 -36.37
C SER G 30 -24.07 -19.53 -35.17
N SER G 31 -23.38 -19.92 -34.10
CA SER G 31 -23.40 -19.17 -32.86
C SER G 31 -22.03 -18.60 -32.47
N GLU G 32 -21.00 -19.43 -32.34
CA GLU G 32 -19.81 -19.02 -31.60
C GLU G 32 -18.53 -18.96 -32.42
N TYR G 33 -18.09 -20.04 -33.04
CA TYR G 33 -16.71 -20.14 -33.50
C TYR G 33 -16.61 -20.01 -35.02
N TYR G 34 -15.40 -20.23 -35.55
CA TYR G 34 -15.17 -20.21 -36.99
C TYR G 34 -14.84 -21.62 -37.48
N TRP G 35 -15.18 -21.89 -38.75
CA TRP G 35 -15.09 -23.24 -39.28
C TRP G 35 -14.40 -23.22 -40.64
N ALA G 36 -13.33 -24.01 -40.77
CA ALA G 36 -12.42 -23.88 -41.88
C ALA G 36 -12.17 -25.22 -42.57
N TRP G 37 -11.72 -25.13 -43.82
CA TRP G 37 -11.29 -26.28 -44.61
C TRP G 37 -9.79 -26.20 -44.84
N ILE G 38 -9.07 -27.29 -44.58
CA ILE G 38 -7.63 -27.36 -44.76
C ILE G 38 -7.31 -28.58 -45.60
N ARG G 39 -6.53 -28.40 -46.65
CA ARG G 39 -6.13 -29.53 -47.49
C ARG G 39 -4.64 -29.77 -47.38
N GLN G 40 -4.25 -31.01 -47.67
CA GLN G 40 -2.86 -31.44 -47.62
C GLN G 40 -2.57 -32.37 -48.79
N PRO G 41 -1.78 -31.94 -49.76
CA PRO G 41 -1.34 -32.85 -50.84
C PRO G 41 -0.42 -33.91 -50.28
N PRO G 42 -0.29 -35.05 -50.96
CA PRO G 42 0.59 -36.12 -50.48
C PRO G 42 2.05 -35.63 -50.43
N GLY G 43 2.63 -35.72 -49.24
CA GLY G 43 4.01 -35.29 -49.04
C GLY G 43 4.25 -33.81 -49.20
N MET G 44 3.31 -32.97 -48.73
CA MET G 44 3.49 -31.53 -48.74
C MET G 44 2.92 -30.94 -47.45
N PRO G 45 3.14 -29.66 -47.19
CA PRO G 45 2.61 -29.04 -45.97
C PRO G 45 1.12 -28.76 -46.10
N PRO G 46 0.41 -28.59 -44.99
CA PRO G 46 -1.01 -28.26 -45.07
C PRO G 46 -1.24 -26.90 -45.70
N GLU G 47 -2.41 -26.74 -46.31
CA GLU G 47 -2.79 -25.50 -46.97
C GLU G 47 -4.19 -25.12 -46.55
N TRP G 48 -4.35 -23.89 -46.05
CA TRP G 48 -5.65 -23.40 -45.66
C TRP G 48 -6.46 -23.04 -46.90
N VAL G 49 -7.69 -23.51 -46.97
CA VAL G 49 -8.56 -23.29 -48.12
C VAL G 49 -9.53 -22.15 -47.89
N GLY G 50 -10.25 -22.16 -46.77
CA GLY G 50 -11.19 -21.10 -46.48
C GLY G 50 -11.77 -21.28 -45.09
N THR G 51 -12.52 -20.27 -44.67
CA THR G 51 -13.11 -20.22 -43.35
C THR G 51 -14.45 -19.49 -43.44
N ILE G 52 -15.41 -19.95 -42.64
CA ILE G 52 -16.71 -19.29 -42.51
C ILE G 52 -16.93 -18.97 -41.03
N TYR G 53 -17.36 -17.75 -40.76
CA TYR G 53 -17.61 -17.31 -39.40
C TYR G 53 -19.00 -17.75 -38.95
N HIS G 54 -19.24 -17.66 -37.64
CA HIS G 54 -20.58 -17.92 -37.13
C HIS G 54 -21.57 -16.84 -37.53
N THR G 55 -21.09 -15.71 -38.04
CA THR G 55 -21.94 -14.63 -38.54
C THR G 55 -22.18 -14.74 -40.04
N GLY G 56 -21.72 -15.80 -40.68
CA GLY G 56 -21.89 -15.97 -42.10
C GLY G 56 -20.84 -15.31 -42.96
N ASN G 57 -19.70 -14.93 -42.40
CA ASN G 57 -18.64 -14.27 -43.14
C ASN G 57 -17.62 -15.30 -43.62
N THR G 58 -17.28 -15.24 -44.90
CA THR G 58 -16.41 -16.21 -45.54
C THR G 58 -15.13 -15.54 -46.03
N TYR G 59 -13.99 -16.15 -45.69
CA TYR G 59 -12.68 -15.69 -46.13
C TYR G 59 -11.96 -16.86 -46.79
N TYR G 60 -11.52 -16.67 -48.03
CA TYR G 60 -10.93 -17.74 -48.82
C TYR G 60 -9.44 -17.50 -49.03
N ASN G 61 -8.74 -18.59 -49.34
CA ASN G 61 -7.34 -18.51 -49.70
C ASN G 61 -7.20 -17.76 -51.02
N PRO G 62 -6.32 -16.76 -51.12
CA PRO G 62 -6.23 -15.97 -52.37
C PRO G 62 -5.91 -16.80 -53.60
N SER G 63 -5.11 -17.85 -53.47
CA SER G 63 -4.80 -18.69 -54.61
C SER G 63 -6.03 -19.48 -55.07
N LEU G 64 -6.87 -19.92 -54.12
CA LEU G 64 -8.06 -20.70 -54.43
C LEU G 64 -9.34 -19.87 -54.36
N LYS G 65 -9.23 -18.55 -54.25
CA LYS G 65 -10.42 -17.73 -54.01
C LYS G 65 -11.42 -17.78 -55.15
N SER G 66 -10.94 -17.85 -56.40
CA SER G 66 -11.84 -17.75 -57.54
C SER G 66 -12.80 -18.92 -57.61
N ARG G 67 -12.30 -20.13 -57.38
CA ARG G 67 -13.16 -21.34 -57.58
C ARG G 67 -13.49 -22.05 -56.25
N THR G 68 -13.59 -21.31 -55.15
CA THR G 68 -14.01 -21.95 -53.88
C THR G 68 -15.26 -21.28 -53.36
N THR G 69 -16.06 -22.02 -52.59
CA THR G 69 -17.29 -21.44 -51.99
C THR G 69 -17.63 -22.24 -50.75
N ILE G 70 -17.67 -21.56 -49.59
CA ILE G 70 -18.00 -22.26 -48.35
C ILE G 70 -19.38 -21.78 -47.91
N SER G 71 -20.27 -22.75 -47.65
CA SER G 71 -21.65 -22.44 -47.29
C SER G 71 -21.97 -23.08 -45.94
N MET G 72 -23.02 -22.57 -45.31
CA MET G 72 -23.45 -23.04 -44.00
C MET G 72 -24.92 -23.44 -44.06
N ASP G 73 -25.29 -24.41 -43.23
CA ASP G 73 -26.67 -24.83 -43.07
C ASP G 73 -27.14 -24.35 -41.70
N THR G 74 -27.96 -23.32 -41.69
CA THR G 74 -28.46 -22.77 -40.42
C THR G 74 -29.63 -23.58 -39.86
N SER G 75 -29.88 -24.79 -40.37
CA SER G 75 -30.88 -25.68 -39.82
C SER G 75 -30.25 -26.77 -38.95
N LYS G 76 -29.30 -27.51 -39.50
CA LYS G 76 -28.50 -28.47 -38.76
C LYS G 76 -27.02 -28.14 -38.93
N ASN G 77 -26.21 -28.62 -37.99
CA ASN G 77 -24.80 -28.23 -37.96
C ASN G 77 -24.03 -28.82 -39.13
N GLN G 78 -23.92 -28.07 -40.23
CA GLN G 78 -23.21 -28.52 -41.42
C GLN G 78 -22.63 -27.32 -42.13
N PHE G 79 -21.40 -27.46 -42.60
CA PHE G 79 -20.83 -26.49 -43.54
C PHE G 79 -20.14 -27.23 -44.67
N SER G 80 -20.29 -26.71 -45.88
CA SER G 80 -19.93 -27.41 -47.09
C SER G 80 -18.95 -26.58 -47.92
N LEU G 81 -18.08 -27.29 -48.63
CA LEU G 81 -17.10 -26.70 -49.52
C LEU G 81 -17.40 -27.13 -50.95
N ARG G 82 -17.35 -26.18 -51.87
CA ARG G 82 -17.62 -26.40 -53.30
C ARG G 82 -16.42 -25.87 -54.09
N LEU G 83 -15.45 -26.75 -54.30
CA LEU G 83 -14.24 -26.42 -55.06
C LEU G 83 -14.47 -26.79 -56.52
N ARG G 84 -14.50 -25.77 -57.39
CA ARG G 84 -14.81 -25.99 -58.83
C ARG G 84 -13.52 -26.21 -59.65
N SER G 85 -13.68 -26.59 -60.92
CA SER G 85 -12.58 -26.68 -61.92
C SER G 85 -11.42 -27.52 -61.36
N VAL G 86 -11.70 -28.78 -61.04
CA VAL G 86 -10.74 -29.62 -60.26
C VAL G 86 -9.74 -30.29 -61.22
N THR G 87 -8.44 -30.16 -60.96
CA THR G 87 -7.41 -30.81 -61.79
C THR G 87 -6.76 -31.90 -60.97
N ALA G 88 -5.76 -32.58 -61.52
CA ALA G 88 -5.06 -33.64 -60.79
C ALA G 88 -4.33 -33.11 -59.57
N ALA G 89 -3.98 -31.82 -59.55
CA ALA G 89 -3.28 -31.24 -58.41
C ALA G 89 -4.16 -31.08 -57.19
N ASP G 90 -5.48 -31.25 -57.32
CA ASP G 90 -6.39 -31.16 -56.19
C ASP G 90 -6.52 -32.46 -55.42
N SER G 91 -5.93 -33.55 -55.90
CA SER G 91 -5.96 -34.83 -55.20
C SER G 91 -5.20 -34.71 -53.89
N ALA G 92 -5.91 -34.69 -52.77
CA ALA G 92 -5.29 -34.40 -51.48
C ALA G 92 -6.22 -34.85 -50.37
N VAL G 93 -5.71 -34.82 -49.15
CA VAL G 93 -6.55 -35.07 -47.99
C VAL G 93 -7.22 -33.76 -47.57
N TYR G 94 -8.52 -33.81 -47.31
CA TYR G 94 -9.27 -32.63 -46.92
C TYR G 94 -9.76 -32.79 -45.49
N TYR G 95 -9.68 -31.70 -44.73
CA TYR G 95 -9.97 -31.66 -43.30
C TYR G 95 -10.91 -30.50 -43.03
N CYS G 96 -11.83 -30.68 -42.09
CA CYS G 96 -12.63 -29.59 -41.57
C CYS G 96 -12.22 -29.36 -40.12
N ALA G 97 -12.03 -28.10 -39.75
CA ALA G 97 -11.48 -27.76 -38.45
C ALA G 97 -12.22 -26.57 -37.87
N ARG G 98 -12.10 -26.42 -36.55
CA ARG G 98 -12.69 -25.30 -35.81
C ARG G 98 -11.58 -24.33 -35.42
N ALA G 99 -11.63 -23.13 -36.00
CA ALA G 99 -10.70 -22.06 -35.68
C ALA G 99 -11.37 -21.08 -34.71
N GLY G 100 -10.60 -20.67 -33.71
CA GLY G 100 -11.06 -19.68 -32.75
C GLY G 100 -10.70 -20.02 -31.33
N VAL G 101 -10.07 -19.08 -30.63
CA VAL G 101 -9.75 -19.23 -29.20
C VAL G 101 -10.26 -18.00 -28.48
N THR G 102 -10.87 -18.21 -27.30
CA THR G 102 -11.50 -17.14 -26.55
C THR G 102 -10.58 -16.72 -25.40
N ILE G 103 -10.10 -15.49 -25.44
CA ILE G 103 -9.34 -14.88 -24.35
C ILE G 103 -9.89 -13.49 -24.11
N PHE G 104 -10.11 -13.15 -22.84
CA PHE G 104 -10.66 -11.85 -22.44
C PHE G 104 -11.96 -11.56 -23.18
N GLY G 105 -12.78 -12.59 -23.33
CA GLY G 105 -14.07 -12.44 -23.99
C GLY G 105 -14.00 -12.22 -25.48
N LEU G 106 -12.82 -12.29 -26.08
CA LEU G 106 -12.64 -12.07 -27.51
C LEU G 106 -12.20 -13.37 -28.16
N THR G 107 -12.83 -13.72 -29.28
CA THR G 107 -12.52 -14.94 -30.02
C THR G 107 -11.66 -14.58 -31.21
N LEU G 108 -10.44 -15.11 -31.25
CA LEU G 108 -9.48 -14.86 -32.30
C LEU G 108 -9.36 -16.05 -33.23
N PRO G 109 -9.27 -15.80 -34.54
CA PRO G 109 -9.30 -16.88 -35.52
C PRO G 109 -7.93 -17.47 -35.81
N ASN G 110 -6.96 -17.22 -34.92
CA ASN G 110 -5.55 -17.43 -35.25
C ASN G 110 -5.26 -18.87 -35.67
N TYR G 111 -5.78 -19.84 -34.91
CA TYR G 111 -5.33 -21.22 -35.04
C TYR G 111 -6.52 -22.17 -35.09
N PHE G 112 -6.26 -23.36 -35.64
CA PHE G 112 -7.24 -24.44 -35.68
C PHE G 112 -6.99 -25.36 -34.49
N HIS G 113 -7.93 -25.40 -33.57
CA HIS G 113 -7.75 -26.14 -32.31
C HIS G 113 -8.31 -27.55 -32.36
N HIS G 114 -9.36 -27.79 -33.15
CA HIS G 114 -9.93 -29.12 -33.32
C HIS G 114 -10.03 -29.42 -34.80
N TRP G 115 -9.70 -30.65 -35.17
CA TRP G 115 -9.67 -31.06 -36.57
C TRP G 115 -10.66 -32.20 -36.80
N GLY G 116 -10.97 -32.42 -38.07
CA GLY G 116 -11.81 -33.53 -38.48
C GLY G 116 -11.04 -34.83 -38.52
N GLN G 117 -11.36 -35.66 -39.52
CA GLN G 117 -10.66 -36.92 -39.74
C GLN G 117 -9.86 -36.94 -41.03
N GLY G 118 -10.38 -36.35 -42.09
CA GLY G 118 -9.64 -36.28 -43.34
C GLY G 118 -10.14 -37.25 -44.39
N THR G 119 -10.74 -36.72 -45.45
CA THR G 119 -11.22 -37.51 -46.56
C THR G 119 -10.28 -37.31 -47.76
N LEU G 120 -9.83 -38.41 -48.34
CA LEU G 120 -8.89 -38.34 -49.46
C LEU G 120 -9.66 -38.18 -50.76
N VAL G 121 -9.39 -37.09 -51.47
CA VAL G 121 -10.00 -36.84 -52.77
C VAL G 121 -8.97 -37.15 -53.84
N THR G 122 -9.30 -38.12 -54.69
CA THR G 122 -8.46 -38.53 -55.81
C THR G 122 -9.11 -38.08 -57.11
N VAL G 123 -8.34 -37.40 -57.95
CA VAL G 123 -8.83 -36.91 -59.23
C VAL G 123 -8.25 -37.84 -60.29
N SER G 124 -9.08 -38.74 -60.80
CA SER G 124 -8.67 -39.69 -61.82
C SER G 124 -9.91 -40.17 -62.57
N SER G 125 -9.67 -41.01 -63.57
CA SER G 125 -10.76 -41.55 -64.38
C SER G 125 -10.51 -43.00 -64.75
N ILE H 1 4.08 -13.57 -47.76
CA ILE H 1 4.63 -14.10 -46.52
C ILE H 1 5.30 -15.44 -46.77
N GLN H 2 6.56 -15.54 -46.36
CA GLN H 2 7.34 -16.76 -46.51
C GLN H 2 7.78 -17.25 -45.13
N MET H 3 7.67 -18.55 -44.93
CA MET H 3 7.97 -19.18 -43.64
C MET H 3 9.01 -20.27 -43.85
N THR H 4 10.12 -20.19 -43.12
CA THR H 4 11.21 -21.15 -43.26
C THR H 4 11.43 -21.88 -41.95
N GLN H 5 11.43 -23.21 -42.01
CA GLN H 5 11.59 -24.05 -40.83
C GLN H 5 12.82 -24.92 -40.99
N SER H 6 13.65 -24.98 -39.95
CA SER H 6 14.89 -25.74 -40.00
C SER H 6 15.07 -26.51 -38.69
N PRO H 7 15.70 -27.69 -38.76
CA PRO H 7 16.19 -28.41 -39.94
C PRO H 7 15.06 -29.21 -40.61
N SER H 8 15.18 -29.46 -41.93
CA SER H 8 14.13 -30.18 -42.64
C SER H 8 14.00 -31.61 -42.15
N THR H 9 15.13 -32.30 -41.96
CA THR H 9 15.14 -33.67 -41.47
C THR H 9 16.04 -33.73 -40.24
N LEU H 10 15.72 -34.65 -39.33
CA LEU H 10 16.43 -34.69 -38.06
C LEU H 10 16.26 -36.07 -37.43
N SER H 11 17.37 -36.63 -36.96
CA SER H 11 17.36 -37.87 -36.19
C SER H 11 18.03 -37.63 -34.85
N ALA H 12 17.45 -38.20 -33.79
CA ALA H 12 18.00 -38.01 -32.45
C ALA H 12 17.56 -39.17 -31.57
N SER H 13 18.44 -39.57 -30.66
CA SER H 13 18.16 -40.67 -29.76
C SER H 13 17.21 -40.24 -28.65
N VAL H 14 16.67 -41.23 -27.94
CA VAL H 14 15.76 -40.95 -26.84
C VAL H 14 16.48 -40.18 -25.75
N GLY H 15 15.81 -39.17 -25.20
CA GLY H 15 16.40 -38.32 -24.19
C GLY H 15 17.10 -37.08 -24.71
N ASP H 16 17.25 -36.94 -26.03
CA ASP H 16 17.89 -35.77 -26.58
C ASP H 16 16.99 -34.54 -26.46
N ARG H 17 17.61 -33.40 -26.22
CA ARG H 17 16.92 -32.11 -26.15
C ARG H 17 16.96 -31.52 -27.56
N VAL H 18 15.83 -31.56 -28.25
CA VAL H 18 15.76 -31.18 -29.65
C VAL H 18 15.09 -29.83 -29.78
N THR H 19 15.44 -29.10 -30.84
CA THR H 19 14.97 -27.75 -31.06
C THR H 19 14.77 -27.50 -32.55
N ILE H 20 13.61 -26.96 -32.91
CA ILE H 20 13.27 -26.62 -34.28
C ILE H 20 13.03 -25.12 -34.36
N THR H 21 13.55 -24.49 -35.41
CA THR H 21 13.51 -23.04 -35.54
C THR H 21 12.67 -22.64 -36.75
N CYS H 22 11.74 -21.71 -36.53
CA CYS H 22 10.87 -21.19 -37.58
C CYS H 22 11.08 -19.69 -37.70
N ARG H 23 11.14 -19.21 -38.94
CA ARG H 23 11.36 -17.80 -39.25
C ARG H 23 10.28 -17.31 -40.19
N ALA H 24 9.75 -16.12 -39.91
CA ALA H 24 8.66 -15.52 -40.67
C ALA H 24 9.16 -14.31 -41.45
N SER H 25 8.58 -14.10 -42.62
CA SER H 25 9.03 -13.00 -43.49
C SER H 25 8.68 -11.63 -42.91
N GLN H 26 7.50 -11.49 -42.31
CA GLN H 26 7.06 -10.23 -41.72
C GLN H 26 6.76 -10.43 -40.24
N SER H 27 7.28 -9.54 -39.41
CA SER H 27 7.10 -9.61 -37.96
C SER H 27 6.00 -8.65 -37.50
N ILE H 28 4.77 -8.91 -37.95
CA ILE H 28 3.61 -8.16 -37.46
C ILE H 28 2.89 -8.93 -36.34
N SER H 29 3.35 -10.15 -36.03
CA SER H 29 2.82 -10.92 -34.93
C SER H 29 3.97 -11.44 -34.08
N ASN H 30 3.74 -11.50 -32.77
CA ASN H 30 4.66 -12.14 -31.85
C ASN H 30 4.27 -13.58 -31.57
N TRP H 31 3.39 -14.14 -32.38
CA TRP H 31 2.73 -15.41 -32.10
C TRP H 31 3.01 -16.41 -33.21
N MET H 32 3.14 -17.69 -32.83
CA MET H 32 3.27 -18.76 -33.80
C MET H 32 2.68 -20.04 -33.19
N ALA H 33 2.29 -20.96 -34.07
CA ALA H 33 1.63 -22.19 -33.68
C ALA H 33 2.43 -23.39 -34.15
N TRP H 34 2.40 -24.47 -33.37
CA TRP H 34 3.11 -25.70 -33.68
C TRP H 34 2.13 -26.86 -33.74
N TYR H 35 2.18 -27.61 -34.83
CA TYR H 35 1.39 -28.81 -35.01
C TYR H 35 2.30 -30.03 -35.12
N GLN H 36 1.81 -31.16 -34.62
CA GLN H 36 2.50 -32.45 -34.70
C GLN H 36 1.59 -33.41 -35.45
N GLN H 37 1.97 -33.76 -36.68
CA GLN H 37 1.19 -34.67 -37.51
C GLN H 37 1.92 -36.00 -37.62
N LYS H 38 1.27 -37.05 -37.20
CA LYS H 38 1.73 -38.41 -37.40
C LYS H 38 1.17 -38.96 -38.69
N PRO H 39 1.84 -39.92 -39.33
CA PRO H 39 1.39 -40.39 -40.64
C PRO H 39 -0.01 -40.98 -40.58
N GLY H 40 -0.82 -40.62 -41.57
CA GLY H 40 -2.19 -41.10 -41.67
C GLY H 40 -3.19 -40.39 -40.80
N LYS H 41 -2.79 -39.35 -40.06
CA LYS H 41 -3.67 -38.68 -39.11
C LYS H 41 -3.63 -37.18 -39.35
N ALA H 42 -4.61 -36.48 -38.78
CA ALA H 42 -4.71 -35.04 -38.83
C ALA H 42 -3.71 -34.39 -37.88
N PRO H 43 -3.29 -33.16 -38.16
CA PRO H 43 -2.38 -32.47 -37.25
C PRO H 43 -3.02 -32.21 -35.89
N LYS H 44 -2.18 -32.01 -34.89
CA LYS H 44 -2.63 -31.78 -33.52
C LYS H 44 -1.86 -30.61 -32.95
N LEU H 45 -2.57 -29.51 -32.68
CA LEU H 45 -1.93 -28.31 -32.18
C LEU H 45 -1.30 -28.55 -30.81
N LEU H 46 -0.05 -28.10 -30.65
CA LEU H 46 0.67 -28.20 -29.39
C LEU H 46 0.91 -26.85 -28.74
N ILE H 47 1.40 -25.88 -29.50
CA ILE H 47 1.74 -24.56 -29.01
C ILE H 47 0.96 -23.53 -29.81
N TYR H 48 0.38 -22.54 -29.14
CA TYR H 48 -0.23 -21.41 -29.80
C TYR H 48 0.13 -20.14 -29.04
N LYS H 49 0.01 -19.00 -29.72
CA LYS H 49 0.46 -17.71 -29.22
C LYS H 49 1.96 -17.69 -28.95
N ALA H 50 2.68 -18.63 -29.58
CA ALA H 50 4.15 -18.75 -29.53
C ALA H 50 4.66 -19.23 -28.18
N SER H 51 3.79 -19.28 -27.18
CA SER H 51 4.19 -19.81 -25.87
C SER H 51 3.15 -20.69 -25.19
N THR H 52 1.87 -20.58 -25.53
CA THR H 52 0.84 -21.26 -24.75
C THR H 52 0.72 -22.72 -25.13
N LEU H 53 0.57 -23.57 -24.12
CA LEU H 53 0.44 -25.01 -24.32
C LEU H 53 -1.03 -25.37 -24.46
N GLU H 54 -1.34 -26.18 -25.48
CA GLU H 54 -2.69 -26.66 -25.66
C GLU H 54 -3.02 -27.69 -24.58
N SER H 55 -4.31 -27.78 -24.25
CA SER H 55 -4.77 -28.73 -23.25
C SER H 55 -4.53 -30.16 -23.73
N GLY H 56 -4.09 -31.02 -22.82
CA GLY H 56 -3.81 -32.40 -23.14
C GLY H 56 -2.46 -32.65 -23.77
N VAL H 57 -1.61 -31.63 -23.87
CA VAL H 57 -0.30 -31.76 -24.49
C VAL H 57 0.75 -32.01 -23.41
N PRO H 58 1.67 -32.95 -23.61
CA PRO H 58 2.71 -33.19 -22.60
C PRO H 58 3.58 -31.97 -22.38
N SER H 59 4.05 -31.83 -21.13
CA SER H 59 4.74 -30.61 -20.71
C SER H 59 6.13 -30.47 -21.34
N ARG H 60 6.71 -31.55 -21.85
CA ARG H 60 8.07 -31.46 -22.39
C ARG H 60 8.14 -30.56 -23.61
N PHE H 61 7.06 -30.47 -24.39
CA PHE H 61 7.01 -29.51 -25.48
C PHE H 61 6.96 -28.08 -24.93
N SER H 62 7.74 -27.19 -25.53
CA SER H 62 7.71 -25.80 -25.13
C SER H 62 8.00 -24.92 -26.35
N GLY H 63 7.56 -23.67 -26.27
CA GLY H 63 7.77 -22.72 -27.34
C GLY H 63 8.36 -21.43 -26.81
N GLY H 64 9.08 -20.75 -27.69
CA GLY H 64 9.70 -19.50 -27.31
C GLY H 64 10.05 -18.67 -28.52
N GLY H 65 10.61 -17.50 -28.26
CA GLY H 65 10.98 -16.58 -29.32
C GLY H 65 9.92 -15.54 -29.57
N SER H 66 10.21 -14.67 -30.51
CA SER H 66 9.32 -13.56 -30.86
C SER H 66 9.83 -12.94 -32.16
N GLY H 67 9.20 -11.83 -32.55
CA GLY H 67 9.60 -11.07 -33.70
C GLY H 67 9.68 -11.92 -34.95
N PRO H 68 10.89 -12.09 -35.48
CA PRO H 68 11.08 -12.90 -36.69
C PRO H 68 11.41 -14.36 -36.44
N GLU H 69 11.78 -14.75 -35.21
CA GLU H 69 12.29 -16.10 -34.98
C GLU H 69 11.59 -16.73 -33.78
N PHE H 70 11.14 -17.98 -33.95
CA PHE H 70 10.50 -18.73 -32.88
C PHE H 70 11.09 -20.14 -32.85
N THR H 71 11.05 -20.75 -31.67
CA THR H 71 11.67 -22.06 -31.47
C THR H 71 10.72 -22.98 -30.71
N LEU H 72 10.71 -24.24 -31.12
CA LEU H 72 10.00 -25.31 -30.41
C LEU H 72 11.03 -26.27 -29.85
N THR H 73 10.92 -26.57 -28.55
CA THR H 73 11.91 -27.37 -27.85
C THR H 73 11.24 -28.57 -27.18
N ILE H 74 11.82 -29.75 -27.39
CA ILE H 74 11.41 -30.96 -26.70
C ILE H 74 12.57 -31.41 -25.80
N SER H 75 12.31 -31.50 -24.50
CA SER H 75 13.38 -31.75 -23.54
C SER H 75 13.73 -33.24 -23.47
N SER H 76 12.77 -34.07 -23.05
CA SER H 76 12.98 -35.51 -22.90
C SER H 76 12.21 -36.22 -24.02
N LEU H 77 12.91 -36.58 -25.08
CA LEU H 77 12.29 -37.19 -26.24
C LEU H 77 11.72 -38.57 -25.88
N GLN H 78 10.69 -38.96 -26.62
CA GLN H 78 9.98 -40.22 -26.40
C GLN H 78 9.88 -40.95 -27.72
N PRO H 79 9.72 -42.28 -27.69
CA PRO H 79 9.64 -43.04 -28.94
C PRO H 79 8.42 -42.70 -29.78
N ASP H 80 7.39 -42.09 -29.21
CA ASP H 80 6.19 -41.72 -29.94
C ASP H 80 6.28 -40.33 -30.56
N ASP H 81 7.43 -39.68 -30.46
CA ASP H 81 7.62 -38.35 -31.04
C ASP H 81 7.94 -38.38 -32.52
N SER H 82 8.07 -39.56 -33.12
CA SER H 82 8.33 -39.65 -34.55
C SER H 82 7.13 -39.13 -35.33
N ALA H 83 7.23 -37.91 -35.86
CA ALA H 83 6.15 -37.26 -36.58
C ALA H 83 6.74 -36.07 -37.31
N THR H 84 5.88 -35.34 -38.02
CA THR H 84 6.27 -34.13 -38.73
C THR H 84 5.73 -32.92 -37.99
N TYR H 85 6.60 -31.95 -37.73
CA TYR H 85 6.24 -30.77 -36.95
C TYR H 85 6.17 -29.56 -37.87
N TYR H 86 5.08 -28.81 -37.75
CA TYR H 86 4.79 -27.68 -38.62
C TYR H 86 4.63 -26.41 -37.79
N CYS H 87 5.19 -25.30 -38.31
CA CYS H 87 4.99 -23.98 -37.72
C CYS H 87 4.05 -23.18 -38.62
N GLN H 88 3.06 -22.55 -37.99
CA GLN H 88 1.98 -21.86 -38.69
C GLN H 88 1.75 -20.49 -38.07
N GLN H 89 1.35 -19.53 -38.90
CA GLN H 89 1.11 -18.18 -38.45
C GLN H 89 -0.07 -17.59 -39.21
N TYR H 90 -0.98 -16.93 -38.50
CA TYR H 90 -2.09 -16.21 -39.09
C TYR H 90 -1.77 -14.72 -39.03
N ASN H 91 -1.67 -14.07 -40.19
CA ASN H 91 -1.18 -12.69 -40.21
C ASN H 91 -2.30 -11.66 -40.36
N SER H 92 -3.00 -11.63 -41.49
CA SER H 92 -4.10 -10.68 -41.64
C SER H 92 -5.41 -11.40 -41.90
N TYR H 93 -5.54 -12.10 -43.02
CA TYR H 93 -6.64 -13.02 -43.28
C TYR H 93 -6.13 -14.24 -44.02
N MET H 94 -4.95 -14.70 -43.62
CA MET H 94 -4.24 -15.77 -44.31
C MET H 94 -3.48 -16.59 -43.28
N TYR H 95 -3.59 -17.90 -43.39
CA TYR H 95 -2.86 -18.83 -42.53
C TYR H 95 -1.72 -19.43 -43.35
N THR H 96 -0.49 -19.24 -42.90
CA THR H 96 0.68 -19.72 -43.60
C THR H 96 1.34 -20.82 -42.77
N PHE H 97 1.54 -21.98 -43.38
CA PHE H 97 2.21 -23.11 -42.75
C PHE H 97 3.65 -23.19 -43.23
N GLY H 98 4.54 -23.58 -42.33
CA GLY H 98 5.93 -23.82 -42.67
C GLY H 98 6.15 -25.27 -43.01
N GLN H 99 7.17 -25.52 -43.83
CA GLN H 99 7.50 -26.89 -44.20
C GLN H 99 7.92 -27.68 -42.96
N GLY H 100 7.61 -28.97 -42.98
CA GLY H 100 7.74 -29.80 -41.80
C GLY H 100 9.17 -30.09 -41.42
N THR H 101 9.31 -30.77 -40.28
CA THR H 101 10.61 -31.22 -39.76
C THR H 101 10.39 -32.64 -39.25
N LYS H 102 10.86 -33.62 -40.03
CA LYS H 102 10.69 -35.01 -39.63
C LYS H 102 11.65 -35.35 -38.50
N VAL H 103 11.15 -36.09 -37.52
CA VAL H 103 11.91 -36.47 -36.33
C VAL H 103 11.94 -37.98 -36.23
N GLU H 104 13.13 -38.55 -36.09
CA GLU H 104 13.32 -39.99 -36.05
C GLU H 104 14.20 -40.36 -34.86
N ILE H 105 13.94 -41.52 -34.28
CA ILE H 105 14.77 -42.03 -33.19
C ILE H 105 16.03 -42.66 -33.76
N GLN I 1 40.56 13.90 -10.33
CA GLN I 1 41.50 13.00 -10.98
C GLN I 1 41.82 13.49 -12.40
N VAL I 2 41.30 14.66 -12.74
CA VAL I 2 41.53 15.27 -14.05
C VAL I 2 42.47 16.46 -13.86
N GLN I 3 43.53 16.50 -14.65
CA GLN I 3 44.52 17.57 -14.58
C GLN I 3 44.68 18.18 -15.96
N LEU I 4 44.51 19.49 -16.06
CA LEU I 4 44.65 20.23 -17.31
C LEU I 4 45.83 21.17 -17.22
N GLN I 5 46.63 21.24 -18.28
CA GLN I 5 47.80 22.10 -18.31
C GLN I 5 47.85 22.85 -19.63
N GLU I 6 47.90 24.17 -19.56
CA GLU I 6 47.98 24.99 -20.77
C GLU I 6 49.43 25.27 -21.13
N SER I 7 49.64 25.64 -22.40
CA SER I 7 50.96 25.98 -22.88
C SER I 7 50.82 26.82 -24.15
N GLY I 8 51.61 27.88 -24.22
CA GLY I 8 51.61 28.75 -25.37
C GLY I 8 52.54 29.94 -25.20
N PRO I 9 52.66 30.76 -26.24
CA PRO I 9 53.53 31.94 -26.14
C PRO I 9 52.86 33.05 -25.33
N GLY I 10 53.60 33.57 -24.35
CA GLY I 10 53.08 34.65 -23.52
C GLY I 10 53.10 36.00 -24.20
N LEU I 11 53.81 36.13 -25.31
CA LEU I 11 53.90 37.38 -26.05
C LEU I 11 53.53 37.11 -27.50
N VAL I 12 52.55 37.86 -28.01
CA VAL I 12 52.08 37.71 -29.37
C VAL I 12 52.03 39.08 -30.03
N LYS I 13 52.64 39.18 -31.22
CA LYS I 13 52.60 40.43 -31.96
C LYS I 13 51.20 40.67 -32.53
N PRO I 14 50.83 41.92 -32.74
CA PRO I 14 49.50 42.22 -33.27
C PRO I 14 49.32 41.74 -34.70
N SER I 15 48.06 41.46 -35.04
CA SER I 15 47.64 41.02 -36.37
C SER I 15 48.29 39.70 -36.77
N GLU I 16 48.62 38.85 -35.80
CA GLU I 16 49.17 37.53 -36.07
C GLU I 16 48.41 36.49 -35.27
N THR I 17 48.42 35.25 -35.77
CA THR I 17 47.66 34.18 -35.14
C THR I 17 48.19 33.91 -33.73
N LEU I 18 47.37 33.22 -32.95
CA LEU I 18 47.62 33.01 -31.53
C LEU I 18 47.23 31.57 -31.19
N SER I 19 48.23 30.74 -30.89
CA SER I 19 48.03 29.31 -30.71
C SER I 19 48.30 28.93 -29.26
N LEU I 20 47.35 28.22 -28.65
CA LEU I 20 47.53 27.66 -27.33
C LEU I 20 47.12 26.19 -27.35
N THR I 21 47.67 25.42 -26.41
CA THR I 21 47.39 23.99 -26.33
C THR I 21 47.18 23.58 -24.89
N CYS I 22 46.10 22.86 -24.63
CA CYS I 22 45.82 22.30 -23.31
C CYS I 22 45.95 20.78 -23.39
N ALA I 23 46.76 20.23 -22.48
CA ALA I 23 46.96 18.79 -22.37
C ALA I 23 46.26 18.29 -21.11
N VAL I 24 45.61 17.12 -21.24
CA VAL I 24 44.76 16.57 -20.20
C VAL I 24 45.34 15.24 -19.73
N SER I 25 45.31 15.02 -18.42
CA SER I 25 45.72 13.75 -17.82
C SER I 25 44.64 13.28 -16.87
N GLY I 26 44.52 11.96 -16.76
CA GLY I 26 43.47 11.37 -15.96
C GLY I 26 42.13 11.26 -16.64
N ASN I 27 42.05 11.57 -17.94
CA ASN I 27 40.80 11.54 -18.67
C ASN I 27 41.11 11.44 -20.15
N SER I 28 40.14 10.91 -20.91
CA SER I 28 40.25 10.80 -22.36
C SER I 28 39.33 11.84 -22.99
N ILE I 29 39.90 12.71 -23.83
CA ILE I 29 39.16 13.86 -24.35
C ILE I 29 38.44 13.56 -25.65
N SER I 30 38.62 12.36 -26.21
CA SER I 30 37.84 11.94 -27.36
C SER I 30 36.75 10.94 -26.99
N SER I 31 36.47 10.79 -25.70
CA SER I 31 35.53 9.77 -25.23
C SER I 31 34.30 10.35 -24.55
N GLU I 32 34.46 11.16 -23.50
CA GLU I 32 33.36 11.41 -22.58
C GLU I 32 32.87 12.85 -22.52
N TYR I 33 33.73 13.81 -22.18
CA TYR I 33 33.26 15.12 -21.72
C TYR I 33 33.47 16.19 -22.77
N TYR I 34 33.23 17.46 -22.41
CA TYR I 34 33.45 18.58 -23.30
C TYR I 34 34.58 19.44 -22.76
N TRP I 35 35.29 20.12 -23.67
CA TRP I 35 36.52 20.83 -23.31
C TRP I 35 36.50 22.23 -23.90
N ALA I 36 36.68 23.24 -23.05
CA ALA I 36 36.41 24.62 -23.41
C ALA I 36 37.59 25.53 -23.09
N TRP I 37 37.60 26.68 -23.76
CA TRP I 37 38.55 27.75 -23.51
C TRP I 37 37.81 28.95 -22.95
N ILE I 38 38.31 29.49 -21.84
CA ILE I 38 37.71 30.65 -21.17
C ILE I 38 38.79 31.71 -20.97
N ARG I 39 38.52 32.94 -21.38
CA ARG I 39 39.47 34.01 -21.19
C ARG I 39 38.92 35.05 -20.22
N GLN I 40 39.85 35.77 -19.59
CA GLN I 40 39.52 36.81 -18.63
C GLN I 40 40.46 38.00 -18.82
N PRO I 41 39.95 39.14 -19.30
CA PRO I 41 40.77 40.34 -19.36
C PRO I 41 41.08 40.85 -17.96
N PRO I 42 42.17 41.61 -17.80
CA PRO I 42 42.50 42.14 -16.46
C PRO I 42 41.39 43.04 -15.93
N GLY I 43 40.89 42.70 -14.75
CA GLY I 43 39.81 43.45 -14.14
C GLY I 43 38.49 43.38 -14.88
N MET I 44 38.12 42.20 -15.37
CA MET I 44 36.85 42.00 -16.06
C MET I 44 36.29 40.63 -15.76
N PRO I 45 35.04 40.35 -16.11
CA PRO I 45 34.47 39.02 -15.86
C PRO I 45 34.98 38.01 -16.86
N PRO I 46 34.91 36.72 -16.55
CA PRO I 46 35.33 35.69 -17.51
C PRO I 46 34.46 35.69 -18.74
N GLU I 47 35.05 35.27 -19.86
CA GLU I 47 34.35 35.21 -21.14
C GLU I 47 34.60 33.84 -21.76
N TRP I 48 33.54 33.14 -22.10
CA TRP I 48 33.66 31.84 -22.76
C TRP I 48 34.04 32.04 -24.22
N VAL I 49 35.06 31.31 -24.67
CA VAL I 49 35.58 31.44 -26.04
C VAL I 49 35.03 30.35 -26.95
N GLY I 50 35.12 29.09 -26.53
CA GLY I 50 34.63 28.01 -27.36
C GLY I 50 34.71 26.70 -26.60
N THR I 51 34.11 25.68 -27.21
CA THR I 51 34.02 24.35 -26.62
C THR I 51 34.08 23.32 -27.75
N ILE I 52 34.74 22.20 -27.47
CA ILE I 52 34.78 21.05 -28.38
C ILE I 52 34.25 19.84 -27.63
N TYR I 53 33.36 19.10 -28.28
CA TYR I 53 32.78 17.91 -27.69
C TYR I 53 33.71 16.71 -27.87
N HIS I 54 33.42 15.64 -27.13
CA HIS I 54 34.15 14.41 -27.33
C HIS I 54 33.83 13.75 -28.68
N THR I 55 32.78 14.20 -29.35
CA THR I 55 32.41 13.71 -30.67
C THR I 55 33.00 14.56 -31.78
N GLY I 56 33.82 15.55 -31.45
CA GLY I 56 34.39 16.43 -32.45
C GLY I 56 33.55 17.62 -32.83
N ASN I 57 32.53 17.96 -32.04
CA ASN I 57 31.64 19.08 -32.34
C ASN I 57 32.13 20.33 -31.62
N THR I 58 32.23 21.43 -32.37
CA THR I 58 32.79 22.68 -31.85
C THR I 58 31.72 23.77 -31.86
N TYR I 59 31.60 24.46 -30.74
CA TYR I 59 30.69 25.60 -30.58
C TYR I 59 31.48 26.79 -30.08
N TYR I 60 31.40 27.90 -30.80
CA TYR I 60 32.21 29.08 -30.51
C TYR I 60 31.36 30.23 -30.02
N ASN I 61 32.01 31.15 -29.32
CA ASN I 61 31.35 32.38 -28.89
C ASN I 61 31.00 33.21 -30.11
N PRO I 62 29.75 33.69 -30.23
CA PRO I 62 29.36 34.42 -31.44
C PRO I 62 30.20 35.66 -31.72
N SER I 63 30.67 36.35 -30.68
CA SER I 63 31.51 37.53 -30.90
C SER I 63 32.87 37.13 -31.46
N LEU I 64 33.41 35.98 -31.04
CA LEU I 64 34.78 35.59 -31.46
C LEU I 64 34.74 34.39 -32.42
N LYS I 65 33.56 34.00 -32.90
CA LYS I 65 33.44 32.77 -33.74
C LYS I 65 34.26 32.90 -35.02
N SER I 66 34.31 34.08 -35.64
CA SER I 66 35.02 34.24 -36.94
C SER I 66 36.53 34.00 -36.79
N ARG I 67 37.14 34.47 -35.70
CA ARG I 67 38.62 34.38 -35.58
C ARG I 67 39.07 33.17 -34.74
N THR I 68 38.13 32.36 -34.24
CA THR I 68 38.55 31.26 -33.34
C THR I 68 38.44 29.91 -34.03
N THR I 69 39.24 28.94 -33.57
CA THR I 69 39.17 27.56 -34.11
C THR I 69 39.71 26.62 -33.07
N ILE I 70 38.92 25.64 -32.64
CA ILE I 70 39.34 24.71 -31.61
C ILE I 70 39.51 23.34 -32.24
N SER I 71 40.68 22.74 -32.05
CA SER I 71 41.01 21.47 -32.66
C SER I 71 41.37 20.46 -31.57
N MET I 72 41.27 19.18 -31.92
CA MET I 72 41.54 18.10 -31.00
C MET I 72 42.58 17.17 -31.60
N ASP I 73 43.39 16.56 -30.74
CA ASP I 73 44.38 15.56 -31.13
C ASP I 73 43.86 14.20 -30.67
N THR I 74 43.40 13.39 -31.60
CA THR I 74 42.89 12.07 -31.27
C THR I 74 43.98 11.04 -31.07
N SER I 75 45.25 11.47 -30.95
CA SER I 75 46.36 10.57 -30.64
C SER I 75 46.73 10.65 -29.17
N LYS I 76 47.04 11.85 -28.68
CA LYS I 76 47.27 12.11 -27.27
C LYS I 76 46.31 13.19 -26.80
N ASN I 77 46.09 13.24 -25.48
CA ASN I 77 45.07 14.12 -24.92
C ASN I 77 45.49 15.58 -25.04
N GLN I 78 45.08 16.24 -26.12
CA GLN I 78 45.40 17.64 -26.35
C GLN I 78 44.29 18.29 -27.14
N PHE I 79 43.93 19.51 -26.76
CA PHE I 79 43.08 20.35 -27.61
C PHE I 79 43.63 21.75 -27.64
N SER I 80 43.57 22.35 -28.83
CA SER I 80 44.28 23.58 -29.12
C SER I 80 43.32 24.66 -29.61
N LEU I 81 43.66 25.90 -29.28
CA LEU I 81 42.92 27.08 -29.69
C LEU I 81 43.77 27.92 -30.62
N ARG I 82 43.18 28.37 -31.72
CA ARG I 82 43.85 29.20 -32.73
C ARG I 82 43.02 30.47 -32.93
N LEU I 83 43.33 31.49 -32.13
CA LEU I 83 42.65 32.78 -32.20
C LEU I 83 43.44 33.68 -33.14
N ARG I 84 42.81 34.05 -34.27
CA ARG I 84 43.50 34.87 -35.31
C ARG I 84 43.26 36.36 -35.08
N SER I 85 44.01 37.20 -35.82
CA SER I 85 43.80 38.67 -35.87
C SER I 85 43.81 39.27 -34.46
N VAL I 86 44.94 39.16 -33.76
CA VAL I 86 44.99 39.44 -32.30
C VAL I 86 45.36 40.91 -32.06
N THR I 87 44.47 41.68 -31.43
CA THR I 87 44.75 43.08 -31.12
C THR I 87 45.19 43.21 -29.67
N ALA I 88 45.31 44.44 -29.17
CA ALA I 88 45.68 44.65 -27.78
C ALA I 88 44.58 44.23 -26.82
N ALA I 89 43.32 44.19 -27.28
CA ALA I 89 42.21 43.79 -26.43
C ALA I 89 42.21 42.30 -26.11
N ASP I 90 43.03 41.51 -26.80
CA ASP I 90 43.11 40.08 -26.54
C ASP I 90 44.08 39.73 -25.41
N SER I 91 44.83 40.70 -24.90
CA SER I 91 45.74 40.46 -23.79
C SER I 91 44.95 40.10 -22.53
N ALA I 92 45.00 38.83 -22.14
CA ALA I 92 44.14 38.35 -21.07
C ALA I 92 44.69 37.02 -20.56
N VAL I 93 44.12 36.55 -19.46
CA VAL I 93 44.45 35.22 -18.97
C VAL I 93 43.57 34.19 -19.68
N TYR I 94 44.18 33.11 -20.15
CA TYR I 94 43.46 32.06 -20.86
C TYR I 94 43.47 30.79 -20.03
N TYR I 95 42.34 30.08 -20.04
CA TYR I 95 42.10 28.90 -19.23
C TYR I 95 41.52 27.82 -20.11
N CYS I 96 41.88 26.57 -19.84
CA CYS I 96 41.22 25.42 -20.44
C CYS I 96 40.48 24.68 -19.34
N ALA I 97 39.23 24.31 -19.62
CA ALA I 97 38.36 23.75 -18.60
C ALA I 97 37.58 22.58 -19.18
N ARG I 98 37.06 21.75 -18.27
CA ARG I 98 36.23 20.61 -18.63
C ARG I 98 34.78 20.92 -18.29
N ALA I 99 33.93 21.01 -19.31
CA ALA I 99 32.50 21.22 -19.14
C ALA I 99 31.76 19.90 -19.32
N GLY I 100 30.79 19.67 -18.44
CA GLY I 100 29.96 18.48 -18.50
C GLY I 100 29.72 17.85 -17.15
N VAL I 101 28.45 17.63 -16.82
CA VAL I 101 28.07 16.93 -15.60
C VAL I 101 27.09 15.82 -15.97
N THR I 102 27.27 14.65 -15.37
CA THR I 102 26.49 13.46 -15.71
C THR I 102 25.43 13.24 -14.65
N ILE I 103 24.16 13.33 -15.05
CA ILE I 103 23.02 12.99 -14.22
C ILE I 103 22.05 12.17 -15.03
N PHE I 104 21.56 11.08 -14.44
CA PHE I 104 20.64 10.16 -15.10
C PHE I 104 21.20 9.68 -16.44
N GLY I 105 22.51 9.42 -16.46
CA GLY I 105 23.17 8.93 -17.65
C GLY I 105 23.33 9.95 -18.74
N LEU I 106 22.95 11.21 -18.52
CA LEU I 106 23.05 12.25 -19.52
C LEU I 106 24.08 13.28 -19.09
N THR I 107 24.96 13.66 -20.01
CA THR I 107 26.01 14.62 -19.74
C THR I 107 25.58 15.98 -20.31
N LEU I 108 25.45 16.96 -19.44
CA LEU I 108 25.03 18.30 -19.78
C LEU I 108 26.21 19.27 -19.76
N PRO I 109 26.27 20.16 -20.75
CA PRO I 109 27.44 21.03 -20.91
C PRO I 109 27.34 22.32 -20.10
N ASN I 110 26.45 22.35 -19.12
CA ASN I 110 26.02 23.60 -18.51
C ASN I 110 27.20 24.39 -17.93
N TYR I 111 28.07 23.72 -17.19
CA TYR I 111 29.04 24.41 -16.34
C TYR I 111 30.43 23.81 -16.51
N PHE I 112 31.44 24.61 -16.14
CA PHE I 112 32.83 24.19 -16.15
C PHE I 112 33.20 23.75 -14.74
N HIS I 113 33.44 22.45 -14.56
CA HIS I 113 33.66 21.88 -13.23
C HIS I 113 35.13 21.80 -12.85
N HIS I 114 36.04 21.65 -13.82
CA HIS I 114 37.47 21.65 -13.56
C HIS I 114 38.14 22.64 -14.49
N TRP I 115 39.10 23.40 -13.95
CA TRP I 115 39.78 24.45 -14.70
C TRP I 115 41.27 24.14 -14.81
N GLY I 116 41.93 24.83 -15.73
CA GLY I 116 43.36 24.74 -15.89
C GLY I 116 44.08 25.58 -14.86
N GLN I 117 45.18 26.21 -15.29
CA GLN I 117 45.95 27.10 -14.44
C GLN I 117 45.90 28.55 -14.89
N GLY I 118 45.92 28.80 -16.19
CA GLY I 118 45.82 30.15 -16.70
C GLY I 118 47.12 30.71 -17.20
N THR I 119 47.24 30.87 -18.51
CA THR I 119 48.41 31.47 -19.14
C THR I 119 48.07 32.88 -19.58
N LEU I 120 48.93 33.84 -19.22
CA LEU I 120 48.68 35.23 -19.54
C LEU I 120 49.24 35.53 -20.93
N VAL I 121 48.38 35.99 -21.83
CA VAL I 121 48.79 36.38 -23.17
C VAL I 121 48.82 37.90 -23.22
N THR I 122 50.00 38.45 -23.50
CA THR I 122 50.21 39.88 -23.63
C THR I 122 50.47 40.20 -25.09
N VAL I 123 49.74 41.17 -25.63
CA VAL I 123 49.88 41.58 -27.02
C VAL I 123 50.64 42.90 -27.01
N SER I 124 51.96 42.82 -27.16
CA SER I 124 52.80 43.99 -27.20
C SER I 124 54.06 43.67 -27.99
N SER I 125 54.73 44.73 -28.46
CA SER I 125 55.93 44.58 -29.27
C SER I 125 57.11 45.29 -28.61
N ILE J 1 21.24 38.07 -24.09
CA ILE J 1 21.09 37.71 -22.69
C ILE J 1 21.94 38.64 -21.83
N GLN J 2 21.31 39.25 -20.82
CA GLN J 2 21.99 40.15 -19.91
C GLN J 2 21.86 39.63 -18.49
N MET J 3 22.97 39.65 -17.75
CA MET J 3 23.03 39.13 -16.39
C MET J 3 23.48 40.24 -15.47
N THR J 4 22.67 40.53 -14.44
CA THR J 4 22.97 41.61 -13.51
C THR J 4 23.16 41.04 -12.11
N GLN J 5 24.29 41.35 -11.49
CA GLN J 5 24.61 40.84 -10.16
C GLN J 5 24.78 42.01 -9.20
N SER J 6 24.16 41.91 -8.02
CA SER J 6 24.19 42.96 -7.03
C SER J 6 24.43 42.37 -5.65
N PRO J 7 25.12 43.11 -4.76
CA PRO J 7 25.79 44.40 -4.99
C PRO J 7 27.16 44.25 -5.61
N SER J 8 27.67 45.27 -6.31
CA SER J 8 28.96 45.15 -6.97
C SER J 8 30.09 44.99 -5.97
N THR J 9 30.05 45.73 -4.87
CA THR J 9 31.08 45.66 -3.84
C THR J 9 30.41 45.41 -2.49
N LEU J 10 31.15 44.74 -1.60
CA LEU J 10 30.60 44.39 -0.30
C LEU J 10 31.71 44.31 0.74
N SER J 11 31.43 44.85 1.92
CA SER J 11 32.27 44.68 3.09
C SER J 11 31.41 44.17 4.24
N ALA J 12 31.91 43.15 4.94
CA ALA J 12 31.16 42.58 6.04
C ALA J 12 32.11 41.90 7.01
N SER J 13 31.80 42.00 8.30
CA SER J 13 32.62 41.42 9.33
C SER J 13 32.45 39.90 9.36
N VAL J 14 33.38 39.25 10.06
CA VAL J 14 33.31 37.79 10.19
C VAL J 14 32.05 37.40 10.93
N GLY J 15 31.39 36.35 10.44
CA GLY J 15 30.14 35.89 11.02
C GLY J 15 28.90 36.49 10.41
N ASP J 16 29.03 37.46 9.51
CA ASP J 16 27.87 38.05 8.86
C ASP J 16 27.26 37.08 7.85
N ARG J 17 25.93 37.14 7.74
CA ARG J 17 25.19 36.33 6.77
C ARG J 17 25.01 37.19 5.52
N VAL J 18 25.78 36.88 4.48
CA VAL J 18 25.81 37.69 3.28
C VAL J 18 25.01 37.01 2.16
N THR J 19 24.46 37.82 1.26
CA THR J 19 23.61 37.35 0.18
C THR J 19 23.87 38.18 -1.06
N ILE J 20 24.11 37.49 -2.19
CA ILE J 20 24.34 38.12 -3.48
C ILE J 20 23.24 37.68 -4.42
N THR J 21 22.71 38.63 -5.20
CA THR J 21 21.54 38.38 -6.04
C THR J 21 21.92 38.52 -7.51
N CYS J 22 21.53 37.53 -8.31
CA CYS J 22 21.77 37.51 -9.75
C CYS J 22 20.43 37.44 -10.47
N ARG J 23 20.30 38.26 -11.51
CA ARG J 23 19.09 38.33 -12.31
C ARG J 23 19.43 38.10 -13.78
N ALA J 24 18.60 37.29 -14.44
CA ALA J 24 18.80 36.90 -15.83
C ALA J 24 17.74 37.54 -16.71
N SER J 25 18.14 37.87 -17.95
CA SER J 25 17.23 38.54 -18.87
C SER J 25 16.11 37.62 -19.35
N GLN J 26 16.42 36.34 -19.61
CA GLN J 26 15.44 35.37 -20.07
C GLN J 26 15.40 34.20 -19.10
N SER J 27 14.19 33.81 -18.72
CA SER J 27 13.99 32.71 -17.77
C SER J 27 13.60 31.42 -18.51
N ILE J 28 14.54 30.92 -19.32
CA ILE J 28 14.37 29.62 -19.96
C ILE J 28 15.10 28.52 -19.19
N SER J 29 15.80 28.89 -18.12
CA SER J 29 16.44 27.93 -17.23
C SER J 29 16.11 28.28 -15.80
N ASN J 30 15.91 27.25 -14.97
CA ASN J 30 15.78 27.41 -13.55
C ASN J 30 17.12 27.26 -12.83
N TRP J 31 18.22 27.35 -13.56
CA TRP J 31 19.54 26.95 -13.08
C TRP J 31 20.51 28.11 -13.20
N MET J 32 21.41 28.23 -12.22
CA MET J 32 22.51 29.18 -12.27
C MET J 32 23.70 28.59 -11.51
N ALA J 33 24.89 29.08 -11.86
CA ALA J 33 26.14 28.59 -11.29
C ALA J 33 26.89 29.73 -10.61
N TRP J 34 27.61 29.40 -9.54
CA TRP J 34 28.36 30.37 -8.76
C TRP J 34 29.84 29.96 -8.73
N TYR J 35 30.71 30.89 -9.10
CA TYR J 35 32.15 30.71 -9.03
C TYR J 35 32.75 31.67 -8.01
N GLN J 36 33.82 31.22 -7.36
CA GLN J 36 34.58 32.03 -6.40
C GLN J 36 36.02 32.11 -6.91
N GLN J 37 36.43 33.27 -7.39
CA GLN J 37 37.77 33.48 -7.91
C GLN J 37 38.57 34.35 -6.94
N LYS J 38 39.63 33.80 -6.42
CA LYS J 38 40.60 34.55 -5.64
C LYS J 38 41.65 35.17 -6.55
N PRO J 39 42.27 36.28 -6.15
CA PRO J 39 43.20 36.95 -7.05
C PRO J 39 44.37 36.06 -7.44
N GLY J 40 44.71 36.09 -8.73
CA GLY J 40 45.81 35.31 -9.26
C GLY J 40 45.50 33.86 -9.55
N LYS J 41 44.26 33.42 -9.35
CA LYS J 41 43.90 32.01 -9.50
C LYS J 41 42.68 31.87 -10.41
N ALA J 42 42.44 30.64 -10.84
CA ALA J 42 41.29 30.30 -11.68
C ALA J 42 40.02 30.23 -10.83
N PRO J 43 38.85 30.45 -11.44
CA PRO J 43 37.60 30.33 -10.70
C PRO J 43 37.37 28.91 -10.21
N LYS J 44 36.54 28.78 -9.19
CA LYS J 44 36.23 27.48 -8.59
C LYS J 44 34.72 27.39 -8.39
N LEU J 45 34.08 26.49 -9.12
CA LEU J 45 32.64 26.34 -9.03
C LEU J 45 32.21 25.90 -7.65
N LEU J 46 31.19 26.58 -7.10
CA LEU J 46 30.62 26.25 -5.81
C LEU J 46 29.20 25.69 -5.91
N ILE J 47 28.35 26.35 -6.69
CA ILE J 47 26.95 25.98 -6.84
C ILE J 47 26.66 25.77 -8.31
N TYR J 48 25.93 24.70 -8.62
CA TYR J 48 25.44 24.48 -9.98
C TYR J 48 24.02 23.96 -9.89
N LYS J 49 23.29 24.09 -11.01
CA LYS J 49 21.86 23.80 -11.08
C LYS J 49 21.05 24.67 -10.14
N ALA J 50 21.63 25.79 -9.72
CA ALA J 50 21.01 26.82 -8.88
C ALA J 50 20.83 26.36 -7.44
N SER J 51 21.05 25.08 -7.15
CA SER J 51 20.98 24.59 -5.78
C SER J 51 22.05 23.59 -5.40
N THR J 52 22.67 22.89 -6.35
CA THR J 52 23.56 21.77 -6.01
C THR J 52 24.93 22.27 -5.60
N LEU J 53 25.47 21.65 -4.54
CA LEU J 53 26.79 21.99 -4.03
C LEU J 53 27.84 21.13 -4.71
N GLU J 54 28.92 21.77 -5.17
CA GLU J 54 30.02 21.03 -5.75
C GLU J 54 30.78 20.27 -4.66
N SER J 55 31.41 19.17 -5.06
CA SER J 55 32.18 18.37 -4.11
C SER J 55 33.39 19.16 -3.60
N GLY J 56 33.66 19.03 -2.31
CA GLY J 56 34.76 19.74 -1.70
C GLY J 56 34.47 21.17 -1.30
N VAL J 57 33.22 21.61 -1.44
CA VAL J 57 32.84 22.99 -1.14
C VAL J 57 32.29 23.05 0.28
N PRO J 58 32.68 24.04 1.09
CA PRO J 58 32.13 24.13 2.46
C PRO J 58 30.62 24.32 2.44
N SER J 59 29.98 23.78 3.48
CA SER J 59 28.52 23.73 3.52
C SER J 59 27.87 25.10 3.74
N ARG J 60 28.63 26.10 4.22
CA ARG J 60 28.03 27.39 4.51
C ARG J 60 27.53 28.09 3.25
N PHE J 61 28.17 27.83 2.11
CA PHE J 61 27.66 28.34 0.84
C PHE J 61 26.36 27.63 0.48
N SER J 62 25.38 28.40 0.01
CA SER J 62 24.12 27.82 -0.42
C SER J 62 23.54 28.66 -1.55
N GLY J 63 22.68 28.04 -2.35
CA GLY J 63 22.06 28.72 -3.46
C GLY J 63 20.56 28.50 -3.45
N GLY J 64 19.85 29.46 -4.02
CA GLY J 64 18.40 29.39 -4.06
C GLY J 64 17.84 30.29 -5.13
N GLY J 65 16.52 30.26 -5.25
CA GLY J 65 15.83 31.05 -6.25
C GLY J 65 15.53 30.24 -7.49
N SER J 66 14.89 30.92 -8.44
CA SER J 66 14.48 30.28 -9.70
C SER J 66 14.03 31.37 -10.65
N GLY J 67 13.52 30.97 -11.80
CA GLY J 67 12.98 31.87 -12.79
C GLY J 67 13.96 32.96 -13.17
N PRO J 68 13.63 34.21 -12.83
CA PRO J 68 14.50 35.33 -13.16
C PRO J 68 15.50 35.71 -12.07
N GLU J 69 15.36 35.22 -10.84
CA GLU J 69 16.19 35.69 -9.73
C GLU J 69 16.75 34.53 -8.95
N PHE J 70 18.06 34.58 -8.68
CA PHE J 70 18.75 33.57 -7.89
C PHE J 70 19.62 34.25 -6.85
N THR J 71 19.88 33.56 -5.75
CA THR J 71 20.61 34.12 -4.63
C THR J 71 21.67 33.14 -4.14
N LEU J 72 22.84 33.67 -3.80
CA LEU J 72 23.90 32.92 -3.14
C LEU J 72 24.07 33.46 -1.73
N THR J 73 24.04 32.57 -0.74
CA THR J 73 24.05 32.95 0.66
C THR J 73 25.22 32.28 1.37
N ILE J 74 25.97 33.07 2.14
CA ILE J 74 27.02 32.57 3.01
C ILE J 74 26.60 32.88 4.45
N SER J 75 26.49 31.84 5.27
CA SER J 75 25.94 32.00 6.61
C SER J 75 27.01 32.50 7.59
N SER J 76 28.06 31.71 7.80
CA SER J 76 29.13 32.03 8.73
C SER J 76 30.37 32.39 7.92
N LEU J 77 30.59 33.69 7.74
CA LEU J 77 31.69 34.16 6.92
C LEU J 77 33.03 33.82 7.56
N GLN J 78 34.05 33.68 6.72
CA GLN J 78 35.38 33.30 7.14
C GLN J 78 36.38 34.26 6.55
N PRO J 79 37.56 34.42 7.16
CA PRO J 79 38.55 35.37 6.62
C PRO J 79 39.07 35.02 5.24
N ASP J 80 38.92 33.76 4.81
CA ASP J 80 39.38 33.34 3.49
C ASP J 80 38.33 33.53 2.41
N ASP J 81 37.20 34.15 2.74
CA ASP J 81 36.13 34.38 1.76
C ASP J 81 36.37 35.62 0.92
N SER J 82 37.45 36.36 1.15
CA SER J 82 37.74 37.54 0.33
C SER J 82 38.08 37.10 -1.08
N ALA J 83 37.15 37.28 -2.01
CA ALA J 83 37.30 36.87 -3.40
C ALA J 83 36.21 37.54 -4.21
N THR J 84 36.19 37.26 -5.50
CA THR J 84 35.17 37.77 -6.41
C THR J 84 34.22 36.63 -6.77
N TYR J 85 32.92 36.87 -6.63
CA TYR J 85 31.91 35.85 -6.87
C TYR J 85 31.16 36.16 -8.15
N TYR J 86 31.03 35.16 -9.02
CA TYR J 86 30.43 35.31 -10.33
C TYR J 86 29.24 34.38 -10.48
N CYS J 87 28.17 34.89 -11.10
CA CYS J 87 27.02 34.07 -11.47
C CYS J 87 27.02 33.84 -12.97
N GLN J 88 26.81 32.60 -13.37
CA GLN J 88 26.94 32.16 -14.76
C GLN J 88 25.74 31.31 -15.13
N GLN J 89 25.37 31.38 -16.42
CA GLN J 89 24.22 30.63 -16.91
C GLN J 89 24.49 30.19 -18.35
N TYR J 90 24.23 28.92 -18.64
CA TYR J 90 24.29 28.38 -19.99
C TYR J 90 22.87 28.23 -20.50
N ASN J 91 22.53 28.96 -21.56
CA ASN J 91 21.13 29.01 -22.00
C ASN J 91 20.85 28.12 -23.20
N SER J 92 21.43 28.41 -24.36
CA SER J 92 21.22 27.55 -25.52
C SER J 92 22.53 26.96 -26.03
N TYR J 93 23.45 27.79 -26.52
CA TYR J 93 24.82 27.39 -26.82
C TYR J 93 25.77 28.52 -26.46
N MET J 94 25.49 29.17 -25.33
CA MET J 94 26.21 30.36 -24.91
C MET J 94 26.29 30.35 -23.39
N TYR J 95 27.48 30.64 -22.86
CA TYR J 95 27.70 30.76 -21.43
C TYR J 95 27.86 32.23 -21.10
N THR J 96 26.96 32.76 -20.26
CA THR J 96 26.97 34.16 -19.89
C THR J 96 27.36 34.28 -18.43
N PHE J 97 28.40 35.07 -18.16
CA PHE J 97 28.87 35.35 -16.81
C PHE J 97 28.36 36.71 -16.35
N GLY J 98 28.03 36.80 -15.07
CA GLY J 98 27.64 38.05 -14.46
C GLY J 98 28.84 38.75 -13.84
N GLN J 99 28.76 40.07 -13.76
CA GLN J 99 29.82 40.85 -13.15
C GLN J 99 29.99 40.47 -11.68
N GLY J 100 31.23 40.52 -11.21
CA GLY J 100 31.56 39.98 -9.92
C GLY J 100 31.03 40.81 -8.76
N THR J 101 31.22 40.27 -7.56
CA THR J 101 30.84 40.92 -6.31
C THR J 101 32.02 40.71 -5.36
N LYS J 102 32.82 41.76 -5.17
CA LYS J 102 33.96 41.68 -4.28
C LYS J 102 33.51 41.65 -2.84
N VAL J 103 34.14 40.80 -2.03
CA VAL J 103 33.79 40.62 -0.63
C VAL J 103 35.03 40.90 0.21
N GLU J 104 34.87 41.75 1.23
CA GLU J 104 35.97 42.17 2.08
C GLU J 104 35.54 42.06 3.54
N ILE J 105 36.50 41.72 4.41
CA ILE J 105 36.24 41.67 5.84
C ILE J 105 36.30 43.08 6.43
N GLN K 1 -28.82 32.71 6.89
CA GLN K 1 -28.35 34.00 7.38
C GLN K 1 -28.55 35.08 6.33
N VAL K 2 -29.18 34.71 5.22
CA VAL K 2 -29.47 35.63 4.12
C VAL K 2 -30.97 35.91 4.11
N GLN K 3 -31.33 37.19 4.10
CA GLN K 3 -32.73 37.61 4.11
C GLN K 3 -32.96 38.53 2.92
N LEU K 4 -33.97 38.21 2.12
CA LEU K 4 -34.34 39.01 0.96
C LEU K 4 -35.74 39.58 1.16
N GLN K 5 -35.91 40.85 0.82
CA GLN K 5 -37.20 41.52 0.98
C GLN K 5 -37.52 42.30 -0.29
N GLU K 6 -38.68 42.03 -0.89
CA GLU K 6 -39.11 42.72 -2.09
C GLU K 6 -39.95 43.94 -1.74
N SER K 7 -40.04 44.86 -2.69
CA SER K 7 -40.86 46.05 -2.53
C SER K 7 -41.19 46.62 -3.90
N GLY K 8 -42.44 47.02 -4.08
CA GLY K 8 -42.89 47.62 -5.31
C GLY K 8 -44.37 47.92 -5.31
N PRO K 9 -44.87 48.54 -6.38
CA PRO K 9 -46.30 48.85 -6.46
C PRO K 9 -47.11 47.61 -6.79
N GLY K 10 -48.14 47.36 -5.99
CA GLY K 10 -49.00 46.21 -6.22
C GLY K 10 -49.98 46.39 -7.36
N LEU K 11 -50.16 47.62 -7.83
CA LEU K 11 -51.07 47.93 -8.93
C LEU K 11 -50.31 48.70 -9.99
N VAL K 12 -50.33 48.20 -11.22
CA VAL K 12 -49.63 48.81 -12.33
C VAL K 12 -50.60 48.95 -13.50
N LYS K 13 -50.68 50.16 -14.06
CA LYS K 13 -51.52 50.39 -15.22
C LYS K 13 -50.90 49.74 -16.45
N PRO K 14 -51.72 49.36 -17.43
CA PRO K 14 -51.19 48.71 -18.63
C PRO K 14 -50.33 49.66 -19.46
N SER K 15 -49.41 49.06 -20.22
CA SER K 15 -48.51 49.75 -21.14
C SER K 15 -47.60 50.74 -20.41
N GLU K 16 -47.29 50.49 -19.15
CA GLU K 16 -46.39 51.33 -18.38
C GLU K 16 -45.35 50.47 -17.69
N THR K 17 -44.19 51.08 -17.41
CA THR K 17 -43.08 50.33 -16.82
C THR K 17 -43.44 49.82 -15.43
N LEU K 18 -42.67 48.84 -14.97
CA LEU K 18 -42.96 48.10 -13.75
C LEU K 18 -41.65 47.91 -12.98
N SER K 19 -41.52 48.59 -11.85
CA SER K 19 -40.27 48.63 -11.10
C SER K 19 -40.44 47.91 -9.76
N LEU K 20 -39.56 46.96 -9.49
CA LEU K 20 -39.49 46.30 -8.20
C LEU K 20 -38.06 46.34 -7.68
N THR K 21 -37.91 46.26 -6.36
CA THR K 21 -36.60 46.32 -5.74
C THR K 21 -36.51 45.27 -4.64
N CYS K 22 -35.45 44.45 -4.68
CA CYS K 22 -35.17 43.48 -3.63
C CYS K 22 -33.95 43.94 -2.85
N ALA K 23 -34.09 43.99 -1.52
CA ALA K 23 -33.02 44.36 -0.61
C ALA K 23 -32.56 43.13 0.15
N VAL K 24 -31.24 43.00 0.30
CA VAL K 24 -30.62 41.81 0.86
C VAL K 24 -29.91 42.18 2.15
N SER K 25 -30.02 41.32 3.15
CA SER K 25 -29.33 41.48 4.42
C SER K 25 -28.64 40.17 4.77
N GLY K 26 -27.50 40.28 5.44
CA GLY K 26 -26.69 39.12 5.77
C GLY K 26 -25.76 38.66 4.66
N ASN K 27 -25.68 39.42 3.57
CA ASN K 27 -24.85 39.03 2.43
C ASN K 27 -24.54 40.28 1.62
N SER K 28 -23.45 40.21 0.86
CA SER K 28 -23.04 41.29 -0.04
C SER K 28 -23.32 40.86 -1.47
N ILE K 29 -24.11 41.66 -2.20
CA ILE K 29 -24.59 41.25 -3.51
C ILE K 29 -23.67 41.69 -4.64
N SER K 30 -22.60 42.43 -4.34
CA SER K 30 -21.58 42.75 -5.32
C SER K 30 -20.32 41.93 -5.13
N SER K 31 -20.37 40.89 -4.30
CA SER K 31 -19.19 40.11 -3.95
C SER K 31 -19.25 38.67 -4.40
N GLU K 32 -20.27 37.91 -4.00
CA GLU K 32 -20.16 36.45 -4.06
C GLU K 32 -21.17 35.76 -4.98
N TYR K 33 -22.47 35.93 -4.80
CA TYR K 33 -23.44 35.02 -5.39
C TYR K 33 -24.19 35.67 -6.55
N TYR K 34 -25.21 34.99 -7.06
CA TYR K 34 -26.05 35.52 -8.14
C TYR K 34 -27.45 35.78 -7.60
N TRP K 35 -28.14 36.75 -8.21
CA TRP K 35 -29.41 37.23 -7.68
C TRP K 35 -30.43 37.31 -8.81
N ALA K 36 -31.58 36.67 -8.63
CA ALA K 36 -32.51 36.42 -9.73
C ALA K 36 -33.92 36.85 -9.35
N TRP K 37 -34.73 37.08 -10.38
CA TRP K 37 -36.15 37.35 -10.26
C TRP K 37 -36.94 36.19 -10.85
N ILE K 38 -37.93 35.69 -10.11
CA ILE K 38 -38.78 34.58 -10.54
C ILE K 38 -40.23 34.99 -10.38
N ARG K 39 -41.03 34.82 -11.42
CA ARG K 39 -42.44 35.15 -11.34
C ARG K 39 -43.29 33.88 -11.47
N GLN K 40 -44.49 33.96 -10.92
CA GLN K 40 -45.45 32.86 -10.94
C GLN K 40 -46.85 33.40 -11.19
N PRO K 41 -47.44 33.14 -12.35
CA PRO K 41 -48.83 33.50 -12.57
C PRO K 41 -49.75 32.67 -11.70
N PRO K 42 -50.96 33.16 -11.41
CA PRO K 42 -51.89 32.38 -10.57
C PRO K 42 -52.26 31.06 -11.22
N GLY K 43 -52.03 29.97 -10.50
CA GLY K 43 -52.30 28.66 -11.02
C GLY K 43 -51.43 28.23 -12.18
N MET K 44 -50.14 28.54 -12.12
CA MET K 44 -49.19 28.14 -13.16
C MET K 44 -47.84 27.82 -12.54
N PRO K 45 -46.89 27.29 -13.31
CA PRO K 45 -45.58 26.98 -12.75
C PRO K 45 -44.71 28.22 -12.66
N PRO K 46 -43.65 28.20 -11.85
CA PRO K 46 -42.76 29.35 -11.77
C PRO K 46 -42.03 29.58 -13.09
N GLU K 47 -41.67 30.84 -13.31
CA GLU K 47 -40.96 31.24 -14.53
C GLU K 47 -39.79 32.13 -14.14
N TRP K 48 -38.59 31.74 -14.55
CA TRP K 48 -37.40 32.56 -14.31
C TRP K 48 -37.41 33.77 -15.22
N VAL K 49 -37.16 34.95 -14.65
CA VAL K 49 -37.19 36.20 -15.39
C VAL K 49 -35.79 36.66 -15.76
N GLY K 50 -34.88 36.70 -14.81
CA GLY K 50 -33.53 37.15 -15.08
C GLY K 50 -32.65 36.96 -13.86
N THR K 51 -31.35 37.17 -14.08
CA THR K 51 -30.34 36.98 -13.05
C THR K 51 -29.22 37.99 -13.27
N ILE K 52 -28.68 38.51 -12.18
CA ILE K 52 -27.52 39.38 -12.21
C ILE K 52 -26.43 38.76 -11.35
N TYR K 53 -25.20 38.74 -11.88
CA TYR K 53 -24.07 38.17 -11.18
C TYR K 53 -23.47 39.20 -10.22
N HIS K 54 -22.62 38.72 -9.32
CA HIS K 54 -21.88 39.64 -8.45
C HIS K 54 -20.86 40.45 -9.22
N THR K 55 -20.55 40.07 -10.46
CA THR K 55 -19.63 40.81 -11.32
C THR K 55 -20.36 41.80 -12.23
N GLY K 56 -21.67 41.94 -12.08
CA GLY K 56 -22.44 42.84 -12.91
C GLY K 56 -22.93 42.24 -14.21
N ASN K 57 -22.92 40.92 -14.34
CA ASN K 57 -23.36 40.26 -15.57
C ASN K 57 -24.82 39.86 -15.46
N THR K 58 -25.60 40.22 -16.47
CA THR K 58 -27.05 40.01 -16.47
C THR K 58 -27.45 39.06 -17.58
N TYR K 59 -28.27 38.06 -17.22
CA TYR K 59 -28.82 37.10 -18.17
C TYR K 59 -30.32 37.06 -17.99
N TYR K 60 -31.06 37.28 -19.09
CA TYR K 60 -32.50 37.41 -19.04
C TYR K 60 -33.18 36.21 -19.72
N ASN K 61 -34.43 36.01 -19.36
CA ASN K 61 -35.24 35.00 -20.02
C ASN K 61 -35.46 35.39 -21.47
N PRO K 62 -35.22 34.48 -22.43
CA PRO K 62 -35.35 34.88 -23.84
C PRO K 62 -36.72 35.38 -24.22
N SER K 63 -37.78 34.87 -23.62
CA SER K 63 -39.13 35.38 -23.92
C SER K 63 -39.31 36.80 -23.42
N LEU K 64 -38.75 37.13 -22.26
CA LEU K 64 -38.88 38.46 -21.67
C LEU K 64 -37.62 39.31 -21.85
N LYS K 65 -36.69 38.89 -22.69
CA LYS K 65 -35.40 39.57 -22.78
C LYS K 65 -35.54 41.00 -23.30
N SER K 66 -36.46 41.23 -24.23
CA SER K 66 -36.55 42.55 -24.87
C SER K 66 -36.95 43.63 -23.88
N ARG K 67 -37.94 43.36 -23.03
CA ARG K 67 -38.48 44.42 -22.14
C ARG K 67 -38.13 44.18 -20.66
N THR K 68 -36.97 43.57 -20.36
CA THR K 68 -36.57 43.42 -18.95
C THR K 68 -35.22 44.07 -18.73
N THR K 69 -34.95 44.51 -17.50
CA THR K 69 -33.63 45.11 -17.18
C THR K 69 -33.39 44.93 -15.69
N ILE K 70 -32.32 44.24 -15.33
CA ILE K 70 -32.00 44.03 -13.92
C ILE K 70 -30.77 44.86 -13.59
N SER K 71 -30.88 45.69 -12.55
CA SER K 71 -29.82 46.59 -12.15
C SER K 71 -29.42 46.33 -10.71
N MET K 72 -28.21 46.76 -10.37
CA MET K 72 -27.65 46.56 -9.04
C MET K 72 -27.25 47.90 -8.44
N ASP K 73 -27.32 48.00 -7.12
CA ASP K 73 -26.86 49.17 -6.38
C ASP K 73 -25.59 48.77 -5.64
N THR K 74 -24.46 49.24 -6.13
CA THR K 74 -23.18 48.93 -5.49
C THR K 74 -22.90 49.78 -4.27
N SER K 75 -23.90 50.51 -3.75
CA SER K 75 -23.76 51.26 -2.51
C SER K 75 -24.38 50.52 -1.33
N LYS K 76 -25.65 50.15 -1.44
CA LYS K 76 -26.33 49.31 -0.48
C LYS K 76 -26.90 48.08 -1.19
N ASN K 77 -27.15 47.03 -0.43
CA ASN K 77 -27.54 45.75 -1.02
C ASN K 77 -28.94 45.81 -1.61
N GLN K 78 -29.03 46.13 -2.90
CA GLN K 78 -30.31 46.21 -3.59
C GLN K 78 -30.12 45.84 -5.05
N PHE K 79 -31.05 45.06 -5.58
CA PHE K 79 -31.13 44.87 -7.02
C PHE K 79 -32.57 45.01 -7.47
N SER K 80 -32.75 45.63 -8.63
CA SER K 80 -34.05 46.08 -9.09
C SER K 80 -34.37 45.51 -10.46
N LEU K 81 -35.66 45.28 -10.68
CA LEU K 81 -36.18 44.78 -11.95
C LEU K 81 -37.08 45.84 -12.57
N ARG K 82 -36.90 46.06 -13.86
CA ARG K 82 -37.66 47.06 -14.63
C ARG K 82 -38.29 46.35 -15.83
N LEU K 83 -39.49 45.81 -15.63
CA LEU K 83 -40.22 45.11 -16.68
C LEU K 83 -41.13 46.12 -17.38
N ARG K 84 -40.84 46.37 -18.67
CA ARG K 84 -41.60 47.39 -19.45
C ARG K 84 -42.81 46.77 -20.16
N SER K 85 -43.68 47.62 -20.71
CA SER K 85 -44.80 47.21 -21.61
C SER K 85 -45.65 46.13 -20.93
N VAL K 86 -46.28 46.47 -19.81
CA VAL K 86 -46.89 45.44 -18.91
C VAL K 86 -48.36 45.24 -19.29
N THR K 87 -48.74 44.03 -19.69
CA THR K 87 -50.13 43.73 -20.05
C THR K 87 -50.80 43.03 -18.88
N ALA K 88 -52.02 42.53 -19.09
CA ALA K 88 -52.73 41.80 -18.03
C ALA K 88 -52.09 40.47 -17.73
N ALA K 89 -51.34 39.89 -18.67
CA ALA K 89 -50.68 38.61 -18.46
C ALA K 89 -49.51 38.69 -17.48
N ASP K 90 -49.07 39.89 -17.13
CA ASP K 90 -47.97 40.07 -16.19
C ASP K 90 -48.43 40.06 -14.74
N SER K 91 -49.73 40.05 -14.49
CA SER K 91 -50.24 39.98 -13.13
C SER K 91 -49.87 38.66 -12.48
N ALA K 92 -48.92 38.68 -11.54
CA ALA K 92 -48.36 37.46 -11.00
C ALA K 92 -47.65 37.77 -9.70
N VAL K 93 -47.24 36.73 -9.00
CA VAL K 93 -46.41 36.89 -7.82
C VAL K 93 -44.96 36.97 -8.25
N TYR K 94 -44.21 37.94 -7.72
CA TYR K 94 -42.81 38.14 -8.05
C TYR K 94 -41.95 37.87 -6.84
N TYR K 95 -40.83 37.18 -7.07
CA TYR K 95 -39.93 36.72 -6.03
C TYR K 95 -38.51 37.13 -6.41
N CYS K 96 -37.71 37.46 -5.40
CA CYS K 96 -36.28 37.64 -5.58
C CYS K 96 -35.56 36.53 -4.83
N ALA K 97 -34.58 35.92 -5.48
CA ALA K 97 -33.93 34.73 -4.94
C ALA K 97 -32.43 34.82 -5.16
N ARG K 98 -31.70 34.01 -4.39
CA ARG K 98 -30.25 33.90 -4.50
C ARG K 98 -29.90 32.58 -5.16
N ALA K 99 -29.31 32.66 -6.35
CA ALA K 99 -28.83 31.49 -7.08
C ALA K 99 -27.33 31.35 -6.91
N GLY K 100 -26.88 30.13 -6.70
CA GLY K 100 -25.46 29.83 -6.58
C GLY K 100 -25.14 28.88 -5.45
N VAL K 101 -24.43 27.80 -5.76
CA VAL K 101 -23.94 26.86 -4.76
C VAL K 101 -22.45 26.66 -4.96
N THR K 102 -21.70 26.63 -3.86
CA THR K 102 -20.25 26.55 -3.91
C THR K 102 -19.80 25.12 -3.60
N ILE K 103 -19.19 24.48 -4.59
CA ILE K 103 -18.58 23.17 -4.43
C ILE K 103 -17.20 23.21 -5.08
N PHE K 104 -16.19 22.68 -4.38
CA PHE K 104 -14.81 22.66 -4.86
C PHE K 104 -14.34 24.06 -5.25
N GLY K 105 -14.75 25.05 -4.45
CA GLY K 105 -14.37 26.42 -4.69
C GLY K 105 -15.02 27.07 -5.89
N LEU K 106 -15.95 26.40 -6.55
CA LEU K 106 -16.63 26.93 -7.72
C LEU K 106 -18.10 27.15 -7.40
N THR K 107 -18.61 28.32 -7.78
CA THR K 107 -20.00 28.68 -7.54
C THR K 107 -20.79 28.48 -8.83
N LEU K 108 -21.76 27.58 -8.80
CA LEU K 108 -22.60 27.24 -9.93
C LEU K 108 -23.98 27.87 -9.79
N PRO K 109 -24.51 28.39 -10.89
CA PRO K 109 -25.77 29.15 -10.83
C PRO K 109 -27.01 28.27 -10.97
N ASN K 110 -26.84 26.96 -10.76
CA ASN K 110 -27.85 25.98 -11.19
C ASN K 110 -29.21 26.27 -10.58
N TYR K 111 -29.27 26.52 -9.27
CA TYR K 111 -30.52 26.50 -8.54
C TYR K 111 -30.65 27.72 -7.64
N PHE K 112 -31.90 28.01 -7.26
CA PHE K 112 -32.22 29.08 -6.33
C PHE K 112 -32.38 28.48 -4.94
N HIS K 113 -31.45 28.79 -4.04
CA HIS K 113 -31.42 28.16 -2.72
C HIS K 113 -32.16 28.96 -1.66
N HIS K 114 -32.24 30.28 -1.79
CA HIS K 114 -32.98 31.12 -0.86
C HIS K 114 -33.91 32.02 -1.65
N TRP K 115 -35.14 32.18 -1.16
CA TRP K 115 -36.16 32.95 -1.86
C TRP K 115 -36.59 34.14 -1.00
N GLY K 116 -37.27 35.08 -1.65
CA GLY K 116 -37.86 36.22 -0.97
C GLY K 116 -39.17 35.86 -0.31
N GLN K 117 -40.12 36.79 -0.37
CA GLN K 117 -41.46 36.57 0.16
C GLN K 117 -42.54 36.56 -0.91
N GLY K 118 -42.42 37.41 -1.92
CA GLY K 118 -43.37 37.41 -3.01
C GLY K 118 -44.35 38.55 -2.96
N THR K 119 -44.23 39.48 -3.91
CA THR K 119 -45.15 40.60 -4.02
C THR K 119 -46.07 40.37 -5.22
N LEU K 120 -47.37 40.52 -5.00
CA LEU K 120 -48.35 40.27 -6.05
C LEU K 120 -48.55 41.53 -6.87
N VAL K 121 -48.25 41.46 -8.16
CA VAL K 121 -48.45 42.57 -9.08
C VAL K 121 -49.73 42.31 -9.86
N THR K 122 -50.69 43.21 -9.71
CA THR K 122 -51.95 43.15 -10.42
C THR K 122 -51.99 44.26 -11.46
N VAL K 123 -52.30 43.90 -12.70
CA VAL K 123 -52.37 44.86 -13.80
C VAL K 123 -53.85 45.11 -14.05
N SER K 124 -54.37 46.17 -13.45
CA SER K 124 -55.76 46.56 -13.63
C SER K 124 -55.91 48.04 -13.37
N SER K 125 -57.00 48.61 -13.87
CA SER K 125 -57.26 50.04 -13.74
C SER K 125 -58.59 50.29 -13.05
N ILE L 1 -36.30 23.41 -24.79
CA ILE L 1 -36.29 22.42 -23.71
C ILE L 1 -37.69 22.26 -23.15
N GLN L 2 -38.16 21.01 -23.10
CA GLN L 2 -39.47 20.68 -22.56
C GLN L 2 -39.31 19.73 -21.39
N MET L 3 -40.04 19.99 -20.31
CA MET L 3 -39.97 19.20 -19.08
C MET L 3 -41.36 18.67 -18.77
N THR L 4 -41.47 17.35 -18.60
CA THR L 4 -42.74 16.71 -18.31
C THR L 4 -42.69 16.03 -16.96
N GLN L 5 -43.62 16.36 -16.08
CA GLN L 5 -43.69 15.79 -14.74
C GLN L 5 -44.98 15.01 -14.59
N SER L 6 -44.88 13.80 -14.07
CA SER L 6 -46.02 12.91 -13.93
C SER L 6 -45.98 12.23 -12.56
N PRO L 7 -47.15 11.91 -12.01
CA PRO L 7 -48.51 12.25 -12.47
C PRO L 7 -48.93 13.64 -12.01
N SER L 8 -49.90 14.25 -12.70
CA SER L 8 -50.26 15.64 -12.41
C SER L 8 -50.89 15.79 -11.04
N THR L 9 -51.73 14.84 -10.63
CA THR L 9 -52.43 14.90 -9.35
C THR L 9 -52.24 13.59 -8.61
N LEU L 10 -52.21 13.67 -7.28
CA LEU L 10 -51.95 12.51 -6.45
C LEU L 10 -52.69 12.62 -5.13
N SER L 11 -53.33 11.53 -4.73
CA SER L 11 -53.90 11.37 -3.40
C SER L 11 -53.34 10.10 -2.79
N ALA L 12 -52.90 10.17 -1.53
CA ALA L 12 -52.31 9.03 -0.87
C ALA L 12 -52.44 9.19 0.63
N SER L 13 -52.69 8.07 1.31
CA SER L 13 -52.85 8.08 2.75
C SER L 13 -51.49 8.25 3.43
N VAL L 14 -51.54 8.58 4.72
CA VAL L 14 -50.32 8.76 5.49
C VAL L 14 -49.55 7.45 5.55
N GLY L 15 -48.24 7.53 5.39
CA GLY L 15 -47.38 6.36 5.36
C GLY L 15 -47.14 5.76 3.98
N ASP L 16 -47.82 6.27 2.96
CA ASP L 16 -47.62 5.77 1.61
C ASP L 16 -46.26 6.23 1.07
N ARG L 17 -45.64 5.38 0.26
CA ARG L 17 -44.37 5.68 -0.40
C ARG L 17 -44.70 6.19 -1.80
N VAL L 18 -44.59 7.51 -1.98
CA VAL L 18 -45.02 8.15 -3.22
C VAL L 18 -43.80 8.48 -4.06
N THR L 19 -43.98 8.51 -5.38
CA THR L 19 -42.89 8.72 -6.32
C THR L 19 -43.38 9.60 -7.46
N ILE L 20 -42.58 10.61 -7.81
CA ILE L 20 -42.90 11.56 -8.87
C ILE L 20 -41.78 11.51 -9.90
N THR L 21 -42.15 11.46 -11.17
CA THR L 21 -41.18 11.27 -12.25
C THR L 21 -41.11 12.50 -13.13
N CYS L 22 -39.89 12.97 -13.38
CA CYS L 22 -39.65 14.13 -14.24
C CYS L 22 -38.76 13.71 -15.40
N ARG L 23 -39.12 14.17 -16.60
CA ARG L 23 -38.39 13.85 -17.82
C ARG L 23 -38.01 15.13 -18.54
N ALA L 24 -36.77 15.18 -19.03
CA ALA L 24 -36.22 16.35 -19.69
C ALA L 24 -36.00 16.06 -21.17
N SER L 25 -36.17 17.10 -21.99
CA SER L 25 -36.07 16.93 -23.43
C SER L 25 -34.63 16.66 -23.89
N GLN L 26 -33.64 17.30 -23.24
CA GLN L 26 -32.24 17.11 -23.60
C GLN L 26 -31.47 16.66 -22.37
N SER L 27 -30.65 15.64 -22.53
CA SER L 27 -29.84 15.09 -21.45
C SER L 27 -28.41 15.62 -21.51
N ILE L 28 -28.27 16.93 -21.33
CA ILE L 28 -26.95 17.54 -21.21
C ILE L 28 -26.55 17.73 -19.75
N SER L 29 -27.45 17.42 -18.82
CA SER L 29 -27.15 17.45 -17.40
C SER L 29 -27.63 16.17 -16.76
N ASN L 30 -26.88 15.70 -15.77
CA ASN L 30 -27.31 14.60 -14.92
C ASN L 30 -27.99 15.09 -13.65
N TRP L 31 -28.40 16.35 -13.63
CA TRP L 31 -28.83 17.03 -12.42
C TRP L 31 -30.24 17.56 -12.57
N MET L 32 -31.01 17.53 -11.48
CA MET L 32 -32.33 18.14 -11.45
C MET L 32 -32.62 18.60 -10.02
N ALA L 33 -33.54 19.55 -9.90
CA ALA L 33 -33.88 20.16 -8.63
C ALA L 33 -35.36 19.99 -8.35
N TRP L 34 -35.69 19.84 -7.07
CA TRP L 34 -37.07 19.65 -6.63
C TRP L 34 -37.45 20.74 -5.63
N TYR L 35 -38.57 21.41 -5.89
CA TYR L 35 -39.13 22.42 -5.00
C TYR L 35 -40.48 21.96 -4.47
N GLN L 36 -40.77 22.32 -3.22
CA GLN L 36 -42.04 22.06 -2.57
C GLN L 36 -42.68 23.40 -2.21
N GLN L 37 -43.74 23.76 -2.92
CA GLN L 37 -44.44 25.02 -2.69
C GLN L 37 -45.79 24.74 -2.04
N LYS L 38 -45.96 25.24 -0.84
CA LYS L 38 -47.23 25.22 -0.15
C LYS L 38 -48.05 26.46 -0.56
N PRO L 39 -49.38 26.40 -0.50
CA PRO L 39 -50.18 27.51 -0.99
C PRO L 39 -49.90 28.80 -0.24
N GLY L 40 -49.79 29.90 -0.99
CA GLY L 40 -49.53 31.21 -0.43
C GLY L 40 -48.10 31.50 -0.05
N LYS L 41 -47.17 30.58 -0.32
CA LYS L 41 -45.79 30.73 0.10
C LYS L 41 -44.85 30.50 -1.08
N ALA L 42 -43.59 30.90 -0.89
CA ALA L 42 -42.54 30.72 -1.88
C ALA L 42 -42.07 29.27 -1.92
N PRO L 43 -41.55 28.83 -3.06
CA PRO L 43 -41.02 27.46 -3.15
C PRO L 43 -39.83 27.26 -2.23
N LYS L 44 -39.59 26.01 -1.85
CA LYS L 44 -38.49 25.65 -0.95
C LYS L 44 -37.74 24.48 -1.57
N LEU L 45 -36.49 24.70 -1.93
CA LEU L 45 -35.69 23.66 -2.56
C LEU L 45 -35.46 22.50 -1.61
N LEU L 46 -35.67 21.29 -2.10
CA LEU L 46 -35.44 20.06 -1.34
C LEU L 46 -34.26 19.26 -1.87
N ILE L 47 -34.20 19.05 -3.18
CA ILE L 47 -33.18 18.23 -3.82
C ILE L 47 -32.50 19.07 -4.88
N TYR L 48 -31.17 19.00 -4.94
CA TYR L 48 -30.42 19.62 -6.02
C TYR L 48 -29.31 18.67 -6.44
N LYS L 49 -28.80 18.88 -7.65
CA LYS L 49 -27.84 17.99 -8.30
C LYS L 49 -28.41 16.59 -8.50
N ALA L 50 -29.75 16.48 -8.47
CA ALA L 50 -30.52 15.26 -8.70
C ALA L 50 -30.39 14.25 -7.57
N SER L 51 -29.49 14.49 -6.62
CA SER L 51 -29.37 13.61 -5.47
C SER L 51 -29.15 14.32 -4.14
N THR L 52 -28.64 15.54 -4.12
CA THR L 52 -28.21 16.17 -2.87
C THR L 52 -29.39 16.75 -2.11
N LEU L 53 -29.38 16.57 -0.80
CA LEU L 53 -30.42 17.07 0.08
C LEU L 53 -30.05 18.46 0.59
N GLU L 54 -30.99 19.39 0.49
CA GLU L 54 -30.77 20.72 1.03
C GLU L 54 -30.79 20.68 2.56
N SER L 55 -30.06 21.61 3.17
CA SER L 55 -30.00 21.68 4.63
C SER L 55 -31.36 22.03 5.19
N GLY L 56 -31.71 21.38 6.31
CA GLY L 56 -32.99 21.60 6.94
C GLY L 56 -34.14 20.82 6.35
N VAL L 57 -33.88 19.93 5.40
CA VAL L 57 -34.93 19.16 4.72
C VAL L 57 -35.05 17.80 5.40
N PRO L 58 -36.26 17.32 5.68
CA PRO L 58 -36.40 15.99 6.29
C PRO L 58 -35.83 14.89 5.41
N SER L 59 -35.31 13.85 6.07
CA SER L 59 -34.58 12.80 5.37
C SER L 59 -35.47 11.94 4.49
N ARG L 60 -36.79 11.93 4.72
CA ARG L 60 -37.66 11.03 3.97
C ARG L 60 -37.69 11.39 2.48
N PHE L 61 -37.54 12.67 2.14
CA PHE L 61 -37.41 13.05 0.74
C PHE L 61 -36.10 12.51 0.17
N SER L 62 -36.16 11.96 -1.03
CA SER L 62 -34.95 11.51 -1.70
C SER L 62 -35.10 11.69 -3.20
N GLY L 63 -33.97 11.78 -3.88
CA GLY L 63 -33.95 11.95 -5.32
C GLY L 63 -33.03 10.95 -5.98
N GLY L 64 -33.35 10.63 -7.23
CA GLY L 64 -32.55 9.66 -7.96
C GLY L 64 -32.79 9.80 -9.44
N GLY L 65 -32.12 8.93 -10.20
CA GLY L 65 -32.21 8.97 -11.64
C GLY L 65 -31.08 9.75 -12.26
N SER L 66 -31.10 9.79 -13.59
CA SER L 66 -30.05 10.47 -14.36
C SER L 66 -30.53 10.56 -15.81
N GLY L 67 -29.64 11.06 -16.67
CA GLY L 67 -29.90 11.15 -18.09
C GLY L 67 -31.19 11.89 -18.39
N PRO L 68 -32.16 11.17 -18.94
CA PRO L 68 -33.45 11.78 -19.27
C PRO L 68 -34.53 11.68 -18.20
N GLU L 69 -34.34 10.85 -17.17
CA GLU L 69 -35.42 10.58 -16.22
C GLU L 69 -34.91 10.69 -14.80
N PHE L 70 -35.65 11.41 -13.95
CA PHE L 70 -35.33 11.59 -12.55
C PHE L 70 -36.58 11.35 -11.71
N THR L 71 -36.38 10.93 -10.46
CA THR L 71 -37.48 10.56 -9.59
C THR L 71 -37.29 11.18 -8.21
N LEU L 72 -38.39 11.67 -7.65
CA LEU L 72 -38.44 12.13 -6.26
C LEU L 72 -39.33 11.20 -5.46
N THR L 73 -38.81 10.68 -4.35
CA THR L 73 -39.48 9.66 -3.57
C THR L 73 -39.67 10.15 -2.13
N ILE L 74 -40.89 9.97 -1.62
CA ILE L 74 -41.19 10.22 -0.21
C ILE L 74 -41.60 8.89 0.42
N SER L 75 -40.86 8.48 1.44
CA SER L 75 -41.06 7.15 2.03
C SER L 75 -42.21 7.15 3.04
N SER L 76 -42.08 7.92 4.11
CA SER L 76 -43.08 7.98 5.17
C SER L 76 -43.78 9.33 5.07
N LEU L 77 -44.94 9.33 4.41
CA LEU L 77 -45.67 10.56 4.18
C LEU L 77 -46.20 11.14 5.50
N GLN L 78 -46.36 12.46 5.51
CA GLN L 78 -46.79 13.20 6.68
C GLN L 78 -47.96 14.10 6.29
N PRO L 79 -48.81 14.47 7.24
CA PRO L 79 -49.96 15.33 6.90
C PRO L 79 -49.57 16.71 6.38
N ASP L 80 -48.35 17.16 6.64
CA ASP L 80 -47.89 18.47 6.18
C ASP L 80 -47.29 18.43 4.78
N ASP L 81 -47.34 17.29 4.10
CA ASP L 81 -46.79 17.15 2.77
C ASP L 81 -47.72 17.64 1.67
N SER L 82 -48.92 18.09 2.02
CA SER L 82 -49.85 18.60 1.02
C SER L 82 -49.30 19.89 0.41
N ALA L 83 -48.77 19.80 -0.80
CA ALA L 83 -48.17 20.94 -1.48
C ALA L 83 -48.01 20.57 -2.95
N THR L 84 -47.45 21.49 -3.73
CA THR L 84 -47.16 21.26 -5.14
C THR L 84 -45.67 21.09 -5.32
N TYR L 85 -45.27 20.05 -6.04
CA TYR L 85 -43.87 19.71 -6.21
C TYR L 85 -43.43 19.98 -7.65
N TYR L 86 -42.33 20.70 -7.81
CA TYR L 86 -41.84 21.13 -9.11
C TYR L 86 -40.45 20.59 -9.36
N CYS L 87 -40.20 20.15 -10.59
CA CYS L 87 -38.86 19.75 -11.02
C CYS L 87 -38.30 20.81 -11.97
N GLN L 88 -37.05 21.20 -11.73
CA GLN L 88 -36.41 22.31 -12.42
C GLN L 88 -35.02 21.91 -12.87
N GLN L 89 -34.59 22.48 -13.99
CA GLN L 89 -33.27 22.17 -14.55
C GLN L 89 -32.69 23.42 -15.19
N TYR L 90 -31.41 23.67 -14.91
CA TYR L 90 -30.65 24.75 -15.54
C TYR L 90 -29.70 24.14 -16.56
N ASN L 91 -29.88 24.46 -17.84
CA ASN L 91 -29.11 23.79 -18.87
C ASN L 91 -27.94 24.63 -19.40
N SER L 92 -28.21 25.76 -20.05
CA SER L 92 -27.11 26.59 -20.54
C SER L 92 -27.11 27.97 -19.91
N TYR L 93 -28.14 28.78 -20.17
CA TYR L 93 -28.38 30.02 -19.45
C TYR L 93 -29.88 30.20 -19.25
N MET L 94 -30.56 29.10 -18.94
CA MET L 94 -32.01 29.06 -18.87
C MET L 94 -32.41 28.10 -17.77
N TYR L 95 -33.36 28.51 -16.95
CA TYR L 95 -33.93 27.67 -15.90
C TYR L 95 -35.33 27.26 -16.35
N THR L 96 -35.56 25.96 -16.49
CA THR L 96 -36.84 25.43 -16.94
C THR L 96 -37.50 24.68 -15.79
N PHE L 97 -38.72 25.06 -15.48
CA PHE L 97 -39.52 24.41 -14.44
C PHE L 97 -40.51 23.46 -15.07
N GLY L 98 -40.76 22.34 -14.40
CA GLY L 98 -41.77 21.39 -14.81
C GLY L 98 -43.08 21.67 -14.11
N GLN L 99 -44.18 21.28 -14.75
CA GLN L 99 -45.49 21.46 -14.15
C GLN L 99 -45.60 20.67 -12.85
N GLY L 100 -46.33 21.22 -11.89
CA GLY L 100 -46.35 20.68 -10.56
C GLY L 100 -47.15 19.40 -10.45
N THR L 101 -47.07 18.79 -9.27
CA THR L 101 -47.88 17.63 -8.91
C THR L 101 -48.48 17.93 -7.54
N LYS L 102 -49.79 17.79 -7.43
CA LYS L 102 -50.46 18.04 -6.16
C LYS L 102 -50.55 16.75 -5.35
N VAL L 103 -50.27 16.85 -4.05
CA VAL L 103 -50.28 15.71 -3.15
C VAL L 103 -51.30 15.96 -2.06
N GLU L 104 -52.21 15.02 -1.87
CA GLU L 104 -53.31 15.15 -0.92
C GLU L 104 -53.40 13.89 -0.08
N ILE L 105 -53.79 14.06 1.18
CA ILE L 105 -53.99 12.93 2.07
C ILE L 105 -55.36 12.28 1.82
#